data_7YES
#
_entry.id   7YES
#
loop_
_entity.id
_entity.type
_entity.pdbx_description
1 polymer 'RNA-directed RNA polymerase L'
2 polymer 'VP35 of EBOV L-VP35 complex'
3 non-polymer 'ZINC ION'
#
loop_
_entity_poly.entity_id
_entity_poly.type
_entity_poly.pdbx_seq_one_letter_code
_entity_poly.pdbx_strand_id
1 'polypeptide(L)'
;MATQHTQYPDARLSSPIVLDQCDLVTRACGLYSSYSLNPQLRNCKLPKHIYRLKYDVTVTKFLSDVPVATLPIDFIVPIL
LKALSGNGFCPVEPRCQQFLDEIIKYTMQDALFLKYYLKNVGAQEDCVDDHFQEKILSSIQGNEFLHQMFFWYDLAILTR
RGRLNRGNSRSTWFVHDDLIDILGYGDYVFWKIPISLLPLNTQGIPHAAMDWYQTSVFKEAVQGHTHIVSVSTADVLIMC
KDLITCRFNTTLISKIAEVEDPVCSDYPNFKIVSMLYQSGDYLLSILGSDGYKIIKFLEPLCLAKIQLCSKYTERKGRFL
TQMHLAVNHTLEEITEIRALKPSQAHKIREFHRTLIRLEMTPQQLCELFSIQKHWGHPVLHSETAIQKVKKHATVLKALR
PIVIFETYCVFKYSIAKHYFDSQGSWYSVTSDRNLTPGLNSYIKRNQFPPLPMIKELLWEFYHLDHPPLFSTKIISDLSI
FIKDRATAVERTCWDAVFEPNVLGYNPPHKFSTKRVPEQFLEQENFSIENVLSYAQKLEYLLPQYRNFSFSLKEKELNVG
RTFGKLPYPTRNVQTLCEALLADGLAKAFPSNMMVVTEREQKESLLHQASWHHTSDDFGEHATVRGSSFVTDLEKYNLAF
RYEFTAPFIEYCNRCYGVKNVFNWMHYTIPQCYMHVSDYYNPPHNLTLENRNNPPEGPSSYRGHMGGIEGLQQKLWTSIS
CAQISLVEIKTGFKLRSAVMGDNQCITVLSVFPLETDADEQEQSAEDNAARVAASLAKVTSACGIFLKPDETFVHSGFIY
FGKKQYLNGVQLPQSLKTATRMAPLSDAIFDDLQGTLASIGTAFERSISETRHIFPCRITAAFHTFFSVRILQYHHLGFN
KGFDLGQLTLGKPLDFGTISLALAVPQVLGGLSFLNPEKCFYRNLGDPVTSGLFQLKTYLRMIEMDDLFLPLIAKNPGNC
TAIDFVLNPSGLNVPGSQDLTSFLRQIVRRTITLSAKNKLINTLFHASADFEDEMVCKWLLSSTPVMSRFAADIFSRTPS
GKRLQILGYLEGTRTLLASKIINNNTETPVLDRLRKITLQRWSLWFSYLDHCDNILAEALTQITCTVDLAQILREYSWAH
ILEGRPLIGATLPCMIEQFKVVWLKPYEQCPQCSNAKQPGGKPFVSVAVKKHIVSAWPNASRISWTIGDGIPYIGSRTED
KIGQPAIKPKCPSAALREAIELASRLTWVTQGSSNSDLLIKPFLEARVNLSVQEILQMTPSHYSGNIVHRYNDQYSPHSF
MANRMSNSATRLIVSTNTLGEFSGGGQSARDSNIIFQNVINYAVALFDIKFRNTEATDIQYNRAHLHLTKCCTREVPAQY
LTYTSTLDLDLTRYRENELIYDNNPLKGGLNCNISFDNPFFQGKQLNIIEDDLIRLPHLSGWELAKTIMQSIISDSNNSS
TDPISSGETRSFTTHFLTYPKIGLLYSFGAFVSYYLGNTILRTKKLTLDNFLYYLTTQIHNLPHRSLRILKPTFKHASVM
SRLMSIDPHFSIYIGGAAGDRGLSDAARLFLRTSISSFLTFVKEWIINRGTIVPLWIVYPLEGQNPTPVNNFLHQIVELL
VHDSSRHQAFKTTINDHVHPHDNLVYTCKSTASNFFHASLAYWRSRHRNSNRKDLTRNSSTGSSTNNSDGHIKRSQEQTT
RDPHDGTERSLVLQMSHEIKRTTIPQENTHQGPSFQSFLSDSACGTANPKLNFDRSRHNVKSQDHNSASKREGHQIISHR
LVLPFFTLSQGTRQLTSSNESQTQDEISKYLRQLRSVIDTTVYCRFTGIVSSMHYKLDEVLWEIENFKSAVTLAEGEGAG
ALLLIQKYQVKTLFFNTLATESSIESEIVSGMTTPRMLLPVMSKFHNDQIEIILNNSASQITDITNPTWFKDQRARLPRQ
VEVITMDAETTENINRSKLYEAVHKLILHHVDPSVLKAVVLKVFLSDTEGMLWLNDNLAPFFATGYLIKPITSSARSSEW
YLCLTNFLSTTRKMPHQNHLSCKQVILTALQLQIQRSPYWLSHLTQYADCDLHLSYIRLGFPSLEKVLYHRYNLVDSKRG
PLVSVTQHLAHLRAEIRELTNDYNQQRQSRTQTYHFIRTAKGRITKLVNDYLKFFLIVQALKHNGTWQAEFKKLPELISV
CNRFYHIRDCNCEERFLVQTLYLHRMQDSEVKLIERLTGLLSLFPDGLYRFD
;
A
2 'polypeptide(L)'
;MTTRTKGRGHTVATTQNDRMPGPELSGWISEQLMTGRIPVNDIFCDIENNPGLCYASQMQQTKPNPKMRNSQTQTDPICN
HSFEEVVQTLASLATVVQQQTIASESLEQRITSLENGLKPVYDMAKTISSLNRVCAEMVAKYDLLVMTTGRATATAAATE
AYWAEHGQPPPGPSLYEESAIRGKIESRDETVPQSVREAFNNLDSTTSLTEENFGKPDISAKDLRNIMYDHLPGFGTAFH
QLVQVICKLGKDSNSLDIIHAEFQASLAEGDSPQCALIQITKRVPIFQDAAPPVIHIRSRGDIPRACQKSLRPVPPSPKI
DRGWVCVFQLQDGKTLGLKI
;
B,C,D,E
#
loop_
_chem_comp.id
_chem_comp.type
_chem_comp.name
_chem_comp.formula
ZN non-polymer 'ZINC ION' 'Zn 2'
#
# COMPACT_ATOMS: atom_id res chain seq x y z
N TYR A 8 -18.17 13.25 -26.43
CA TYR A 8 -17.57 14.45 -25.86
C TYR A 8 -16.07 14.26 -25.63
N PRO A 9 -15.26 14.72 -26.56
CA PRO A 9 -13.81 14.58 -26.42
C PRO A 9 -13.27 15.37 -25.24
N ASP A 10 -12.20 14.85 -24.64
CA ASP A 10 -11.59 15.44 -23.46
C ASP A 10 -10.38 16.28 -23.85
N ALA A 11 -10.01 17.21 -22.97
CA ALA A 11 -8.95 18.17 -23.23
C ALA A 11 -7.58 17.70 -22.78
N ARG A 12 -7.49 16.57 -22.07
CA ARG A 12 -6.22 16.06 -21.57
C ARG A 12 -6.10 14.59 -21.93
N LEU A 13 -4.89 14.05 -21.78
CA LEU A 13 -4.64 12.65 -22.08
C LEU A 13 -5.38 11.76 -21.09
N SER A 14 -6.14 10.80 -21.62
CA SER A 14 -6.83 9.82 -20.77
C SER A 14 -6.79 8.42 -21.37
N SER A 15 -5.99 8.18 -22.39
CA SER A 15 -5.91 6.88 -23.04
C SER A 15 -4.45 6.58 -23.39
N PRO A 16 -4.09 5.30 -23.47
CA PRO A 16 -2.76 4.95 -23.98
C PRO A 16 -2.66 5.25 -25.47
N ILE A 17 -1.44 5.51 -25.93
CA ILE A 17 -1.19 5.87 -27.31
C ILE A 17 -0.95 4.59 -28.10
N VAL A 18 -1.92 4.20 -28.93
CA VAL A 18 -1.81 3.07 -29.83
C VAL A 18 -2.15 3.54 -31.23
N LEU A 19 -1.30 3.17 -32.19
CA LEU A 19 -1.44 3.61 -33.58
C LEU A 19 -1.69 2.44 -34.51
N ASP A 20 -2.46 1.45 -34.05
CA ASP A 20 -2.74 0.29 -34.87
C ASP A 20 -3.74 0.61 -35.97
N GLN A 21 -4.74 1.44 -35.68
CA GLN A 21 -5.77 1.75 -36.66
C GLN A 21 -5.26 2.63 -37.79
N CYS A 22 -4.17 3.38 -37.57
CA CYS A 22 -3.65 4.24 -38.61
C CYS A 22 -3.23 3.45 -39.84
N ASP A 23 -2.84 2.19 -39.64
CA ASP A 23 -2.50 1.32 -40.78
C ASP A 23 -3.64 1.24 -41.78
N LEU A 24 -4.89 1.31 -41.30
CA LEU A 24 -6.02 1.34 -42.21
C LEU A 24 -6.12 2.67 -42.94
N VAL A 25 -5.90 3.77 -42.23
CA VAL A 25 -6.10 5.10 -42.82
C VAL A 25 -5.15 5.30 -43.99
N THR A 26 -3.87 5.01 -43.78
CA THR A 26 -2.89 5.12 -44.88
C THR A 26 -3.20 4.17 -46.02
N ARG A 27 -3.98 3.13 -45.77
CA ARG A 27 -4.39 2.24 -46.85
C ARG A 27 -5.48 2.85 -47.72
N ALA A 28 -6.28 3.75 -47.15
CA ALA A 28 -7.36 4.36 -47.91
C ALA A 28 -6.89 5.51 -48.79
N CYS A 29 -5.68 6.02 -48.54
CA CYS A 29 -5.12 7.11 -49.34
C CYS A 29 -3.99 6.64 -50.25
N GLY A 30 -3.80 5.34 -50.38
CA GLY A 30 -2.73 4.81 -51.21
C GLY A 30 -1.34 5.12 -50.69
N LEU A 31 -1.13 5.02 -49.38
CA LEU A 31 0.16 5.25 -48.75
C LEU A 31 0.68 3.95 -48.14
N TYR A 32 1.82 4.04 -47.47
CA TYR A 32 2.43 2.88 -46.83
C TYR A 32 2.92 3.27 -45.44
N SER A 33 2.55 2.46 -44.45
CA SER A 33 3.00 2.66 -43.07
C SER A 33 2.76 1.38 -42.30
N SER A 34 3.82 0.80 -41.74
CA SER A 34 3.72 -0.43 -40.97
C SER A 34 3.80 -0.12 -39.48
N TYR A 35 2.69 0.41 -38.94
CA TYR A 35 2.59 0.62 -37.50
C TYR A 35 2.34 -0.67 -36.75
N SER A 36 1.47 -1.54 -37.26
CA SER A 36 1.00 -2.70 -36.53
C SER A 36 1.85 -3.93 -36.86
N LEU A 37 1.99 -4.81 -35.87
CA LEU A 37 2.72 -6.06 -36.02
C LEU A 37 1.80 -7.22 -36.40
N ASN A 38 0.52 -6.97 -36.62
CA ASN A 38 -0.43 -8.01 -37.01
C ASN A 38 -0.56 -8.02 -38.52
N PRO A 39 -0.17 -9.12 -39.20
CA PRO A 39 -0.28 -9.14 -40.67
C PRO A 39 -1.71 -9.04 -41.18
N GLN A 40 -2.71 -9.36 -40.35
CA GLN A 40 -4.09 -9.32 -40.82
C GLN A 40 -4.49 -7.92 -41.27
N LEU A 41 -4.08 -6.90 -40.51
CA LEU A 41 -4.37 -5.52 -40.90
C LEU A 41 -3.77 -5.17 -42.25
N ARG A 42 -2.77 -5.92 -42.70
CA ARG A 42 -2.19 -5.68 -44.02
C ARG A 42 -3.20 -5.98 -45.12
N ASN A 43 -4.06 -6.98 -44.94
CA ASN A 43 -4.96 -7.45 -45.99
C ASN A 43 -6.37 -7.66 -45.45
N CYS A 44 -6.88 -6.68 -44.71
CA CYS A 44 -8.22 -6.74 -44.15
C CYS A 44 -9.14 -5.74 -44.85
N LYS A 45 -10.43 -6.02 -44.78
CA LYS A 45 -11.42 -5.14 -45.40
C LYS A 45 -11.56 -3.85 -44.60
N LEU A 46 -11.59 -2.72 -45.31
CA LEU A 46 -11.70 -1.43 -44.65
C LEU A 46 -13.13 -1.20 -44.14
N PRO A 47 -13.28 -0.47 -43.02
CA PRO A 47 -14.61 -0.21 -42.48
C PRO A 47 -15.46 0.69 -43.38
N LYS A 48 -16.70 0.93 -42.97
CA LYS A 48 -17.58 1.81 -43.74
C LYS A 48 -17.02 3.22 -43.81
N HIS A 49 -16.56 3.75 -42.68
CA HIS A 49 -15.84 5.01 -42.68
C HIS A 49 -14.38 4.72 -43.00
N ILE A 50 -13.52 5.74 -42.87
CA ILE A 50 -12.11 5.72 -43.25
C ILE A 50 -11.87 4.94 -44.53
N TYR A 51 -12.86 4.94 -45.43
CA TYR A 51 -12.75 4.30 -46.73
C TYR A 51 -13.23 5.28 -47.79
N ARG A 52 -14.10 6.21 -47.40
CA ARG A 52 -14.58 7.26 -48.29
C ARG A 52 -13.53 8.36 -48.51
N LEU A 53 -12.33 8.21 -47.94
CA LEU A 53 -11.28 9.19 -48.15
C LEU A 53 -10.86 9.30 -49.60
N LYS A 54 -11.18 8.30 -50.42
CA LYS A 54 -10.91 8.39 -51.86
C LYS A 54 -11.75 9.50 -52.49
N TYR A 55 -12.91 9.82 -51.91
CA TYR A 55 -13.81 10.81 -52.46
C TYR A 55 -13.72 12.15 -51.75
N ASP A 56 -12.72 12.34 -50.89
CA ASP A 56 -12.53 13.61 -50.20
C ASP A 56 -11.59 14.48 -51.03
N VAL A 57 -12.09 15.64 -51.46
CA VAL A 57 -11.31 16.51 -52.33
C VAL A 57 -10.16 17.15 -51.57
N THR A 58 -10.39 17.54 -50.32
CA THR A 58 -9.35 18.20 -49.54
C THR A 58 -8.18 17.26 -49.26
N VAL A 59 -8.48 16.01 -48.87
CA VAL A 59 -7.43 15.03 -48.62
C VAL A 59 -6.66 14.73 -49.90
N THR A 60 -7.38 14.56 -51.01
CA THR A 60 -6.73 14.26 -52.28
C THR A 60 -5.80 15.41 -52.71
N LYS A 61 -6.25 16.65 -52.54
CA LYS A 61 -5.40 17.79 -52.87
C LYS A 61 -4.20 17.88 -51.94
N PHE A 62 -4.39 17.52 -50.66
CA PHE A 62 -3.30 17.60 -49.70
C PHE A 62 -2.17 16.64 -50.05
N LEU A 63 -2.51 15.42 -50.46
CA LEU A 63 -1.53 14.37 -50.72
C LEU A 63 -1.22 14.21 -52.20
N SER A 64 -1.28 15.28 -52.98
CA SER A 64 -1.05 15.22 -54.41
C SER A 64 0.41 15.51 -54.78
N ASP A 65 1.27 15.82 -53.81
CA ASP A 65 2.65 16.15 -54.10
C ASP A 65 3.61 15.54 -53.07
N VAL A 66 3.28 14.37 -52.54
CA VAL A 66 4.10 13.73 -51.52
C VAL A 66 4.39 12.29 -51.92
N PRO A 67 5.48 11.70 -51.47
CA PRO A 67 5.77 10.30 -51.81
C PRO A 67 4.77 9.36 -51.16
N VAL A 68 4.65 8.17 -51.77
CA VAL A 68 3.77 7.14 -51.21
C VAL A 68 4.25 6.70 -49.84
N ALA A 69 5.57 6.54 -49.68
CA ALA A 69 6.12 6.13 -48.40
C ALA A 69 5.92 7.21 -47.34
N THR A 70 5.68 6.78 -46.12
CA THR A 70 5.49 7.67 -44.98
C THR A 70 6.51 7.35 -43.90
N LEU A 71 6.46 8.10 -42.80
CA LEU A 71 7.39 7.93 -41.70
C LEU A 71 6.64 7.79 -40.38
N PRO A 72 7.21 7.06 -39.43
CA PRO A 72 6.56 6.94 -38.12
C PRO A 72 6.54 8.25 -37.37
N ILE A 73 5.53 8.43 -36.52
CA ILE A 73 5.40 9.64 -35.72
C ILE A 73 6.29 9.61 -34.48
N ASP A 74 6.92 8.48 -34.18
CA ASP A 74 7.79 8.40 -33.01
C ASP A 74 8.99 9.32 -33.15
N PHE A 75 9.58 9.39 -34.34
CA PHE A 75 10.80 10.15 -34.58
C PHE A 75 10.56 11.62 -34.90
N ILE A 76 9.30 12.03 -35.08
CA ILE A 76 9.00 13.37 -35.57
C ILE A 76 8.45 14.28 -34.48
N VAL A 77 7.98 13.74 -33.36
CA VAL A 77 7.45 14.59 -32.29
C VAL A 77 8.47 15.61 -31.80
N PRO A 78 9.72 15.25 -31.49
CA PRO A 78 10.70 16.28 -31.10
C PRO A 78 10.96 17.31 -32.18
N ILE A 79 10.85 16.93 -33.45
CA ILE A 79 11.02 17.91 -34.53
C ILE A 79 9.90 18.93 -34.51
N LEU A 80 8.66 18.47 -34.36
CA LEU A 80 7.52 19.38 -34.30
C LEU A 80 7.55 20.24 -33.03
N LEU A 81 8.09 19.71 -31.94
CA LEU A 81 8.12 20.47 -30.69
C LEU A 81 9.02 21.69 -30.80
N LYS A 82 9.90 21.75 -31.80
CA LYS A 82 10.82 22.86 -31.98
C LYS A 82 10.54 23.67 -33.24
N ALA A 83 10.12 23.03 -34.32
CA ALA A 83 9.91 23.71 -35.59
C ALA A 83 8.53 24.35 -35.72
N LEU A 84 7.69 24.24 -34.70
CA LEU A 84 6.34 24.79 -34.74
C LEU A 84 6.26 26.02 -33.84
N SER A 85 5.86 27.15 -34.42
CA SER A 85 5.63 28.38 -33.67
C SER A 85 4.49 29.12 -34.34
N GLY A 86 3.89 30.05 -33.60
CA GLY A 86 2.72 30.73 -34.10
C GLY A 86 3.05 31.94 -34.94
N ASN A 87 3.09 31.76 -36.26
CA ASN A 87 3.35 32.87 -37.18
C ASN A 87 2.45 32.88 -38.41
N GLY A 88 1.85 31.76 -38.79
CA GLY A 88 1.07 31.67 -40.02
C GLY A 88 -0.38 32.02 -39.83
N PHE A 89 -1.23 31.40 -40.65
CA PHE A 89 -2.67 31.64 -40.64
C PHE A 89 -3.37 30.45 -40.01
N CYS A 90 -4.28 30.74 -39.07
CA CYS A 90 -5.05 29.73 -38.38
C CYS A 90 -6.54 30.02 -38.52
N PRO A 91 -7.35 28.99 -38.79
CA PRO A 91 -8.80 29.23 -39.00
C PRO A 91 -9.52 29.79 -37.80
N VAL A 92 -8.96 29.66 -36.59
CA VAL A 92 -9.60 30.20 -35.39
C VAL A 92 -9.63 31.72 -35.50
N GLU A 93 -10.83 32.31 -35.45
CA GLU A 93 -10.95 33.74 -35.67
C GLU A 93 -10.48 34.54 -34.45
N PRO A 94 -11.00 34.27 -33.23
CA PRO A 94 -10.40 34.92 -32.04
C PRO A 94 -9.15 34.18 -31.62
N ARG A 95 -8.00 34.78 -31.88
CA ARG A 95 -6.74 34.12 -31.59
C ARG A 95 -6.46 34.13 -30.09
N CYS A 96 -5.86 33.05 -29.60
CA CYS A 96 -5.57 32.93 -28.18
C CYS A 96 -4.53 33.94 -27.71
N GLN A 97 -3.74 34.50 -28.61
CA GLN A 97 -2.75 35.51 -28.25
C GLN A 97 -3.32 36.93 -28.28
N GLN A 98 -4.54 37.11 -28.80
CA GLN A 98 -5.13 38.44 -28.84
C GLN A 98 -5.39 38.98 -27.44
N PHE A 99 -5.91 38.15 -26.54
CA PHE A 99 -6.14 38.55 -25.16
C PHE A 99 -4.97 38.12 -24.27
N LEU A 100 -3.78 38.62 -24.63
CA LEU A 100 -2.58 38.36 -23.86
C LEU A 100 -2.25 39.50 -22.90
N ASP A 101 -2.46 40.74 -23.34
CA ASP A 101 -2.11 41.90 -22.52
C ASP A 101 -2.96 41.96 -21.26
N GLU A 102 -4.25 41.61 -21.37
CA GLU A 102 -5.12 41.60 -20.20
C GLU A 102 -4.67 40.53 -19.20
N ILE A 103 -4.20 39.39 -19.70
CA ILE A 103 -3.69 38.34 -18.81
C ILE A 103 -2.50 38.86 -18.02
N ILE A 104 -1.59 39.55 -18.69
CA ILE A 104 -0.40 40.08 -18.01
C ILE A 104 -0.79 41.16 -17.02
N LYS A 105 -1.78 41.98 -17.38
CA LYS A 105 -2.25 43.01 -16.45
C LYS A 105 -2.85 42.38 -15.18
N TYR A 106 -3.67 41.34 -15.36
CA TYR A 106 -4.25 40.67 -14.21
C TYR A 106 -3.17 40.01 -13.36
N THR A 107 -2.15 39.42 -14.01
CA THR A 107 -1.05 38.83 -13.26
C THR A 107 -0.28 39.88 -12.48
N MET A 108 -0.05 41.05 -13.09
CA MET A 108 0.65 42.14 -12.40
C MET A 108 -0.18 42.67 -11.24
N GLN A 109 -1.50 42.54 -11.34
CA GLN A 109 -2.36 42.95 -10.23
C GLN A 109 -2.27 42.02 -9.02
N ASP A 110 -1.33 41.06 -9.01
CA ASP A 110 -1.17 40.17 -7.87
C ASP A 110 0.21 40.23 -7.22
N ALA A 111 1.19 40.87 -7.86
CA ALA A 111 2.28 41.46 -7.10
C ALA A 111 1.76 42.59 -6.22
N LEU A 112 0.54 43.03 -6.52
CA LEU A 112 -0.34 43.88 -5.72
C LEU A 112 -0.99 43.00 -4.66
N PHE A 113 -2.23 43.33 -4.29
CA PHE A 113 -2.90 43.01 -3.04
C PHE A 113 -2.34 41.82 -2.25
N LEU A 114 -1.96 40.72 -2.91
CA LEU A 114 -1.16 39.71 -2.23
C LEU A 114 -0.09 40.34 -1.34
N LYS A 115 0.76 41.17 -1.93
CA LYS A 115 1.79 41.86 -1.16
C LYS A 115 1.16 42.83 -0.16
N TYR A 116 0.09 43.51 -0.56
CA TYR A 116 -0.63 44.39 0.36
C TYR A 116 -1.23 43.60 1.51
N TYR A 117 -1.79 42.43 1.22
CA TYR A 117 -2.32 41.57 2.27
C TYR A 117 -1.22 41.15 3.24
N LEU A 118 -0.06 40.75 2.71
CA LEU A 118 1.05 40.35 3.56
C LEU A 118 1.52 41.49 4.43
N LYS A 119 1.62 42.70 3.86
CA LYS A 119 2.05 43.86 4.64
C LYS A 119 1.04 44.20 5.72
N ASN A 120 -0.26 44.12 5.40
CA ASN A 120 -1.30 44.42 6.38
C ASN A 120 -1.25 43.42 7.52
N VAL A 121 -1.07 42.14 7.22
CA VAL A 121 -0.98 41.12 8.26
C VAL A 121 0.23 41.39 9.16
N GLY A 122 1.37 41.72 8.56
CA GLY A 122 2.56 42.00 9.33
C GLY A 122 3.73 41.13 8.91
N ALA A 123 3.58 40.40 7.81
CA ALA A 123 4.62 39.51 7.33
C ALA A 123 5.64 40.26 6.47
N GLN A 124 5.17 40.87 5.37
CA GLN A 124 5.98 41.63 4.41
C GLN A 124 7.35 40.99 4.18
N GLU A 125 8.40 41.81 4.12
CA GLU A 125 9.75 41.32 3.97
C GLU A 125 10.71 42.46 4.27
N ASP A 126 11.79 42.15 4.98
CA ASP A 126 12.72 43.19 5.43
C ASP A 126 13.37 43.91 4.25
N CYS A 127 13.80 43.16 3.24
CA CYS A 127 14.44 43.74 2.07
C CYS A 127 13.37 44.21 1.09
N VAL A 128 13.31 45.51 0.84
CA VAL A 128 12.34 46.11 -0.06
C VAL A 128 13.08 46.65 -1.28
N ASP A 129 12.66 46.21 -2.46
CA ASP A 129 13.27 46.62 -3.72
C ASP A 129 12.22 47.31 -4.58
N ASP A 130 12.59 48.48 -5.13
CA ASP A 130 11.68 49.19 -6.01
C ASP A 130 11.47 48.47 -7.32
N HIS A 131 12.51 47.77 -7.82
CA HIS A 131 12.43 47.07 -9.09
C HIS A 131 11.85 45.68 -8.85
N PHE A 132 10.53 45.62 -8.79
CA PHE A 132 9.81 44.36 -8.64
C PHE A 132 8.74 44.16 -9.70
N GLN A 133 8.04 45.22 -10.10
CA GLN A 133 7.02 45.09 -11.14
C GLN A 133 7.65 44.84 -12.50
N GLU A 134 8.65 45.63 -12.86
CA GLU A 134 9.26 45.51 -14.18
C GLU A 134 10.00 44.19 -14.35
N LYS A 135 10.64 43.70 -13.27
CA LYS A 135 11.31 42.41 -13.36
C LYS A 135 10.32 41.28 -13.64
N ILE A 136 9.19 41.29 -12.94
CA ILE A 136 8.16 40.28 -13.18
C ILE A 136 7.59 40.40 -14.59
N LEU A 137 7.36 41.63 -15.04
CA LEU A 137 6.82 41.83 -16.38
C LEU A 137 7.79 41.32 -17.45
N SER A 138 9.09 41.58 -17.27
CA SER A 138 10.07 41.09 -18.23
C SER A 138 10.20 39.58 -18.17
N SER A 139 10.10 39.00 -16.97
CA SER A 139 10.16 37.54 -16.85
C SER A 139 8.99 36.87 -17.56
N ILE A 140 7.79 37.44 -17.43
CA ILE A 140 6.63 36.88 -18.11
C ILE A 140 6.75 37.09 -19.62
N GLN A 141 7.20 38.27 -20.04
CA GLN A 141 7.26 38.56 -21.47
C GLN A 141 8.40 37.82 -22.15
N GLY A 142 9.54 37.70 -21.49
CA GLY A 142 10.70 37.08 -22.10
C GLY A 142 10.80 35.59 -21.84
N ASN A 143 9.74 34.86 -22.16
CA ASN A 143 9.70 33.41 -21.97
C ASN A 143 9.89 32.71 -23.30
N GLU A 144 10.58 31.57 -23.27
CA GLU A 144 10.90 30.84 -24.49
C GLU A 144 9.67 30.14 -25.06
N PHE A 145 8.81 29.60 -24.20
CA PHE A 145 7.66 28.82 -24.61
C PHE A 145 6.36 29.61 -24.51
N LEU A 146 6.38 30.90 -24.84
CA LEU A 146 5.19 31.72 -24.67
C LEU A 146 4.22 31.57 -25.83
N HIS A 147 4.66 31.90 -27.05
CA HIS A 147 3.76 31.88 -28.20
C HIS A 147 3.45 30.46 -28.66
N GLN A 148 4.37 29.52 -28.44
CA GLN A 148 4.11 28.14 -28.82
C GLN A 148 2.94 27.56 -28.02
N MET A 149 2.82 27.96 -26.75
CA MET A 149 1.70 27.50 -25.94
C MET A 149 0.37 27.99 -26.51
N PHE A 150 0.30 29.25 -26.91
CA PHE A 150 -0.92 29.78 -27.50
C PHE A 150 -1.23 29.07 -28.81
N PHE A 151 -0.20 28.84 -29.64
CA PHE A 151 -0.43 28.16 -30.91
C PHE A 151 -0.94 26.74 -30.69
N TRP A 152 -0.36 26.02 -29.73
CA TRP A 152 -0.80 24.66 -29.46
C TRP A 152 -2.21 24.64 -28.86
N TYR A 153 -2.57 25.66 -28.09
CA TYR A 153 -3.94 25.72 -27.57
C TYR A 153 -4.93 25.99 -28.70
N ASP A 154 -4.56 26.83 -29.66
CA ASP A 154 -5.40 27.02 -30.84
C ASP A 154 -5.58 25.71 -31.59
N LEU A 155 -4.48 24.97 -31.76
CA LEU A 155 -4.56 23.67 -32.44
C LEU A 155 -5.44 22.70 -31.68
N ALA A 156 -5.34 22.68 -30.35
CA ALA A 156 -6.17 21.78 -29.54
C ALA A 156 -7.65 22.15 -29.65
N ILE A 157 -7.96 23.45 -29.63
CA ILE A 157 -9.36 23.87 -29.79
C ILE A 157 -9.89 23.42 -31.15
N LEU A 158 -9.09 23.64 -32.20
CA LEU A 158 -9.53 23.26 -33.54
C LEU A 158 -9.74 21.75 -33.65
N THR A 159 -8.82 20.97 -33.09
CA THR A 159 -8.94 19.51 -33.21
C THR A 159 -10.08 18.96 -32.36
N ARG A 160 -10.36 19.57 -31.20
CA ARG A 160 -11.52 19.16 -30.42
C ARG A 160 -12.82 19.45 -31.16
N ARG A 161 -12.91 20.64 -31.77
CA ARG A 161 -14.10 20.97 -32.54
C ARG A 161 -14.28 20.01 -33.72
N GLY A 162 -13.18 19.67 -34.40
CA GLY A 162 -13.28 18.72 -35.49
C GLY A 162 -13.63 17.31 -35.03
N ARG A 163 -13.11 16.91 -33.87
CA ARG A 163 -13.36 15.57 -33.35
C ARG A 163 -14.80 15.42 -32.86
N LEU A 164 -15.41 16.51 -32.41
CA LEU A 164 -16.77 16.42 -31.90
C LEU A 164 -17.74 15.94 -32.99
N ASN A 165 -17.58 16.43 -34.22
CA ASN A 165 -18.51 16.06 -35.28
C ASN A 165 -18.16 14.70 -35.87
N ARG A 166 -16.99 14.59 -36.50
CA ARG A 166 -16.43 13.36 -37.07
C ARG A 166 -17.41 12.61 -37.97
N GLY A 167 -18.48 13.28 -38.41
CA GLY A 167 -19.45 12.65 -39.29
C GLY A 167 -20.01 13.61 -40.31
N ASN A 168 -19.52 14.84 -40.31
CA ASN A 168 -20.03 15.91 -41.17
C ASN A 168 -18.91 16.39 -42.09
N SER A 169 -19.21 17.44 -42.86
CA SER A 169 -18.21 18.09 -43.69
C SER A 169 -17.37 19.09 -42.91
N ARG A 170 -17.71 19.36 -41.65
CA ARG A 170 -16.98 20.30 -40.81
C ARG A 170 -15.88 19.64 -40.01
N SER A 171 -15.62 18.35 -40.23
CA SER A 171 -14.58 17.63 -39.51
C SER A 171 -13.20 17.82 -40.12
N THR A 172 -13.08 18.56 -41.23
CA THR A 172 -11.81 18.77 -41.90
C THR A 172 -11.33 20.19 -41.66
N TRP A 173 -10.10 20.31 -41.17
CA TRP A 173 -9.48 21.61 -40.96
C TRP A 173 -8.05 21.58 -41.46
N PHE A 174 -7.54 22.74 -41.85
CA PHE A 174 -6.22 22.87 -42.45
C PHE A 174 -5.46 24.02 -41.79
N VAL A 175 -4.19 23.81 -41.53
CA VAL A 175 -3.30 24.83 -40.98
C VAL A 175 -1.98 24.79 -41.74
N HIS A 176 -1.47 25.96 -42.11
CA HIS A 176 -0.20 26.07 -42.81
C HIS A 176 0.68 27.06 -42.05
N ASP A 177 1.74 26.57 -41.42
CA ASP A 177 2.60 27.41 -40.59
C ASP A 177 4.03 27.27 -41.10
N ASP A 178 4.48 28.26 -41.89
CA ASP A 178 5.85 28.31 -42.38
C ASP A 178 6.25 27.04 -43.10
N LEU A 179 6.94 26.16 -42.37
CA LEU A 179 7.50 24.94 -42.95
C LEU A 179 6.57 23.74 -42.83
N ILE A 180 5.56 23.80 -41.97
CA ILE A 180 4.75 22.64 -41.63
C ILE A 180 3.33 22.83 -42.15
N ASP A 181 2.71 21.72 -42.55
CA ASP A 181 1.30 21.69 -42.89
C ASP A 181 0.60 20.65 -42.04
N ILE A 182 -0.58 20.99 -41.54
CA ILE A 182 -1.36 20.09 -40.70
C ILE A 182 -2.76 19.99 -41.27
N LEU A 183 -3.23 18.76 -41.51
CA LEU A 183 -4.60 18.53 -41.96
C LEU A 183 -5.28 17.60 -40.98
N GLY A 184 -6.33 18.09 -40.32
CA GLY A 184 -7.06 17.31 -39.33
C GLY A 184 -8.39 16.85 -39.90
N TYR A 185 -8.67 15.57 -39.72
CA TYR A 185 -9.90 14.97 -40.22
C TYR A 185 -10.31 13.85 -39.27
N GLY A 186 -11.40 14.06 -38.54
CA GLY A 186 -12.11 13.00 -37.84
C GLY A 186 -11.27 11.98 -37.11
N ASP A 187 -10.60 12.39 -36.03
CA ASP A 187 -9.73 11.60 -35.15
C ASP A 187 -8.33 11.42 -35.73
N TYR A 188 -8.03 11.94 -36.92
CA TYR A 188 -6.74 11.69 -37.55
C TYR A 188 -6.08 13.01 -37.94
N VAL A 189 -4.75 13.01 -37.94
CA VAL A 189 -3.95 14.18 -38.28
C VAL A 189 -2.88 13.77 -39.27
N PHE A 190 -2.74 14.55 -40.34
CA PHE A 190 -1.68 14.39 -41.32
C PHE A 190 -0.71 15.56 -41.19
N TRP A 191 0.57 15.24 -41.04
CA TRP A 191 1.63 16.23 -40.89
C TRP A 191 2.50 16.19 -42.15
N LYS A 192 2.67 17.34 -42.78
CA LYS A 192 3.54 17.49 -43.94
C LYS A 192 4.74 18.33 -43.53
N ILE A 193 5.93 17.74 -43.59
CA ILE A 193 7.14 18.37 -43.09
C ILE A 193 8.26 18.27 -44.13
N PRO A 194 9.20 19.22 -44.15
CA PRO A 194 10.33 19.11 -45.07
C PRO A 194 11.25 17.95 -44.70
N ILE A 195 11.92 17.40 -45.72
CA ILE A 195 12.81 16.28 -45.50
C ILE A 195 14.14 16.73 -44.90
N SER A 196 14.54 17.98 -45.15
CA SER A 196 15.86 18.44 -44.73
C SER A 196 16.02 18.50 -43.22
N LEU A 197 14.93 18.48 -42.46
CA LEU A 197 15.02 18.58 -41.01
C LEU A 197 15.36 17.25 -40.34
N LEU A 198 15.22 16.14 -41.05
CA LEU A 198 15.42 14.82 -40.43
C LEU A 198 16.90 14.49 -40.36
N PRO A 199 17.35 13.92 -39.24
CA PRO A 199 18.73 13.42 -39.17
C PRO A 199 18.96 12.29 -40.16
N LEU A 200 20.18 12.20 -40.67
CA LEU A 200 20.53 11.27 -41.73
C LEU A 200 21.36 10.13 -41.19
N ASN A 201 20.97 8.91 -41.55
CA ASN A 201 21.76 7.72 -41.25
C ASN A 201 22.99 7.68 -42.15
N THR A 202 24.02 6.95 -41.69
CA THR A 202 25.28 6.91 -42.43
C THR A 202 25.13 6.28 -43.82
N GLN A 203 24.02 5.59 -44.07
CA GLN A 203 23.75 5.04 -45.40
C GLN A 203 23.07 6.04 -46.33
N GLY A 204 22.73 7.23 -45.84
CA GLY A 204 22.12 8.25 -46.65
C GLY A 204 20.62 8.38 -46.55
N ILE A 205 19.99 7.71 -45.60
CA ILE A 205 18.54 7.75 -45.43
C ILE A 205 18.26 8.31 -44.04
N PRO A 206 17.05 8.86 -43.83
CA PRO A 206 16.70 9.33 -42.48
C PRO A 206 16.67 8.18 -41.49
N HIS A 207 16.96 8.51 -40.23
CA HIS A 207 16.97 7.49 -39.18
C HIS A 207 15.60 6.86 -38.99
N ALA A 208 14.53 7.60 -39.26
CA ALA A 208 13.18 7.09 -39.07
C ALA A 208 12.76 6.10 -40.16
N ALA A 209 13.41 6.13 -41.32
CA ALA A 209 12.98 5.33 -42.46
C ALA A 209 13.70 3.99 -42.56
N MET A 210 14.59 3.68 -41.64
CA MET A 210 15.33 2.42 -41.69
C MET A 210 14.60 1.28 -40.98
N ASP A 211 13.49 1.57 -40.28
CA ASP A 211 12.72 0.52 -39.64
C ASP A 211 11.87 -0.27 -40.63
N TRP A 212 11.31 0.39 -41.63
CA TRP A 212 10.39 -0.24 -42.56
C TRP A 212 10.96 -0.44 -43.96
N TYR A 213 11.90 0.40 -44.38
CA TYR A 213 12.41 0.37 -45.75
C TYR A 213 13.89 0.03 -45.76
N GLN A 214 14.33 -0.61 -46.84
CA GLN A 214 15.74 -0.82 -47.07
C GLN A 214 16.38 0.47 -47.60
N THR A 215 17.72 0.47 -47.60
CA THR A 215 18.44 1.66 -48.05
C THR A 215 18.13 1.99 -49.50
N SER A 216 18.10 0.96 -50.36
CA SER A 216 17.79 1.18 -51.77
C SER A 216 16.31 1.45 -51.99
N VAL A 217 15.44 0.89 -51.14
CA VAL A 217 14.01 1.09 -51.32
C VAL A 217 13.62 2.54 -51.02
N PHE A 218 14.17 3.12 -49.96
CA PHE A 218 13.86 4.51 -49.63
C PHE A 218 14.84 5.47 -50.33
N LYS A 219 15.03 5.25 -51.62
CA LYS A 219 15.72 6.21 -52.48
C LYS A 219 15.03 6.43 -53.82
N GLU A 220 14.23 5.46 -54.29
CA GLU A 220 13.43 5.65 -55.50
C GLU A 220 12.02 6.14 -55.19
N ALA A 221 11.56 5.96 -53.95
CA ALA A 221 10.25 6.47 -53.56
C ALA A 221 10.29 7.98 -53.34
N VAL A 222 11.41 8.50 -52.83
CA VAL A 222 11.53 9.93 -52.60
C VAL A 222 11.85 10.64 -53.91
N GLN A 223 13.00 10.32 -54.50
CA GLN A 223 13.44 10.89 -55.78
C GLN A 223 13.38 12.41 -55.76
N GLY A 224 12.56 12.99 -56.64
CA GLY A 224 12.42 14.43 -56.73
C GLY A 224 11.32 14.98 -55.84
N HIS A 225 11.43 14.75 -54.54
CA HIS A 225 10.46 15.23 -53.57
C HIS A 225 11.18 15.91 -52.42
N THR A 226 10.51 16.91 -51.83
CA THR A 226 11.10 17.69 -50.74
C THR A 226 10.30 17.65 -49.45
N HIS A 227 9.05 17.18 -49.48
CA HIS A 227 8.22 17.12 -48.29
C HIS A 227 7.67 15.71 -48.11
N ILE A 228 7.47 15.31 -46.86
CA ILE A 228 6.99 13.98 -46.53
C ILE A 228 5.86 14.08 -45.52
N VAL A 229 5.04 13.04 -45.47
CA VAL A 229 3.79 13.04 -44.72
C VAL A 229 3.83 11.94 -43.67
N SER A 230 3.44 12.29 -42.45
CA SER A 230 3.24 11.35 -41.36
C SER A 230 1.78 11.39 -40.93
N VAL A 231 1.29 10.26 -40.43
CA VAL A 231 -0.11 10.10 -40.05
C VAL A 231 -0.18 9.68 -38.59
N SER A 232 -1.04 10.34 -37.82
CA SER A 232 -1.21 9.98 -36.41
C SER A 232 -2.67 10.18 -36.03
N THR A 233 -2.99 9.79 -34.80
CA THR A 233 -4.32 10.00 -34.25
C THR A 233 -4.39 11.37 -33.58
N ALA A 234 -5.60 11.77 -33.20
CA ALA A 234 -5.78 13.04 -32.52
C ALA A 234 -5.53 12.89 -31.02
N ASP A 235 -4.41 12.27 -30.68
CA ASP A 235 -3.97 12.15 -29.29
C ASP A 235 -2.52 12.51 -29.08
N VAL A 236 -1.69 12.45 -30.13
CA VAL A 236 -0.34 12.99 -30.05
C VAL A 236 -0.39 14.51 -29.92
N LEU A 237 -1.37 15.14 -30.56
CA LEU A 237 -1.50 16.60 -30.48
C LEU A 237 -1.78 17.05 -29.05
N ILE A 238 -2.67 16.35 -28.35
CA ILE A 238 -2.96 16.70 -26.96
C ILE A 238 -1.74 16.47 -26.09
N MET A 239 -1.00 15.39 -26.34
CA MET A 239 0.21 15.13 -25.60
C MET A 239 1.23 16.25 -25.80
N CYS A 240 1.41 16.71 -27.04
CA CYS A 240 2.34 17.79 -27.31
C CYS A 240 1.88 19.09 -26.64
N LYS A 241 0.57 19.36 -26.64
CA LYS A 241 0.06 20.54 -25.96
C LYS A 241 0.35 20.49 -24.47
N ASP A 242 0.14 19.32 -23.85
CA ASP A 242 0.45 19.17 -22.43
C ASP A 242 1.94 19.35 -22.16
N LEU A 243 2.78 18.80 -23.04
CA LEU A 243 4.22 18.98 -22.90
C LEU A 243 4.61 20.44 -22.93
N ILE A 244 4.08 21.18 -23.91
CA ILE A 244 4.41 22.60 -24.04
C ILE A 244 3.94 23.38 -22.82
N THR A 245 2.73 23.09 -22.34
CA THR A 245 2.22 23.77 -21.17
C THR A 245 3.08 23.50 -19.95
N CYS A 246 3.48 22.25 -19.74
CA CYS A 246 4.32 21.91 -18.59
C CYS A 246 5.68 22.60 -18.68
N ARG A 247 6.28 22.62 -19.87
CA ARG A 247 7.57 23.28 -20.03
C ARG A 247 7.46 24.78 -19.75
N PHE A 248 6.41 25.42 -20.27
CA PHE A 248 6.20 26.83 -19.99
C PHE A 248 6.03 27.09 -18.50
N ASN A 249 5.24 26.25 -17.83
CA ASN A 249 5.01 26.44 -16.40
C ASN A 249 6.31 26.33 -15.61
N THR A 250 7.09 25.29 -15.86
CA THR A 250 8.31 25.10 -15.07
C THR A 250 9.34 26.18 -15.38
N THR A 251 9.46 26.58 -16.65
CA THR A 251 10.40 27.65 -16.99
C THR A 251 10.00 28.96 -16.32
N LEU A 252 8.70 29.30 -16.34
CA LEU A 252 8.25 30.53 -15.71
C LEU A 252 8.49 30.50 -14.20
N ILE A 253 8.20 29.37 -13.57
CA ILE A 253 8.38 29.26 -12.11
C ILE A 253 9.85 29.42 -11.76
N SER A 254 10.74 28.74 -12.51
CA SER A 254 12.17 28.85 -12.23
C SER A 254 12.67 30.26 -12.44
N LYS A 255 12.20 30.94 -13.50
CA LYS A 255 12.63 32.31 -13.76
C LYS A 255 12.17 33.25 -12.66
N ILE A 256 10.91 33.11 -12.22
CA ILE A 256 10.39 33.99 -11.18
C ILE A 256 11.08 33.75 -9.85
N ALA A 257 11.45 32.50 -9.56
CA ALA A 257 12.08 32.19 -8.27
C ALA A 257 13.38 32.96 -8.08
N GLU A 258 14.05 33.34 -9.17
CA GLU A 258 15.29 34.09 -9.05
C GLU A 258 15.08 35.51 -8.56
N VAL A 259 13.89 36.08 -8.76
CA VAL A 259 13.62 37.44 -8.30
C VAL A 259 13.53 37.48 -6.78
N GLU A 260 12.92 36.46 -6.17
CA GLU A 260 12.77 36.44 -4.72
C GLU A 260 14.12 36.33 -4.02
N ASP A 261 14.94 35.36 -4.42
CA ASP A 261 16.20 35.07 -3.76
C ASP A 261 17.32 35.03 -4.80
N PRO A 262 17.91 36.19 -5.12
CA PRO A 262 19.01 36.20 -6.10
C PRO A 262 20.22 35.38 -5.67
N VAL A 263 20.50 35.30 -4.36
CA VAL A 263 21.68 34.58 -3.89
C VAL A 263 21.57 33.10 -4.22
N CYS A 264 20.45 32.48 -3.85
CA CYS A 264 20.24 31.06 -4.10
C CYS A 264 18.77 30.74 -3.96
N SER A 265 18.22 30.01 -4.93
CA SER A 265 16.83 29.60 -4.92
C SER A 265 16.74 28.09 -4.81
N ASP A 266 15.52 27.60 -4.54
CA ASP A 266 15.28 26.17 -4.39
C ASP A 266 14.89 25.50 -5.70
N TYR A 267 14.83 26.23 -6.78
CA TYR A 267 14.57 25.65 -8.10
C TYR A 267 15.85 25.57 -8.89
N PRO A 268 16.01 24.56 -9.76
CA PRO A 268 17.32 24.29 -10.36
C PRO A 268 17.87 25.45 -11.17
N ASN A 269 17.17 25.81 -12.24
CA ASN A 269 17.57 26.89 -13.13
C ASN A 269 16.54 27.02 -14.25
N PHE A 270 16.70 28.02 -15.11
CA PHE A 270 15.91 28.10 -16.33
C PHE A 270 16.76 27.92 -17.58
N LYS A 271 18.08 27.74 -17.43
CA LYS A 271 18.97 27.46 -18.54
C LYS A 271 19.46 26.02 -18.58
N ILE A 272 19.69 25.40 -17.44
CA ILE A 272 20.06 23.99 -17.41
C ILE A 272 18.90 23.12 -17.89
N VAL A 273 17.69 23.46 -17.48
CA VAL A 273 16.52 22.68 -17.89
C VAL A 273 16.31 22.77 -19.39
N SER A 274 16.60 23.94 -19.98
CA SER A 274 16.49 24.07 -21.43
C SER A 274 17.48 23.16 -22.15
N MET A 275 18.73 23.08 -21.64
CA MET A 275 19.70 22.18 -22.24
C MET A 275 19.27 20.73 -22.09
N LEU A 276 18.69 20.38 -20.93
CA LEU A 276 18.18 19.02 -20.75
C LEU A 276 17.06 18.72 -21.72
N TYR A 277 16.16 19.68 -21.94
CA TYR A 277 15.07 19.48 -22.89
C TYR A 277 15.62 19.27 -24.30
N GLN A 278 16.59 20.09 -24.71
CA GLN A 278 17.15 19.95 -26.05
C GLN A 278 17.88 18.62 -26.21
N SER A 279 18.64 18.21 -25.20
CA SER A 279 19.36 16.94 -25.28
C SER A 279 18.39 15.77 -25.36
N GLY A 280 17.33 15.79 -24.55
CA GLY A 280 16.35 14.74 -24.62
C GLY A 280 15.63 14.69 -25.95
N ASP A 281 15.29 15.85 -26.50
CA ASP A 281 14.62 15.89 -27.80
C ASP A 281 15.53 15.33 -28.89
N TYR A 282 16.82 15.69 -28.87
CA TYR A 282 17.74 15.15 -29.86
C TYR A 282 17.88 13.64 -29.72
N LEU A 283 18.00 13.15 -28.47
CA LEU A 283 18.12 11.71 -28.26
C LEU A 283 16.87 10.97 -28.76
N LEU A 284 15.69 11.53 -28.49
CA LEU A 284 14.47 10.92 -28.99
C LEU A 284 14.42 10.94 -30.51
N SER A 285 14.77 12.07 -31.13
CA SER A 285 14.73 12.15 -32.59
C SER A 285 15.70 11.18 -33.23
N ILE A 286 16.79 10.85 -32.55
CA ILE A 286 17.74 9.89 -33.11
C ILE A 286 17.25 8.46 -32.90
N LEU A 287 16.83 8.12 -31.68
CA LEU A 287 16.61 6.73 -31.31
C LEU A 287 15.16 6.28 -31.36
N GLY A 288 14.23 7.13 -31.80
CA GLY A 288 12.85 6.68 -31.86
C GLY A 288 12.22 6.54 -30.50
N SER A 289 11.13 5.77 -30.47
CA SER A 289 10.43 5.47 -29.22
C SER A 289 11.25 4.56 -28.32
N ASP A 290 12.29 3.90 -28.85
CA ASP A 290 13.16 3.07 -28.03
C ASP A 290 14.08 3.88 -27.13
N GLY A 291 14.13 5.20 -27.32
CA GLY A 291 14.98 6.06 -26.54
C GLY A 291 14.47 6.47 -25.18
N TYR A 292 13.27 6.02 -24.81
CA TYR A 292 12.75 6.33 -23.48
C TYR A 292 13.43 5.52 -22.39
N LYS A 293 14.13 4.45 -22.74
CA LYS A 293 14.88 3.68 -21.76
C LYS A 293 16.04 4.48 -21.17
N ILE A 294 16.45 5.55 -21.84
CA ILE A 294 17.45 6.46 -21.26
C ILE A 294 16.79 7.60 -20.50
N ILE A 295 15.64 8.08 -20.98
CA ILE A 295 14.90 9.11 -20.25
C ILE A 295 14.41 8.59 -18.90
N LYS A 296 14.19 7.27 -18.80
CA LYS A 296 13.72 6.67 -17.57
C LYS A 296 14.72 6.77 -16.43
N PHE A 297 15.97 7.12 -16.71
CA PHE A 297 17.02 7.15 -15.69
C PHE A 297 17.15 8.51 -15.01
N LEU A 298 16.29 9.47 -15.31
CA LEU A 298 16.39 10.79 -14.69
C LEU A 298 16.09 10.73 -13.20
N GLU A 299 15.17 9.86 -12.78
CA GLU A 299 14.78 9.76 -11.38
C GLU A 299 15.83 9.05 -10.53
N PRO A 300 16.25 7.83 -10.89
CA PRO A 300 17.29 7.18 -10.06
C PRO A 300 18.59 7.96 -10.00
N LEU A 301 18.97 8.63 -11.09
CA LEU A 301 20.19 9.43 -11.06
C LEU A 301 20.05 10.61 -10.11
N CYS A 302 18.89 11.25 -10.09
CA CYS A 302 18.65 12.34 -9.15
C CYS A 302 18.70 11.83 -7.71
N LEU A 303 18.10 10.66 -7.46
CA LEU A 303 18.15 10.09 -6.11
C LEU A 303 19.59 9.79 -5.70
N ALA A 304 20.38 9.22 -6.62
CA ALA A 304 21.78 8.93 -6.32
C ALA A 304 22.56 10.20 -6.03
N LYS A 305 22.32 11.26 -6.81
CA LYS A 305 23.02 12.52 -6.57
C LYS A 305 22.62 13.12 -5.23
N ILE A 306 21.35 13.00 -4.85
CA ILE A 306 20.93 13.47 -3.53
C ILE A 306 21.60 12.67 -2.43
N GLN A 307 21.78 11.37 -2.65
CA GLN A 307 22.41 10.53 -1.64
C GLN A 307 23.83 10.96 -1.35
N LEU A 308 24.53 11.53 -2.33
CA LEU A 308 25.91 11.95 -2.16
C LEU A 308 26.06 13.35 -1.56
N CYS A 309 24.95 13.98 -1.16
CA CYS A 309 24.99 15.33 -0.60
C CYS A 309 25.20 15.33 0.91
N SER A 310 25.80 14.27 1.46
CA SER A 310 26.04 14.15 2.89
C SER A 310 27.43 13.56 3.09
N LYS A 311 27.71 13.13 4.32
CA LYS A 311 29.01 12.55 4.64
C LYS A 311 29.27 11.32 3.77
N TYR A 312 30.47 11.25 3.21
CA TYR A 312 30.82 10.17 2.29
C TYR A 312 31.14 8.89 3.04
N THR A 313 30.66 7.77 2.49
CA THR A 313 30.93 6.44 3.01
C THR A 313 31.29 5.53 1.84
N GLU A 314 32.07 4.49 2.12
CA GLU A 314 32.62 3.65 1.05
C GLU A 314 31.52 3.02 0.21
N ARG A 315 30.35 2.76 0.80
CA ARG A 315 29.23 2.18 0.08
C ARG A 315 28.15 3.19 -0.27
N LYS A 316 28.39 4.48 -0.01
CA LYS A 316 27.43 5.50 -0.38
C LYS A 316 27.45 5.80 -1.88
N GLY A 317 28.61 5.65 -2.52
CA GLY A 317 28.74 5.88 -3.94
C GLY A 317 28.43 4.68 -4.81
N ARG A 318 27.96 3.58 -4.24
CA ARG A 318 27.63 2.41 -5.04
C ARG A 318 26.38 2.66 -5.88
N PHE A 319 25.45 3.46 -5.37
CA PHE A 319 24.22 3.77 -6.10
C PHE A 319 24.54 4.47 -7.42
N LEU A 320 25.35 5.53 -7.36
CA LEU A 320 25.70 6.27 -8.57
C LEU A 320 26.48 5.41 -9.55
N THR A 321 27.41 4.59 -9.03
CA THR A 321 28.22 3.73 -9.89
C THR A 321 27.34 2.72 -10.62
N GLN A 322 26.42 2.08 -9.89
CA GLN A 322 25.54 1.10 -10.51
C GLN A 322 24.63 1.74 -11.54
N MET A 323 24.11 2.93 -11.23
CA MET A 323 23.25 3.61 -12.19
C MET A 323 24.02 4.01 -13.45
N HIS A 324 25.26 4.47 -13.27
CA HIS A 324 26.10 4.82 -14.41
C HIS A 324 26.38 3.60 -15.28
N LEU A 325 26.71 2.48 -14.64
CA LEU A 325 26.96 1.25 -15.39
C LEU A 325 25.70 0.81 -16.15
N ALA A 326 24.55 0.89 -15.50
CA ALA A 326 23.30 0.48 -16.14
C ALA A 326 22.97 1.35 -17.34
N VAL A 327 23.12 2.67 -17.20
CA VAL A 327 22.78 3.57 -18.30
C VAL A 327 23.76 3.40 -19.44
N ASN A 328 25.05 3.18 -19.12
CA ASN A 328 26.04 2.95 -20.17
C ASN A 328 25.73 1.67 -20.94
N HIS A 329 25.39 0.60 -20.21
CA HIS A 329 25.06 -0.66 -20.89
C HIS A 329 23.81 -0.52 -21.75
N THR A 330 22.79 0.16 -21.25
CA THR A 330 21.56 0.35 -22.02
C THR A 330 21.83 1.17 -23.27
N LEU A 331 22.62 2.25 -23.15
CA LEU A 331 22.96 3.06 -24.32
C LEU A 331 23.79 2.30 -25.32
N GLU A 332 24.74 1.48 -24.86
CA GLU A 332 25.53 0.63 -25.76
C GLU A 332 24.70 -0.41 -26.50
N GLU A 333 23.75 -1.05 -25.81
CA GLU A 333 23.01 -2.16 -26.38
C GLU A 333 22.08 -1.74 -27.52
N ILE A 334 21.36 -0.63 -27.37
CA ILE A 334 20.31 -0.27 -28.31
C ILE A 334 20.86 0.58 -29.44
N THR A 335 22.17 0.76 -29.49
CA THR A 335 22.80 1.55 -30.53
C THR A 335 23.71 0.74 -31.45
N GLU A 336 23.99 -0.52 -31.13
CA GLU A 336 24.87 -1.31 -31.99
C GLU A 336 24.24 -1.58 -33.34
N ILE A 337 22.96 -1.97 -33.36
CA ILE A 337 22.29 -2.24 -34.64
C ILE A 337 22.14 -0.96 -35.45
N ARG A 338 21.76 0.14 -34.80
CA ARG A 338 21.61 1.41 -35.49
C ARG A 338 22.97 1.89 -35.99
N ALA A 339 22.97 2.47 -37.19
CA ALA A 339 24.20 2.91 -37.85
C ALA A 339 24.36 4.41 -37.65
N LEU A 340 24.77 4.80 -36.45
CA LEU A 340 25.01 6.20 -36.15
C LEU A 340 26.30 6.69 -36.80
N LYS A 341 26.31 7.96 -37.16
CA LYS A 341 27.53 8.60 -37.61
C LYS A 341 28.49 8.79 -36.43
N PRO A 342 29.80 8.88 -36.69
CA PRO A 342 30.74 9.11 -35.58
C PRO A 342 30.49 10.42 -34.86
N SER A 343 29.95 11.43 -35.54
CA SER A 343 29.63 12.69 -34.88
C SER A 343 28.36 12.59 -34.05
N GLN A 344 27.38 11.81 -34.52
CA GLN A 344 26.14 11.65 -33.78
C GLN A 344 26.34 10.83 -32.51
N ALA A 345 27.23 9.84 -32.57
CA ALA A 345 27.48 8.99 -31.41
C ALA A 345 28.11 9.76 -30.25
N HIS A 346 28.64 10.96 -30.51
CA HIS A 346 29.19 11.80 -29.44
C HIS A 346 28.16 12.73 -28.85
N LYS A 347 27.24 13.26 -29.67
CA LYS A 347 26.21 14.15 -29.17
C LYS A 347 25.10 13.41 -28.44
N ILE A 348 24.87 12.14 -28.81
CA ILE A 348 23.79 11.38 -28.17
C ILE A 348 24.08 11.11 -26.70
N ARG A 349 25.35 11.10 -26.31
CA ARG A 349 25.73 10.88 -24.91
C ARG A 349 25.85 12.20 -24.17
N GLU A 350 24.80 13.03 -24.24
CA GLU A 350 24.76 14.31 -23.58
C GLU A 350 23.70 14.41 -22.49
N PHE A 351 22.69 13.54 -22.51
CA PHE A 351 21.66 13.54 -21.48
C PHE A 351 22.24 13.07 -20.14
N HIS A 352 22.70 11.82 -20.09
CA HIS A 352 23.23 11.28 -18.85
C HIS A 352 24.58 11.91 -18.51
N ARG A 353 25.34 12.34 -19.51
CA ARG A 353 26.58 13.06 -19.24
C ARG A 353 26.32 14.36 -18.51
N THR A 354 25.28 15.10 -18.92
CA THR A 354 24.89 16.30 -18.21
C THR A 354 24.34 15.97 -16.82
N LEU A 355 23.57 14.89 -16.72
CA LEU A 355 22.97 14.52 -15.44
C LEU A 355 24.04 14.15 -14.42
N ILE A 356 25.10 13.49 -14.85
CA ILE A 356 26.13 13.04 -13.93
C ILE A 356 26.93 14.23 -13.39
N ARG A 357 27.28 15.18 -14.24
CA ARG A 357 28.15 16.29 -13.88
C ARG A 357 27.41 17.44 -13.21
N LEU A 358 26.21 17.21 -12.68
CA LEU A 358 25.45 18.28 -12.04
C LEU A 358 26.02 18.57 -10.65
N GLU A 359 26.05 19.85 -10.29
CA GLU A 359 26.51 20.31 -8.98
C GLU A 359 25.41 21.19 -8.40
N MET A 360 24.47 20.57 -7.69
CA MET A 360 23.31 21.26 -7.16
C MET A 360 23.11 20.90 -5.70
N THR A 361 22.42 21.78 -4.98
CA THR A 361 22.01 21.49 -3.62
C THR A 361 20.95 20.40 -3.63
N PRO A 362 20.77 19.69 -2.51
CA PRO A 362 19.75 18.63 -2.48
C PRO A 362 18.35 19.13 -2.79
N GLN A 363 18.01 20.35 -2.39
CA GLN A 363 16.69 20.90 -2.70
C GLN A 363 16.49 21.05 -4.21
N GLN A 364 17.51 21.55 -4.90
CA GLN A 364 17.41 21.73 -6.35
C GLN A 364 17.27 20.40 -7.06
N LEU A 365 18.02 19.38 -6.63
CA LEU A 365 17.89 18.06 -7.23
C LEU A 365 16.52 17.45 -6.94
N CYS A 366 16.01 17.65 -5.73
CA CYS A 366 14.68 17.16 -5.40
C CYS A 366 13.62 17.81 -6.27
N GLU A 367 13.75 19.10 -6.55
CA GLU A 367 12.81 19.76 -7.45
C GLU A 367 12.98 19.27 -8.89
N LEU A 368 14.22 19.08 -9.33
CA LEU A 368 14.47 18.57 -10.67
C LEU A 368 13.96 17.15 -10.86
N PHE A 369 13.79 16.40 -9.76
CA PHE A 369 13.24 15.05 -9.84
C PHE A 369 11.87 15.03 -10.48
N SER A 370 11.13 16.14 -10.40
CA SER A 370 9.73 16.13 -10.83
C SER A 370 9.58 16.13 -12.36
N ILE A 371 10.56 16.68 -13.08
CA ILE A 371 10.46 16.80 -14.53
C ILE A 371 10.89 15.47 -15.14
N GLN A 372 9.92 14.58 -15.31
CA GLN A 372 10.17 13.26 -15.89
C GLN A 372 9.31 12.98 -17.10
N LYS A 373 8.04 13.36 -17.07
CA LYS A 373 7.12 13.15 -18.19
C LYS A 373 6.99 14.38 -19.08
N HIS A 374 8.04 15.20 -19.16
CA HIS A 374 8.03 16.40 -19.99
C HIS A 374 8.52 16.15 -21.40
N TRP A 375 8.85 14.90 -21.75
CA TRP A 375 9.28 14.55 -23.09
C TRP A 375 8.25 13.71 -23.84
N GLY A 376 7.19 13.28 -23.18
CA GLY A 376 6.14 12.49 -23.80
C GLY A 376 6.09 11.09 -23.24
N HIS A 377 5.31 10.24 -23.91
CA HIS A 377 5.16 8.85 -23.52
C HIS A 377 5.30 7.95 -24.74
N PRO A 378 5.77 6.72 -24.56
CA PRO A 378 6.02 5.84 -25.71
C PRO A 378 4.75 5.32 -26.36
N VAL A 379 4.91 4.61 -27.47
CA VAL A 379 3.79 3.98 -28.17
C VAL A 379 3.74 2.52 -27.74
N LEU A 380 2.57 2.09 -27.27
CA LEU A 380 2.40 0.74 -26.74
C LEU A 380 1.90 -0.21 -27.81
N HIS A 381 2.37 -1.45 -27.75
CA HIS A 381 1.91 -2.52 -28.64
C HIS A 381 1.33 -3.64 -27.80
N SER A 382 0.27 -4.27 -28.30
CA SER A 382 -0.38 -5.34 -27.57
C SER A 382 0.41 -6.64 -27.59
N GLU A 383 1.46 -6.73 -28.40
CA GLU A 383 2.28 -7.93 -28.46
C GLU A 383 3.39 -7.92 -27.42
N THR A 384 4.21 -6.86 -27.42
CA THR A 384 5.30 -6.78 -26.45
C THR A 384 4.78 -6.66 -25.03
N ALA A 385 3.64 -6.00 -24.84
CA ALA A 385 3.08 -5.84 -23.50
C ALA A 385 2.74 -7.18 -22.87
N ILE A 386 2.21 -8.11 -23.67
CA ILE A 386 1.88 -9.42 -23.15
C ILE A 386 3.08 -10.36 -23.16
N GLN A 387 4.05 -10.14 -24.05
CA GLN A 387 5.27 -10.92 -24.02
C GLN A 387 6.08 -10.62 -22.76
N LYS A 388 6.03 -9.37 -22.29
CA LYS A 388 6.74 -9.01 -21.07
C LYS A 388 6.19 -9.75 -19.86
N VAL A 389 4.86 -9.89 -19.79
CA VAL A 389 4.25 -10.52 -18.62
C VAL A 389 4.22 -12.04 -18.72
N LYS A 390 4.16 -12.59 -19.94
CA LYS A 390 4.12 -14.04 -20.09
C LYS A 390 5.45 -14.68 -19.72
N LYS A 391 6.56 -13.99 -19.96
CA LYS A 391 7.87 -14.61 -19.85
C LYS A 391 8.22 -15.01 -18.41
N HIS A 392 7.71 -14.29 -17.41
CA HIS A 392 8.01 -14.61 -16.02
C HIS A 392 6.73 -14.69 -15.19
N ALA A 393 5.65 -15.19 -15.79
CA ALA A 393 4.46 -15.59 -15.06
C ALA A 393 4.16 -17.06 -15.23
N THR A 394 4.93 -17.77 -16.06
CA THR A 394 4.79 -19.21 -16.27
C THR A 394 6.12 -19.92 -16.05
N VAL A 395 6.92 -19.43 -15.10
CA VAL A 395 8.28 -19.91 -14.88
C VAL A 395 8.27 -20.89 -13.73
N LEU A 396 8.88 -22.05 -13.95
CA LEU A 396 9.02 -23.05 -12.90
C LEU A 396 9.93 -22.52 -11.79
N LYS A 397 9.57 -22.81 -10.55
CA LYS A 397 10.26 -22.28 -9.37
C LYS A 397 10.72 -23.42 -8.47
N ALA A 398 11.69 -23.11 -7.61
CA ALA A 398 12.17 -24.02 -6.58
C ALA A 398 11.97 -23.36 -5.23
N LEU A 399 11.42 -24.12 -4.28
CA LEU A 399 11.00 -23.57 -3.00
C LEU A 399 11.57 -24.42 -1.86
N ARG A 400 11.71 -23.78 -0.69
CA ARG A 400 12.16 -24.46 0.51
C ARG A 400 11.02 -24.56 1.51
N PRO A 401 10.54 -25.76 1.84
CA PRO A 401 9.38 -25.88 2.73
C PRO A 401 9.59 -25.30 4.12
N ILE A 402 10.82 -25.31 4.64
CA ILE A 402 11.05 -24.85 6.00
C ILE A 402 10.75 -23.36 6.13
N VAL A 403 11.15 -22.57 5.14
CA VAL A 403 10.88 -21.13 5.17
C VAL A 403 9.37 -20.88 5.08
N ILE A 404 8.66 -21.64 4.26
CA ILE A 404 7.21 -21.49 4.15
C ILE A 404 6.55 -21.81 5.48
N PHE A 405 6.99 -22.90 6.14
CA PHE A 405 6.43 -23.27 7.43
C PHE A 405 6.66 -22.18 8.47
N GLU A 406 7.88 -21.63 8.51
CA GLU A 406 8.18 -20.59 9.48
C GLU A 406 7.37 -19.32 9.19
N THR A 407 7.21 -18.97 7.91
CA THR A 407 6.40 -17.80 7.57
C THR A 407 4.94 -18.00 7.98
N TYR A 408 4.40 -19.21 7.77
CA TYR A 408 3.03 -19.48 8.20
C TYR A 408 2.89 -19.38 9.71
N CYS A 409 3.88 -19.91 10.44
CA CYS A 409 3.82 -19.82 11.90
C CYS A 409 3.87 -18.37 12.36
N VAL A 410 4.72 -17.55 11.74
CA VAL A 410 4.78 -16.14 12.10
C VAL A 410 3.49 -15.42 11.74
N PHE A 411 2.86 -15.79 10.63
CA PHE A 411 1.55 -15.26 10.26
C PHE A 411 0.53 -15.52 11.35
N LYS A 412 0.42 -16.78 11.78
CA LYS A 412 -0.52 -17.12 12.83
C LYS A 412 -0.20 -16.41 14.13
N TYR A 413 1.10 -16.31 14.46
CA TYR A 413 1.50 -15.62 15.68
C TYR A 413 1.10 -14.15 15.64
N SER A 414 1.27 -13.50 14.49
CA SER A 414 0.91 -12.09 14.37
C SER A 414 -0.61 -11.91 14.52
N ILE A 415 -1.39 -12.79 13.91
CA ILE A 415 -2.85 -12.69 14.06
C ILE A 415 -3.24 -12.85 15.51
N ALA A 416 -2.66 -13.84 16.19
CA ALA A 416 -2.98 -14.09 17.59
C ALA A 416 -2.57 -12.90 18.47
N LYS A 417 -1.41 -12.31 18.20
CA LYS A 417 -0.95 -11.17 18.98
C LYS A 417 -1.88 -9.97 18.79
N HIS A 418 -2.30 -9.71 17.55
CA HIS A 418 -3.22 -8.61 17.32
C HIS A 418 -4.55 -8.84 18.03
N TYR A 419 -5.06 -10.08 17.99
CA TYR A 419 -6.31 -10.36 18.69
C TYR A 419 -6.14 -10.18 20.20
N PHE A 420 -5.01 -10.61 20.75
CA PHE A 420 -4.78 -10.49 22.18
C PHE A 420 -4.67 -9.03 22.60
N ASP A 421 -4.00 -8.21 21.80
CA ASP A 421 -3.71 -6.84 22.22
C ASP A 421 -4.97 -6.03 22.45
N SER A 422 -5.96 -6.19 21.57
CA SER A 422 -7.21 -5.45 21.67
C SER A 422 -8.33 -6.34 22.20
N GLN A 423 -9.37 -5.68 22.72
CA GLN A 423 -10.60 -6.31 23.20
C GLN A 423 -10.35 -7.60 23.97
N GLY A 424 -9.62 -7.48 25.07
CA GLY A 424 -9.50 -8.56 26.03
C GLY A 424 -8.18 -9.31 25.89
N SER A 425 -8.24 -10.64 25.89
CA SER A 425 -7.05 -11.46 25.89
C SER A 425 -7.39 -12.85 25.38
N TRP A 426 -6.62 -13.33 24.40
CA TRP A 426 -6.74 -14.67 23.83
C TRP A 426 -8.12 -14.89 23.19
N TYR A 427 -8.33 -16.07 22.60
CA TYR A 427 -9.57 -16.32 21.88
C TYR A 427 -10.11 -17.73 22.12
N SER A 428 -9.86 -18.31 23.30
CA SER A 428 -10.48 -19.56 23.72
C SER A 428 -10.17 -20.69 22.74
N VAL A 429 -8.89 -21.06 22.71
CA VAL A 429 -8.42 -22.08 21.78
C VAL A 429 -9.14 -23.40 22.05
N THR A 430 -9.80 -23.93 21.03
CA THR A 430 -10.50 -25.22 21.11
C THR A 430 -9.63 -26.31 20.49
N SER A 431 -8.48 -26.55 21.13
CA SER A 431 -7.54 -27.54 20.66
C SER A 431 -6.96 -28.31 21.83
N ASP A 432 -6.37 -29.46 21.53
CA ASP A 432 -5.74 -30.27 22.57
C ASP A 432 -4.57 -29.52 23.20
N ARG A 433 -4.53 -29.54 24.53
CA ARG A 433 -3.46 -28.87 25.25
C ARG A 433 -2.14 -29.64 25.19
N ASN A 434 -2.18 -30.94 24.90
CA ASN A 434 -0.96 -31.73 24.82
C ASN A 434 -0.19 -31.49 23.53
N LEU A 435 -0.84 -30.95 22.49
CA LEU A 435 -0.16 -30.66 21.25
C LEU A 435 0.54 -29.31 21.24
N THR A 436 0.37 -28.51 22.30
CA THR A 436 1.05 -27.23 22.45
C THR A 436 1.74 -27.18 23.81
N PRO A 437 2.81 -27.96 23.98
CA PRO A 437 3.47 -28.00 25.29
C PRO A 437 4.43 -26.85 25.49
N GLY A 438 3.94 -25.75 26.04
CA GLY A 438 4.74 -24.55 26.25
C GLY A 438 3.93 -23.31 26.00
N LEU A 439 2.82 -23.46 25.25
CA LEU A 439 1.87 -22.39 25.04
C LEU A 439 0.65 -22.49 25.93
N ASN A 440 0.34 -23.69 26.44
CA ASN A 440 -0.82 -23.85 27.31
C ASN A 440 -0.63 -23.12 28.62
N SER A 441 0.60 -23.09 29.14
CA SER A 441 0.87 -22.37 30.38
C SER A 441 0.59 -20.89 30.23
N TYR A 442 0.97 -20.31 29.09
CA TYR A 442 0.71 -18.89 28.85
C TYR A 442 -0.79 -18.60 28.84
N ILE A 443 -1.57 -19.49 28.23
CA ILE A 443 -3.03 -19.32 28.22
C ILE A 443 -3.59 -19.48 29.63
N LYS A 444 -3.02 -20.40 30.41
CA LYS A 444 -3.46 -20.58 31.79
C LYS A 444 -3.21 -19.32 32.60
N ARG A 445 -2.04 -18.70 32.45
CA ARG A 445 -1.74 -17.45 33.12
C ARG A 445 -2.27 -16.23 32.36
N ASN A 446 -2.84 -16.44 31.18
CA ASN A 446 -3.46 -15.37 30.38
C ASN A 446 -2.47 -14.24 30.11
N GLN A 447 -1.27 -14.62 29.68
CA GLN A 447 -0.23 -13.67 29.31
C GLN A 447 0.35 -14.08 27.96
N PHE A 448 0.46 -13.11 27.06
CA PHE A 448 1.05 -13.41 25.76
C PHE A 448 2.58 -13.50 25.87
N PRO A 449 3.19 -14.49 25.23
CA PRO A 449 4.65 -14.65 25.32
C PRO A 449 5.38 -13.45 24.76
N PRO A 450 6.49 -13.04 25.39
CA PRO A 450 7.28 -11.92 24.85
C PRO A 450 8.07 -12.33 23.62
N LEU A 451 8.38 -11.34 22.80
CA LEU A 451 9.07 -11.59 21.54
C LEU A 451 10.44 -12.26 21.69
N PRO A 452 11.31 -11.87 22.63
CA PRO A 452 12.68 -12.42 22.61
C PRO A 452 12.75 -13.93 22.65
N MET A 453 11.82 -14.61 23.34
CA MET A 453 11.92 -16.05 23.52
C MET A 453 11.03 -16.84 22.56
N ILE A 454 10.47 -16.21 21.54
CA ILE A 454 9.66 -16.92 20.54
C ILE A 454 10.62 -17.38 19.45
N LYS A 455 11.31 -18.49 19.72
CA LYS A 455 12.07 -19.19 18.69
C LYS A 455 11.89 -20.70 18.72
N GLU A 456 11.51 -21.29 19.85
CA GLU A 456 11.33 -22.74 19.97
C GLU A 456 9.88 -23.17 20.01
N LEU A 457 8.96 -22.27 20.38
CA LEU A 457 7.54 -22.55 20.38
C LEU A 457 6.85 -22.01 19.13
N LEU A 458 7.61 -21.71 18.07
CA LEU A 458 7.02 -21.24 16.83
C LEU A 458 6.17 -22.31 16.17
N TRP A 459 6.64 -23.55 16.17
CA TRP A 459 5.90 -24.63 15.51
C TRP A 459 4.59 -24.94 16.23
N GLU A 460 4.55 -24.74 17.55
CA GLU A 460 3.32 -25.00 18.29
C GLU A 460 2.18 -24.13 17.81
N PHE A 461 2.48 -22.94 17.28
CA PHE A 461 1.45 -22.07 16.75
C PHE A 461 0.69 -22.70 15.59
N TYR A 462 1.26 -23.72 14.96
CA TYR A 462 0.55 -24.43 13.90
C TYR A 462 -0.66 -25.18 14.43
N HIS A 463 -0.64 -25.56 15.71
CA HIS A 463 -1.67 -26.43 16.27
C HIS A 463 -2.83 -25.68 16.90
N LEU A 464 -2.79 -24.35 16.92
CA LEU A 464 -3.84 -23.57 17.57
C LEU A 464 -5.10 -23.54 16.72
N ASP A 465 -6.26 -23.66 17.37
CA ASP A 465 -7.55 -23.61 16.71
C ASP A 465 -8.44 -22.61 17.45
N HIS A 466 -9.41 -22.06 16.72
CA HIS A 466 -10.24 -20.99 17.27
C HIS A 466 -11.52 -20.90 16.45
N PRO A 467 -12.55 -20.25 16.99
CA PRO A 467 -13.78 -20.03 16.22
C PRO A 467 -13.57 -18.97 15.15
N PRO A 468 -14.59 -18.70 14.32
CA PRO A 468 -14.46 -17.67 13.29
C PRO A 468 -14.48 -16.25 13.86
N LEU A 469 -13.29 -15.75 14.24
CA LEU A 469 -13.17 -14.45 14.90
C LEU A 469 -13.90 -13.35 14.13
N PHE A 470 -13.70 -13.28 12.82
CA PHE A 470 -14.27 -12.20 12.03
C PHE A 470 -15.62 -12.60 11.45
N SER A 471 -16.30 -11.63 10.84
CA SER A 471 -17.66 -11.80 10.36
C SER A 471 -17.78 -11.32 8.92
N THR A 472 -18.58 -12.04 8.13
CA THR A 472 -18.90 -11.64 6.75
C THR A 472 -19.96 -10.54 6.79
N LYS A 473 -19.54 -9.39 7.33
CA LYS A 473 -20.43 -8.29 7.68
C LYS A 473 -19.63 -7.00 7.54
N ILE A 474 -20.07 -5.96 8.24
CA ILE A 474 -19.35 -4.70 8.45
C ILE A 474 -18.93 -4.06 7.14
N ILE A 475 -19.79 -4.15 6.14
CA ILE A 475 -19.71 -3.33 4.93
C ILE A 475 -20.70 -2.19 5.08
N SER A 476 -20.23 -0.96 4.89
CA SER A 476 -21.07 0.22 5.08
C SER A 476 -20.89 1.21 3.94
N ASP A 477 -20.83 0.70 2.71
CA ASP A 477 -20.68 1.57 1.55
C ASP A 477 -21.12 0.81 0.31
N LEU A 478 -22.24 1.23 -0.30
CA LEU A 478 -22.67 0.64 -1.56
C LEU A 478 -21.98 1.25 -2.76
N SER A 479 -21.21 2.32 -2.58
CA SER A 479 -20.51 2.94 -3.70
C SER A 479 -19.43 2.03 -4.27
N ILE A 480 -18.99 1.03 -3.52
CA ILE A 480 -17.97 0.12 -4.02
C ILE A 480 -18.53 -0.87 -5.03
N PHE A 481 -19.84 -1.14 -5.00
CA PHE A 481 -20.45 -2.05 -5.95
C PHE A 481 -20.95 -1.37 -7.20
N ILE A 482 -20.93 -0.04 -7.24
CA ILE A 482 -21.28 0.71 -8.44
C ILE A 482 -20.31 1.88 -8.58
N LYS A 483 -19.32 1.73 -9.46
CA LYS A 483 -18.21 2.68 -9.54
C LYS A 483 -17.92 3.14 -10.97
N ASP A 484 -18.87 2.95 -11.89
CA ASP A 484 -18.77 3.49 -13.25
C ASP A 484 -17.55 2.97 -13.99
N ARG A 485 -17.09 1.77 -13.67
CA ARG A 485 -15.97 1.15 -14.36
C ARG A 485 -16.50 0.18 -15.42
N ALA A 486 -15.58 -0.49 -16.10
CA ALA A 486 -15.92 -1.45 -17.14
C ALA A 486 -15.54 -2.86 -16.70
N THR A 487 -16.26 -3.84 -17.23
CA THR A 487 -16.03 -5.25 -16.93
C THR A 487 -15.66 -6.00 -18.21
N ALA A 488 -15.54 -7.31 -18.09
CA ALA A 488 -15.22 -8.18 -19.22
C ALA A 488 -16.46 -8.93 -19.65
N VAL A 489 -16.60 -9.13 -20.96
CA VAL A 489 -17.74 -9.87 -21.48
C VAL A 489 -17.65 -11.33 -21.09
N GLU A 490 -18.78 -12.03 -21.21
CA GLU A 490 -18.83 -13.44 -20.82
C GLU A 490 -18.08 -14.30 -21.83
N ARG A 491 -17.79 -15.53 -21.43
CA ARG A 491 -17.06 -16.46 -22.28
C ARG A 491 -17.84 -16.79 -23.55
N THR A 492 -19.18 -16.74 -23.49
CA THR A 492 -19.98 -17.07 -24.66
C THR A 492 -19.71 -16.10 -25.80
N CYS A 493 -19.63 -14.80 -25.51
CA CYS A 493 -19.34 -13.78 -26.50
C CYS A 493 -18.10 -13.03 -26.05
N TRP A 494 -16.93 -13.57 -26.38
CA TRP A 494 -15.66 -12.97 -25.99
C TRP A 494 -14.98 -12.22 -27.13
N ASP A 495 -15.29 -12.55 -28.39
CA ASP A 495 -14.69 -11.90 -29.54
C ASP A 495 -15.58 -10.80 -30.12
N ALA A 496 -16.67 -10.45 -29.43
CA ALA A 496 -17.53 -9.37 -29.90
C ALA A 496 -16.94 -8.00 -29.61
N VAL A 497 -15.94 -7.92 -28.74
CA VAL A 497 -15.29 -6.64 -28.43
C VAL A 497 -14.34 -6.17 -29.51
N PHE A 498 -14.11 -6.98 -30.53
CA PHE A 498 -13.23 -6.63 -31.64
C PHE A 498 -14.05 -6.10 -32.81
N GLU A 499 -13.46 -5.16 -33.54
CA GLU A 499 -14.15 -4.55 -34.67
C GLU A 499 -14.40 -5.60 -35.75
N PRO A 500 -15.65 -5.76 -36.22
CA PRO A 500 -15.95 -6.88 -37.11
C PRO A 500 -15.61 -6.62 -38.57
N ASN A 501 -14.46 -6.04 -38.82
CA ASN A 501 -13.85 -5.99 -40.15
C ASN A 501 -12.41 -6.46 -40.13
N VAL A 502 -11.65 -6.10 -39.10
CA VAL A 502 -10.32 -6.67 -38.91
C VAL A 502 -10.42 -8.14 -38.54
N LEU A 503 -11.46 -8.53 -37.81
CA LEU A 503 -11.65 -9.92 -37.45
C LEU A 503 -11.81 -10.79 -38.69
N GLY A 504 -12.59 -10.32 -39.66
CA GLY A 504 -12.86 -11.07 -40.87
C GLY A 504 -14.16 -11.82 -40.88
N TYR A 505 -14.92 -11.79 -39.79
CA TYR A 505 -16.21 -12.46 -39.72
C TYR A 505 -17.09 -11.75 -38.71
N ASN A 506 -18.39 -11.95 -38.87
CA ASN A 506 -19.36 -11.40 -37.92
C ASN A 506 -19.51 -12.35 -36.74
N PRO A 507 -19.24 -11.92 -35.52
CA PRO A 507 -19.35 -12.82 -34.36
C PRO A 507 -20.77 -13.33 -34.21
N PRO A 508 -20.94 -14.62 -33.94
CA PRO A 508 -22.30 -15.16 -33.75
C PRO A 508 -23.03 -14.56 -32.57
N HIS A 509 -22.33 -14.20 -31.49
CA HIS A 509 -22.94 -13.72 -30.26
C HIS A 509 -22.51 -12.29 -30.01
N LYS A 510 -23.46 -11.45 -29.60
CA LYS A 510 -23.19 -10.05 -29.29
C LYS A 510 -23.72 -9.75 -27.90
N PHE A 511 -22.89 -9.09 -27.09
CA PHE A 511 -23.29 -8.73 -25.74
C PHE A 511 -24.22 -7.52 -25.76
N SER A 512 -24.93 -7.32 -24.64
CA SER A 512 -25.87 -6.22 -24.53
C SER A 512 -25.34 -5.04 -23.72
N THR A 513 -24.39 -5.26 -22.82
CA THR A 513 -23.85 -4.18 -22.00
C THR A 513 -22.45 -4.53 -21.56
N LYS A 514 -21.71 -3.50 -21.14
CA LYS A 514 -20.34 -3.68 -20.68
C LYS A 514 -20.04 -2.91 -19.40
N ARG A 515 -20.86 -1.94 -19.02
CA ARG A 515 -20.60 -1.08 -17.87
C ARG A 515 -21.10 -1.73 -16.59
N VAL A 516 -20.58 -1.25 -15.47
CA VAL A 516 -20.98 -1.72 -14.13
C VAL A 516 -22.30 -1.11 -13.70
N PRO A 517 -22.48 0.22 -13.71
CA PRO A 517 -23.70 0.79 -13.10
C PRO A 517 -24.99 0.31 -13.74
N GLU A 518 -25.00 0.04 -15.05
CA GLU A 518 -26.19 -0.46 -15.70
C GLU A 518 -26.32 -1.98 -15.62
N GLN A 519 -25.35 -2.65 -15.02
CA GLN A 519 -25.46 -4.07 -14.71
C GLN A 519 -25.81 -4.33 -13.25
N PHE A 520 -25.34 -3.48 -12.33
CA PHE A 520 -25.71 -3.60 -10.93
C PHE A 520 -27.21 -3.36 -10.73
N LEU A 521 -27.77 -2.38 -11.45
CA LEU A 521 -29.19 -2.09 -11.31
C LEU A 521 -30.06 -3.23 -11.84
N GLU A 522 -29.55 -4.03 -12.76
CA GLU A 522 -30.28 -5.15 -13.33
C GLU A 522 -30.11 -6.44 -12.54
N GLN A 523 -29.27 -6.45 -11.51
CA GLN A 523 -29.04 -7.65 -10.71
C GLN A 523 -30.28 -7.92 -9.87
N GLU A 524 -31.11 -8.87 -10.35
CA GLU A 524 -32.38 -9.14 -9.68
C GLU A 524 -32.17 -9.67 -8.27
N ASN A 525 -31.18 -10.55 -8.08
CA ASN A 525 -30.92 -11.18 -6.79
C ASN A 525 -29.57 -10.65 -6.28
N PHE A 526 -29.61 -9.51 -5.61
CA PHE A 526 -28.43 -8.93 -4.99
C PHE A 526 -28.36 -9.40 -3.53
N SER A 527 -27.54 -8.71 -2.73
CA SER A 527 -27.31 -8.86 -1.29
C SER A 527 -26.00 -9.61 -1.05
N ILE A 528 -25.36 -9.32 0.08
CA ILE A 528 -24.04 -9.87 0.37
C ILE A 528 -24.09 -11.38 0.47
N GLU A 529 -25.11 -11.91 1.16
CA GLU A 529 -25.22 -13.35 1.32
C GLU A 529 -25.35 -14.06 -0.02
N ASN A 530 -25.95 -13.42 -1.01
CA ASN A 530 -26.00 -14.00 -2.35
C ASN A 530 -24.60 -14.13 -2.94
N VAL A 531 -23.75 -13.13 -2.73
CA VAL A 531 -22.37 -13.21 -3.22
C VAL A 531 -21.60 -14.29 -2.47
N LEU A 532 -21.83 -14.41 -1.16
CA LEU A 532 -21.19 -15.48 -0.40
C LEU A 532 -21.60 -16.85 -0.91
N SER A 533 -22.89 -17.03 -1.21
CA SER A 533 -23.36 -18.29 -1.75
C SER A 533 -22.77 -18.56 -3.13
N TYR A 534 -22.67 -17.52 -3.96
CA TYR A 534 -22.10 -17.67 -5.29
C TYR A 534 -20.64 -18.10 -5.21
N ALA A 535 -19.87 -17.51 -4.31
CA ALA A 535 -18.45 -17.84 -4.20
C ALA A 535 -18.25 -19.19 -3.53
N GLN A 536 -19.08 -19.52 -2.53
CA GLN A 536 -18.88 -20.73 -1.75
C GLN A 536 -19.19 -22.00 -2.52
N LYS A 537 -19.95 -21.89 -3.62
CA LYS A 537 -20.32 -23.05 -4.42
C LYS A 537 -19.44 -23.22 -5.65
N LEU A 538 -18.32 -22.50 -5.72
CA LEU A 538 -17.39 -22.57 -6.85
C LEU A 538 -18.10 -22.26 -8.17
N GLU A 539 -19.00 -21.28 -8.13
CA GLU A 539 -19.74 -20.90 -9.33
C GLU A 539 -18.90 -20.07 -10.30
N TYR A 540 -17.71 -19.64 -9.92
CA TYR A 540 -16.83 -18.94 -10.84
C TYR A 540 -16.12 -19.89 -11.79
N LEU A 541 -16.29 -21.20 -11.61
CA LEU A 541 -15.72 -22.20 -12.50
C LEU A 541 -16.68 -22.60 -13.61
N LEU A 542 -17.84 -21.95 -13.70
CA LEU A 542 -18.80 -22.26 -14.74
C LEU A 542 -18.24 -21.89 -16.11
N PRO A 543 -18.66 -22.57 -17.17
CA PRO A 543 -18.06 -22.35 -18.49
C PRO A 543 -18.22 -20.94 -19.03
N GLN A 544 -19.19 -20.16 -18.52
CA GLN A 544 -19.47 -18.83 -19.05
C GLN A 544 -18.88 -17.72 -18.21
N TYR A 545 -18.02 -18.03 -17.24
CA TYR A 545 -17.46 -17.03 -16.34
C TYR A 545 -15.94 -17.03 -16.35
N ARG A 546 -15.32 -17.35 -17.50
CA ARG A 546 -13.86 -17.41 -17.61
C ARG A 546 -13.41 -16.62 -18.84
N ASN A 547 -13.27 -15.29 -18.69
CA ASN A 547 -12.74 -14.47 -19.77
C ASN A 547 -11.46 -13.74 -19.38
N PHE A 548 -11.49 -12.91 -18.34
CA PHE A 548 -10.33 -12.14 -17.87
C PHE A 548 -9.60 -11.45 -19.02
N SER A 549 -10.25 -10.43 -19.57
CA SER A 549 -9.58 -9.62 -20.58
C SER A 549 -8.51 -8.73 -19.95
N PHE A 550 -7.65 -8.16 -20.79
CA PHE A 550 -6.59 -7.25 -20.37
C PHE A 550 -6.90 -5.84 -20.83
N SER A 551 -6.20 -4.87 -20.24
CA SER A 551 -6.30 -3.48 -20.67
C SER A 551 -4.97 -2.79 -20.43
N LEU A 552 -4.50 -2.05 -21.44
CA LEU A 552 -3.21 -1.38 -21.34
C LEU A 552 -3.27 -0.23 -20.33
N LYS A 553 -2.14 0.01 -19.67
CA LYS A 553 -2.06 0.98 -18.60
C LYS A 553 -1.99 2.40 -19.16
N GLU A 554 -2.16 3.38 -18.28
CA GLU A 554 -2.19 4.79 -18.62
C GLU A 554 -0.79 5.33 -18.88
N LYS A 555 -0.65 6.66 -18.90
CA LYS A 555 0.60 7.33 -19.23
C LYS A 555 1.76 6.82 -18.37
N GLU A 556 2.73 6.15 -19.01
CA GLU A 556 3.89 5.62 -18.31
C GLU A 556 5.01 5.44 -19.32
N LEU A 557 6.23 5.34 -18.80
CA LEU A 557 7.42 5.20 -19.64
C LEU A 557 7.87 3.75 -19.80
N ASN A 558 7.14 2.80 -19.22
CA ASN A 558 7.49 1.40 -19.36
C ASN A 558 7.17 0.88 -20.75
N VAL A 559 7.75 -0.27 -21.09
CA VAL A 559 7.48 -0.88 -22.39
C VAL A 559 6.01 -1.22 -22.53
N GLY A 560 5.42 -1.81 -21.49
CA GLY A 560 4.00 -2.09 -21.48
C GLY A 560 3.52 -2.63 -20.16
N ARG A 561 2.43 -2.06 -19.65
CA ARG A 561 1.81 -2.51 -18.41
C ARG A 561 0.31 -2.66 -18.64
N THR A 562 -0.28 -3.61 -17.91
CA THR A 562 -1.68 -3.97 -18.14
C THR A 562 -2.36 -4.24 -16.80
N PHE A 563 -3.68 -4.08 -16.80
CA PHE A 563 -4.52 -4.49 -15.68
C PHE A 563 -5.67 -5.33 -16.21
N GLY A 564 -6.15 -6.24 -15.36
CA GLY A 564 -7.13 -7.22 -15.79
C GLY A 564 -8.56 -6.81 -15.55
N LYS A 565 -9.46 -7.45 -16.28
CA LYS A 565 -10.90 -7.23 -16.17
C LYS A 565 -11.59 -8.58 -16.15
N LEU A 566 -12.49 -8.75 -15.18
CA LEU A 566 -13.22 -9.98 -14.95
C LEU A 566 -14.71 -9.76 -15.18
N PRO A 567 -15.47 -10.83 -15.45
CA PRO A 567 -16.93 -10.70 -15.54
C PRO A 567 -17.53 -10.15 -14.26
N TYR A 568 -18.78 -9.70 -14.36
CA TYR A 568 -19.40 -8.94 -13.28
C TYR A 568 -19.49 -9.70 -11.97
N PRO A 569 -20.02 -10.93 -11.90
CA PRO A 569 -20.07 -11.61 -10.59
C PRO A 569 -18.71 -11.85 -9.97
N THR A 570 -17.70 -12.17 -10.77
CA THR A 570 -16.36 -12.34 -10.22
C THR A 570 -15.78 -11.02 -9.72
N ARG A 571 -16.09 -9.92 -10.41
CA ARG A 571 -15.70 -8.62 -9.90
C ARG A 571 -16.37 -8.31 -8.57
N ASN A 572 -17.64 -8.71 -8.43
CA ASN A 572 -18.33 -8.54 -7.16
C ASN A 572 -17.66 -9.35 -6.06
N VAL A 573 -17.26 -10.59 -6.36
CA VAL A 573 -16.55 -11.41 -5.39
C VAL A 573 -15.22 -10.78 -5.00
N GLN A 574 -14.49 -10.25 -5.99
CA GLN A 574 -13.21 -9.61 -5.71
C GLN A 574 -13.39 -8.38 -4.82
N THR A 575 -14.39 -7.55 -5.12
CA THR A 575 -14.65 -6.38 -4.29
C THR A 575 -15.06 -6.78 -2.88
N LEU A 576 -15.87 -7.83 -2.76
CA LEU A 576 -16.27 -8.33 -1.45
C LEU A 576 -15.07 -8.79 -0.65
N CYS A 577 -14.17 -9.55 -1.27
CA CYS A 577 -12.98 -10.02 -0.57
C CYS A 577 -12.08 -8.85 -0.14
N GLU A 578 -11.92 -7.86 -1.01
CA GLU A 578 -11.11 -6.69 -0.65
C GLU A 578 -11.73 -5.94 0.52
N ALA A 579 -13.06 -5.75 0.50
CA ALA A 579 -13.72 -5.06 1.60
C ALA A 579 -13.60 -5.84 2.91
N LEU A 580 -13.73 -7.17 2.83
CA LEU A 580 -13.60 -7.98 4.04
C LEU A 580 -12.19 -7.92 4.60
N LEU A 581 -11.18 -7.98 3.72
CA LEU A 581 -9.80 -7.97 4.19
C LEU A 581 -9.33 -6.59 4.63
N ALA A 582 -10.01 -5.52 4.18
CA ALA A 582 -9.55 -4.18 4.50
C ALA A 582 -9.59 -3.90 6.00
N ASP A 583 -10.67 -4.31 6.67
CA ASP A 583 -10.85 -3.99 8.08
C ASP A 583 -10.84 -5.21 9.00
N GLY A 584 -11.22 -6.38 8.52
CA GLY A 584 -11.10 -7.57 9.34
C GLY A 584 -9.65 -7.95 9.54
N LEU A 585 -9.00 -8.39 8.48
CA LEU A 585 -7.56 -8.64 8.49
C LEU A 585 -6.85 -7.37 8.05
N ALA A 586 -5.55 -7.49 7.76
CA ALA A 586 -4.71 -6.37 7.33
C ALA A 586 -4.62 -5.29 8.39
N LYS A 587 -5.21 -5.53 9.55
CA LYS A 587 -5.03 -4.67 10.72
C LYS A 587 -4.00 -5.22 11.68
N ALA A 588 -3.72 -6.53 11.62
CA ALA A 588 -2.60 -7.12 12.34
C ALA A 588 -1.27 -6.73 11.74
N PHE A 589 -1.27 -6.19 10.52
CA PHE A 589 -0.04 -5.81 9.81
C PHE A 589 -0.17 -4.37 9.38
N PRO A 590 0.19 -3.42 10.25
CA PRO A 590 0.08 -1.99 9.88
C PRO A 590 1.06 -1.65 8.77
N SER A 591 0.51 -1.17 7.65
CA SER A 591 1.32 -0.86 6.48
C SER A 591 1.95 0.52 6.59
N ASN A 592 1.12 1.54 6.83
CA ASN A 592 1.62 2.90 6.94
C ASN A 592 2.23 3.15 8.31
N MET A 593 3.56 3.14 8.38
CA MET A 593 4.30 3.32 9.63
C MET A 593 5.43 4.33 9.42
N MET A 594 5.10 5.48 8.81
CA MET A 594 6.08 6.52 8.59
C MET A 594 6.70 6.99 9.90
N VAL A 595 7.99 6.73 10.07
CA VAL A 595 8.73 7.15 11.24
C VAL A 595 10.04 7.76 10.78
N VAL A 596 10.44 8.86 11.40
CA VAL A 596 11.74 9.50 11.15
C VAL A 596 12.49 9.46 12.47
N THR A 597 13.53 8.63 12.53
CA THR A 597 14.27 8.45 13.78
C THR A 597 15.02 9.70 14.21
N GLU A 598 15.31 10.61 13.28
CA GLU A 598 16.05 11.81 13.64
C GLU A 598 15.22 12.74 14.51
N ARG A 599 13.99 13.03 14.09
CA ARG A 599 13.09 13.89 14.86
C ARG A 599 12.13 13.03 15.70
N GLU A 600 12.72 12.22 16.57
CA GLU A 600 11.96 11.37 17.48
C GLU A 600 12.63 11.42 18.85
N GLN A 601 11.81 11.36 19.90
CA GLN A 601 12.32 11.48 21.26
C GLN A 601 13.23 10.31 21.61
N LYS A 602 14.29 10.62 22.35
CA LYS A 602 15.31 9.62 22.69
C LYS A 602 14.76 8.50 23.57
N GLU A 603 13.98 8.87 24.59
CA GLU A 603 13.52 7.87 25.55
C GLU A 603 12.55 6.88 24.92
N SER A 604 11.58 7.38 24.12
CA SER A 604 10.65 6.47 23.46
C SER A 604 11.35 5.60 22.44
N LEU A 605 12.29 6.18 21.68
CA LEU A 605 13.02 5.40 20.69
C LEU A 605 13.84 4.30 21.34
N LEU A 606 14.51 4.61 22.45
CA LEU A 606 15.29 3.60 23.16
C LEU A 606 14.40 2.54 23.79
N HIS A 607 13.22 2.94 24.31
CA HIS A 607 12.30 1.96 24.87
C HIS A 607 11.81 1.00 23.80
N GLN A 608 11.48 1.52 22.61
CA GLN A 608 10.91 0.66 21.54
C GLN A 608 12.03 -0.15 20.87
N ALA A 609 13.27 0.35 20.86
CA ALA A 609 14.35 -0.31 20.16
C ALA A 609 15.09 -1.39 20.96
N SER A 610 14.63 -1.70 22.17
CA SER A 610 15.28 -2.71 23.00
C SER A 610 14.71 -4.08 22.63
N TRP A 611 15.48 -4.86 21.87
CA TRP A 611 15.01 -6.16 21.43
C TRP A 611 15.02 -7.18 22.56
N HIS A 612 16.08 -7.19 23.37
CA HIS A 612 16.23 -8.19 24.42
C HIS A 612 15.40 -7.81 25.66
N HIS A 613 14.09 -7.68 25.43
CA HIS A 613 13.13 -7.35 26.48
C HIS A 613 13.51 -6.08 27.23
N THR A 614 13.00 -5.93 28.45
CA THR A 614 13.28 -4.77 29.30
C THR A 614 13.00 -3.47 28.57
N SER A 615 11.77 -3.36 28.05
CA SER A 615 11.38 -2.14 27.34
C SER A 615 11.42 -0.93 28.26
N ASP A 616 10.94 -1.09 29.49
CA ASP A 616 10.96 -0.03 30.49
C ASP A 616 11.90 -0.34 31.65
N ASP A 617 12.78 -1.33 31.50
CA ASP A 617 13.70 -1.71 32.56
C ASP A 617 15.17 -1.73 32.13
N PHE A 618 15.47 -1.55 30.85
CA PHE A 618 16.84 -1.56 30.39
C PHE A 618 17.58 -0.31 30.86
N GLY A 619 18.90 -0.42 30.92
CA GLY A 619 19.71 0.72 31.32
C GLY A 619 19.62 1.85 30.31
N GLU A 620 19.63 3.07 30.81
CA GLU A 620 19.53 4.26 29.97
C GLU A 620 20.88 4.59 29.37
N HIS A 621 20.99 5.77 28.76
CA HIS A 621 22.22 6.26 28.13
C HIS A 621 22.69 5.29 27.04
N ALA A 622 21.85 5.15 26.01
CA ALA A 622 22.16 4.27 24.89
C ALA A 622 21.53 4.88 23.64
N THR A 623 22.33 5.59 22.85
CA THR A 623 21.82 6.23 21.64
C THR A 623 21.46 5.19 20.59
N VAL A 624 20.45 5.51 19.78
CA VAL A 624 19.95 4.62 18.74
C VAL A 624 20.12 5.33 17.40
N ARG A 625 20.80 4.66 16.47
CA ARG A 625 20.99 5.15 15.12
C ARG A 625 20.33 4.17 14.15
N GLY A 626 19.50 4.69 13.26
CA GLY A 626 18.72 3.87 12.35
C GLY A 626 19.21 3.99 10.92
N SER A 627 19.12 2.88 10.19
CA SER A 627 19.40 2.83 8.76
C SER A 627 18.17 2.30 8.03
N SER A 628 18.22 2.26 6.70
CA SER A 628 17.04 1.82 5.97
C SER A 628 17.45 1.30 4.60
N PHE A 629 16.51 0.60 3.96
CA PHE A 629 16.65 0.21 2.57
C PHE A 629 15.27 0.07 1.94
N VAL A 630 15.23 0.21 0.61
CA VAL A 630 13.98 0.30 -0.14
C VAL A 630 13.90 -0.86 -1.12
N THR A 631 12.74 -1.50 -1.17
CA THR A 631 12.46 -2.60 -2.09
C THR A 631 11.20 -2.28 -2.88
N ASP A 632 11.04 -2.98 -4.00
CA ASP A 632 9.89 -2.82 -4.88
C ASP A 632 8.95 -3.99 -4.66
N LEU A 633 7.70 -3.70 -4.33
CA LEU A 633 6.70 -4.72 -4.02
C LEU A 633 5.85 -5.10 -5.22
N GLU A 634 5.82 -4.28 -6.27
CA GLU A 634 5.01 -4.59 -7.44
C GLU A 634 5.46 -5.88 -8.11
N LYS A 635 6.77 -6.06 -8.28
CA LYS A 635 7.29 -7.24 -8.97
C LYS A 635 6.92 -8.55 -8.28
N TYR A 636 6.51 -8.50 -7.02
CA TYR A 636 6.09 -9.70 -6.32
C TYR A 636 4.86 -10.33 -6.97
N ASN A 637 4.04 -9.51 -7.64
CA ASN A 637 2.69 -9.96 -8.03
C ASN A 637 2.75 -11.21 -8.92
N LEU A 638 3.64 -11.22 -9.90
CA LEU A 638 3.71 -12.35 -10.82
C LEU A 638 4.53 -13.51 -10.28
N ALA A 639 5.18 -13.35 -9.13
CA ALA A 639 6.05 -14.39 -8.59
C ALA A 639 5.36 -15.27 -7.57
N PHE A 640 4.05 -15.10 -7.37
CA PHE A 640 3.31 -15.88 -6.40
C PHE A 640 2.81 -17.17 -7.03
N ARG A 641 2.95 -18.27 -6.30
CA ARG A 641 2.49 -19.58 -6.74
C ARG A 641 1.57 -20.17 -5.68
N TYR A 642 0.72 -21.10 -6.12
CA TYR A 642 -0.25 -21.70 -5.20
C TYR A 642 0.44 -22.49 -4.09
N GLU A 643 1.56 -23.15 -4.40
CA GLU A 643 2.25 -23.97 -3.41
C GLU A 643 2.81 -23.15 -2.25
N PHE A 644 2.82 -21.83 -2.37
CA PHE A 644 3.32 -20.97 -1.31
C PHE A 644 2.19 -20.25 -0.60
N THR A 645 1.13 -19.88 -1.31
CA THR A 645 0.04 -19.10 -0.75
C THR A 645 -1.17 -19.93 -0.34
N ALA A 646 -1.13 -21.26 -0.55
CA ALA A 646 -2.28 -22.08 -0.18
C ALA A 646 -2.56 -22.08 1.32
N PRO A 647 -1.60 -22.32 2.22
CA PRO A 647 -1.93 -22.32 3.66
C PRO A 647 -2.47 -20.99 4.15
N PHE A 648 -1.92 -19.88 3.65
CA PHE A 648 -2.39 -18.56 4.08
C PHE A 648 -3.83 -18.33 3.65
N ILE A 649 -4.17 -18.70 2.41
CA ILE A 649 -5.53 -18.55 1.93
C ILE A 649 -6.49 -19.43 2.72
N GLU A 650 -6.07 -20.66 3.02
CA GLU A 650 -6.93 -21.54 3.82
C GLU A 650 -7.16 -20.99 5.22
N TYR A 651 -6.11 -20.44 5.84
CA TYR A 651 -6.29 -19.83 7.15
C TYR A 651 -7.21 -18.62 7.09
N CYS A 652 -7.10 -17.83 6.01
CA CYS A 652 -8.02 -16.69 5.85
C CYS A 652 -9.46 -17.18 5.70
N ASN A 653 -9.66 -18.28 4.99
CA ASN A 653 -10.98 -18.88 4.89
C ASN A 653 -11.49 -19.32 6.26
N ARG A 654 -10.62 -19.94 7.05
CA ARG A 654 -11.06 -20.49 8.33
C ARG A 654 -11.34 -19.39 9.36
N CYS A 655 -10.61 -18.28 9.31
CA CYS A 655 -10.84 -17.19 10.25
C CYS A 655 -12.22 -16.57 10.07
N TYR A 656 -12.83 -16.72 8.90
CA TYR A 656 -14.19 -16.29 8.65
C TYR A 656 -15.10 -17.51 8.64
N GLY A 657 -16.37 -17.30 8.31
CA GLY A 657 -17.30 -18.41 8.13
C GLY A 657 -17.35 -18.97 6.74
N VAL A 658 -16.46 -18.53 5.85
CA VAL A 658 -16.50 -18.92 4.44
C VAL A 658 -15.83 -20.27 4.26
N LYS A 659 -16.00 -20.87 3.08
CA LYS A 659 -15.41 -22.17 2.79
C LYS A 659 -14.46 -22.13 1.60
N ASN A 660 -14.86 -21.55 0.48
CA ASN A 660 -14.04 -21.52 -0.73
C ASN A 660 -14.10 -20.14 -1.38
N VAL A 661 -13.99 -19.10 -0.56
CA VAL A 661 -14.17 -17.73 -1.02
C VAL A 661 -12.85 -17.07 -1.39
N PHE A 662 -11.84 -17.16 -0.53
CA PHE A 662 -10.62 -16.39 -0.69
C PHE A 662 -9.67 -16.98 -1.73
N ASN A 663 -9.96 -18.18 -2.25
CA ASN A 663 -9.12 -18.82 -3.25
C ASN A 663 -9.80 -18.87 -4.62
N TRP A 664 -10.62 -17.86 -4.91
CA TRP A 664 -11.28 -17.78 -6.21
C TRP A 664 -10.27 -17.57 -7.33
N MET A 665 -9.25 -16.74 -7.08
CA MET A 665 -8.32 -16.34 -8.13
C MET A 665 -7.48 -17.51 -8.61
N HIS A 666 -6.85 -18.23 -7.67
CA HIS A 666 -5.97 -19.33 -8.04
C HIS A 666 -6.71 -20.51 -8.64
N TYR A 667 -8.03 -20.56 -8.50
CA TYR A 667 -8.82 -21.65 -9.07
C TYR A 667 -9.31 -21.37 -10.48
N THR A 668 -9.46 -20.10 -10.86
CA THR A 668 -10.02 -19.74 -12.15
C THR A 668 -9.05 -19.07 -13.10
N ILE A 669 -7.98 -18.45 -12.60
CA ILE A 669 -7.06 -17.74 -13.49
C ILE A 669 -6.36 -18.67 -14.48
N PRO A 670 -5.80 -19.82 -14.07
CA PRO A 670 -5.16 -20.70 -15.08
C PRO A 670 -6.13 -21.26 -16.10
N GLN A 671 -7.42 -21.27 -15.82
CA GLN A 671 -8.41 -21.83 -16.75
C GLN A 671 -8.87 -20.83 -17.81
N CYS A 672 -8.38 -19.60 -17.77
CA CYS A 672 -8.81 -18.57 -18.70
C CYS A 672 -7.90 -18.51 -19.92
N TYR A 673 -8.35 -17.77 -20.93
CA TYR A 673 -7.59 -17.53 -22.15
C TYR A 673 -7.15 -16.07 -22.15
N MET A 674 -5.86 -15.84 -21.95
CA MET A 674 -5.35 -14.49 -21.75
C MET A 674 -5.15 -13.79 -23.10
N HIS A 675 -5.69 -12.57 -23.20
CA HIS A 675 -5.54 -11.77 -24.40
C HIS A 675 -5.78 -10.31 -24.04
N VAL A 676 -5.39 -9.42 -24.94
CA VAL A 676 -5.58 -7.99 -24.76
C VAL A 676 -6.79 -7.56 -25.58
N SER A 677 -7.75 -6.93 -24.91
CA SER A 677 -9.01 -6.54 -25.56
C SER A 677 -8.87 -5.15 -26.15
N ASP A 678 -8.24 -5.09 -27.32
CA ASP A 678 -8.10 -3.86 -28.08
C ASP A 678 -8.91 -3.96 -29.36
N TYR A 679 -9.50 -2.84 -29.77
CA TYR A 679 -10.52 -2.86 -30.82
C TYR A 679 -9.93 -3.29 -32.17
N TYR A 680 -8.75 -2.80 -32.52
CA TYR A 680 -8.27 -2.86 -33.89
C TYR A 680 -7.19 -3.91 -34.13
N ASN A 681 -6.99 -4.86 -33.22
CA ASN A 681 -6.06 -5.97 -33.46
C ASN A 681 -6.47 -7.17 -32.62
N PRO A 682 -7.21 -8.10 -33.21
CA PRO A 682 -7.53 -9.35 -32.51
C PRO A 682 -6.30 -10.24 -32.43
N PRO A 683 -6.35 -11.31 -31.64
CA PRO A 683 -5.21 -12.23 -31.57
C PRO A 683 -4.93 -12.86 -32.93
N HIS A 684 -3.66 -13.20 -33.14
CA HIS A 684 -3.21 -13.68 -34.44
C HIS A 684 -3.89 -14.99 -34.81
N ASN A 685 -4.18 -15.13 -36.11
CA ASN A 685 -4.75 -16.36 -36.68
C ASN A 685 -6.07 -16.74 -36.00
N LEU A 686 -7.01 -15.81 -36.05
CA LEU A 686 -8.34 -15.99 -35.48
C LEU A 686 -9.34 -16.02 -36.62
N THR A 687 -9.99 -17.18 -36.80
CA THR A 687 -11.02 -17.36 -37.82
C THR A 687 -12.31 -17.85 -37.16
N LEU A 688 -13.35 -18.00 -37.97
CA LEU A 688 -14.63 -18.44 -37.45
C LEU A 688 -14.59 -19.91 -37.04
N GLU A 689 -13.78 -20.72 -37.73
CA GLU A 689 -13.70 -22.14 -37.41
C GLU A 689 -13.11 -22.37 -36.02
N ASN A 690 -11.97 -21.76 -35.74
CA ASN A 690 -11.32 -21.89 -34.44
C ASN A 690 -11.75 -20.80 -33.48
N ARG A 691 -13.06 -20.66 -33.30
CA ARG A 691 -13.60 -19.63 -32.41
C ARG A 691 -13.77 -20.14 -30.98
N ASN A 692 -14.29 -21.35 -30.80
CA ASN A 692 -14.47 -21.90 -29.46
C ASN A 692 -13.14 -22.34 -28.86
N ASN A 693 -12.18 -22.74 -29.68
CA ASN A 693 -10.86 -23.18 -29.23
C ASN A 693 -9.80 -22.40 -30.00
N PRO A 694 -9.66 -21.11 -29.71
CA PRO A 694 -8.73 -20.29 -30.48
C PRO A 694 -7.29 -20.70 -30.22
N PRO A 695 -6.41 -20.57 -31.20
CA PRO A 695 -5.00 -20.86 -30.98
C PRO A 695 -4.30 -19.71 -30.27
N GLU A 696 -3.16 -20.02 -29.68
CA GLU A 696 -2.34 -19.03 -29.00
C GLU A 696 -1.17 -18.62 -29.90
N GLY A 697 -0.82 -17.33 -29.84
CA GLY A 697 0.24 -16.80 -30.66
C GLY A 697 1.11 -15.83 -29.91
N PRO A 698 1.61 -14.81 -30.61
CA PRO A 698 2.46 -13.81 -29.95
C PRO A 698 1.72 -12.96 -28.93
N SER A 699 0.39 -12.93 -28.96
CA SER A 699 -0.39 -12.10 -28.05
C SER A 699 -1.45 -12.91 -27.32
N SER A 700 -1.12 -14.15 -26.97
CA SER A 700 -2.04 -15.00 -26.22
C SER A 700 -1.28 -16.14 -25.58
N TYR A 701 -1.83 -16.66 -24.49
CA TYR A 701 -1.31 -17.84 -23.83
C TYR A 701 -2.39 -18.40 -22.91
N ARG A 702 -2.14 -19.57 -22.34
CA ARG A 702 -3.14 -20.31 -21.58
C ARG A 702 -2.80 -20.41 -20.10
N GLY A 703 -1.63 -20.97 -19.77
CA GLY A 703 -1.34 -21.32 -18.39
C GLY A 703 -0.73 -20.21 -17.54
N HIS A 704 -1.52 -19.22 -17.17
CA HIS A 704 -1.05 -18.15 -16.30
C HIS A 704 -1.06 -18.66 -14.86
N MET A 705 0.12 -18.96 -14.32
CA MET A 705 0.23 -19.55 -12.99
C MET A 705 0.47 -18.51 -11.90
N GLY A 706 0.89 -17.30 -12.27
CA GLY A 706 1.22 -16.27 -11.30
C GLY A 706 0.03 -15.42 -10.91
N GLY A 707 0.32 -14.21 -10.43
CA GLY A 707 -0.69 -13.29 -9.98
C GLY A 707 -0.98 -12.18 -10.98
N ILE A 708 -1.90 -11.30 -10.57
CA ILE A 708 -2.28 -10.12 -11.34
C ILE A 708 -2.28 -8.93 -10.38
N GLU A 709 -1.77 -7.80 -10.84
CA GLU A 709 -1.67 -6.62 -9.99
C GLU A 709 -3.06 -6.11 -9.60
N GLY A 710 -3.15 -5.57 -8.39
CA GLY A 710 -4.38 -5.05 -7.85
C GLY A 710 -5.27 -6.08 -7.21
N LEU A 711 -5.28 -7.31 -7.73
CA LEU A 711 -6.09 -8.38 -7.18
C LEU A 711 -5.41 -8.93 -5.92
N GLN A 712 -6.18 -9.03 -4.84
CA GLN A 712 -5.68 -9.62 -3.58
C GLN A 712 -4.42 -8.93 -3.08
N GLN A 713 -4.41 -7.59 -3.13
CA GLN A 713 -3.23 -6.85 -2.71
C GLN A 713 -3.02 -6.92 -1.20
N LYS A 714 -4.11 -6.90 -0.43
CA LYS A 714 -4.00 -6.91 1.03
C LYS A 714 -3.34 -8.18 1.53
N LEU A 715 -3.72 -9.33 0.96
CA LEU A 715 -3.11 -10.60 1.38
C LEU A 715 -1.62 -10.63 1.08
N TRP A 716 -1.22 -10.13 -0.10
CA TRP A 716 0.18 -10.12 -0.46
C TRP A 716 0.98 -9.19 0.45
N THR A 717 0.42 -8.02 0.78
CA THR A 717 1.08 -7.13 1.71
C THR A 717 1.23 -7.77 3.09
N SER A 718 0.19 -8.47 3.54
CA SER A 718 0.28 -9.16 4.83
C SER A 718 1.35 -10.24 4.81
N ILE A 719 1.45 -10.98 3.71
CA ILE A 719 2.49 -12.01 3.61
C ILE A 719 3.87 -11.39 3.63
N SER A 720 4.05 -10.25 2.94
CA SER A 720 5.33 -9.56 2.97
C SER A 720 5.68 -9.10 4.39
N CYS A 721 4.69 -8.56 5.11
CA CYS A 721 4.94 -8.16 6.49
C CYS A 721 5.30 -9.35 7.36
N ALA A 722 4.65 -10.50 7.13
CA ALA A 722 5.00 -11.71 7.87
C ALA A 722 6.43 -12.14 7.59
N GLN A 723 6.86 -12.04 6.32
CA GLN A 723 8.24 -12.36 5.99
C GLN A 723 9.21 -11.43 6.71
N ILE A 724 8.90 -10.14 6.74
CA ILE A 724 9.76 -9.18 7.43
C ILE A 724 9.82 -9.49 8.93
N SER A 725 8.68 -9.87 9.52
CA SER A 725 8.68 -10.25 10.93
C SER A 725 9.50 -11.50 11.17
N LEU A 726 9.45 -12.46 10.26
CA LEU A 726 10.30 -13.64 10.36
C LEU A 726 11.77 -13.26 10.33
N VAL A 727 12.14 -12.35 9.43
CA VAL A 727 13.53 -11.88 9.38
C VAL A 727 13.91 -11.21 10.70
N GLU A 728 13.02 -10.42 11.26
CA GLU A 728 13.29 -9.77 12.55
C GLU A 728 13.47 -10.79 13.66
N ILE A 729 12.69 -11.87 13.64
CA ILE A 729 12.83 -12.91 14.65
C ILE A 729 14.15 -13.64 14.49
N LYS A 730 14.56 -13.92 13.24
CA LYS A 730 15.75 -14.71 13.01
C LYS A 730 17.01 -14.00 13.50
N THR A 731 17.18 -12.73 13.13
CA THR A 731 18.31 -11.93 13.57
C THR A 731 17.83 -10.84 14.51
N GLY A 732 18.48 -10.73 15.66
CA GLY A 732 17.97 -9.90 16.75
C GLY A 732 18.10 -8.40 16.52
N PHE A 733 17.32 -7.87 15.59
CA PHE A 733 17.31 -6.45 15.30
C PHE A 733 15.88 -5.93 15.33
N LYS A 734 15.76 -4.62 15.56
CA LYS A 734 14.46 -3.96 15.57
C LYS A 734 14.14 -3.46 14.17
N LEU A 735 13.05 -3.95 13.60
CA LEU A 735 12.68 -3.69 12.22
C LEU A 735 11.36 -2.94 12.16
N ARG A 736 11.28 -1.98 11.23
CA ARG A 736 10.05 -1.25 10.96
C ARG A 736 9.78 -1.32 9.45
N SER A 737 8.52 -1.50 9.08
CA SER A 737 8.13 -1.64 7.69
C SER A 737 7.11 -0.60 7.31
N ALA A 738 7.26 -0.02 6.13
CA ALA A 738 6.28 0.90 5.58
C ALA A 738 6.05 0.56 4.11
N VAL A 739 4.79 0.62 3.68
CA VAL A 739 4.41 0.31 2.31
C VAL A 739 3.62 1.48 1.74
N MET A 740 4.00 1.92 0.54
CA MET A 740 3.23 2.98 -0.14
C MET A 740 3.42 2.81 -1.64
N GLY A 741 2.31 2.65 -2.35
CA GLY A 741 2.36 2.42 -3.78
C GLY A 741 3.12 1.15 -4.13
N ASP A 742 4.12 1.27 -5.00
CA ASP A 742 4.97 0.16 -5.38
C ASP A 742 6.33 0.21 -4.67
N ASN A 743 6.36 0.75 -3.46
CA ASN A 743 7.60 0.87 -2.70
C ASN A 743 7.39 0.39 -1.27
N GLN A 744 8.43 -0.23 -0.72
CA GLN A 744 8.46 -0.65 0.67
C GLN A 744 9.77 -0.20 1.28
N CYS A 745 9.69 0.46 2.44
CA CYS A 745 10.86 0.93 3.16
C CYS A 745 11.01 0.15 4.45
N ILE A 746 12.20 -0.42 4.66
CA ILE A 746 12.49 -1.19 5.87
C ILE A 746 13.57 -0.45 6.63
N THR A 747 13.29 -0.16 7.90
CA THR A 747 14.18 0.60 8.77
C THR A 747 14.70 -0.31 9.88
N VAL A 748 16.02 -0.28 10.08
CA VAL A 748 16.70 -1.11 11.07
C VAL A 748 17.24 -0.21 12.16
N LEU A 749 16.93 -0.54 13.41
CA LEU A 749 17.39 0.21 14.57
C LEU A 749 18.52 -0.57 15.25
N SER A 750 19.61 0.12 15.56
CA SER A 750 20.85 -0.54 15.99
C SER A 750 21.01 -0.60 17.51
N VAL A 751 20.87 0.53 18.20
CA VAL A 751 21.10 0.67 19.64
C VAL A 751 22.59 0.49 19.94
N PHE A 752 23.20 1.51 20.54
CA PHE A 752 24.62 1.50 20.81
C PHE A 752 24.87 1.79 22.28
N PRO A 753 25.96 1.26 22.85
CA PRO A 753 26.22 1.44 24.28
C PRO A 753 26.96 2.72 24.61
N LEU A 754 26.96 3.67 23.68
CA LEU A 754 27.65 4.95 23.82
C LEU A 754 29.17 4.75 23.81
N GLU A 755 29.92 5.84 24.03
CA GLU A 755 31.37 5.83 23.95
C GLU A 755 31.84 5.32 22.59
N THR A 756 31.13 5.70 21.53
CA THR A 756 31.42 5.24 20.18
C THR A 756 31.31 6.37 19.16
N ASP A 757 31.55 7.62 19.58
CA ASP A 757 31.60 8.87 18.80
C ASP A 757 30.55 8.83 17.68
N ALA A 758 30.90 9.25 16.46
CA ALA A 758 29.98 9.24 15.34
C ALA A 758 30.60 8.77 14.04
N ASP A 759 31.84 8.27 14.07
CA ASP A 759 32.52 7.83 12.86
C ASP A 759 32.18 6.38 12.54
N GLU A 760 32.49 5.46 13.46
CA GLU A 760 32.17 4.05 13.24
C GLU A 760 30.74 3.69 13.62
N GLN A 761 30.03 4.59 14.30
CA GLN A 761 28.63 4.34 14.63
C GLN A 761 27.78 4.19 13.36
N GLU A 762 27.93 5.13 12.42
CA GLU A 762 27.18 5.06 11.18
C GLU A 762 27.63 3.87 10.34
N GLN A 763 28.91 3.54 10.38
CA GLN A 763 29.40 2.36 9.65
C GLN A 763 28.76 1.08 10.21
N SER A 764 28.68 0.96 11.53
CA SER A 764 28.06 -0.21 12.13
C SER A 764 26.57 -0.27 11.80
N ALA A 765 25.89 0.88 11.82
CA ALA A 765 24.47 0.89 11.46
C ALA A 765 24.27 0.46 10.01
N GLU A 766 25.11 0.95 9.10
CA GLU A 766 25.00 0.57 7.69
C GLU A 766 25.29 -0.91 7.50
N ASP A 767 26.28 -1.44 8.22
CA ASP A 767 26.58 -2.87 8.13
C ASP A 767 25.42 -3.72 8.63
N ASN A 768 24.79 -3.30 9.74
CA ASN A 768 23.62 -4.02 10.24
C ASN A 768 22.50 -3.99 9.22
N ALA A 769 22.26 -2.84 8.58
CA ALA A 769 21.24 -2.76 7.55
C ALA A 769 21.56 -3.68 6.39
N ALA A 770 22.84 -3.74 5.99
CA ALA A 770 23.24 -4.60 4.88
C ALA A 770 23.01 -6.07 5.20
N ARG A 771 23.36 -6.49 6.42
CA ARG A 771 23.17 -7.90 6.79
C ARG A 771 21.69 -8.24 6.90
N VAL A 772 20.87 -7.31 7.39
CA VAL A 772 19.43 -7.52 7.42
C VAL A 772 18.88 -7.66 6.00
N ALA A 773 19.35 -6.81 5.08
CA ALA A 773 18.92 -6.91 3.69
C ALA A 773 19.32 -8.25 3.08
N ALA A 774 20.53 -8.72 3.39
CA ALA A 774 20.97 -10.01 2.86
C ALA A 774 20.10 -11.15 3.37
N SER A 775 19.78 -11.14 4.67
CA SER A 775 18.93 -12.18 5.24
C SER A 775 17.53 -12.14 4.61
N LEU A 776 16.98 -10.93 4.45
CA LEU A 776 15.66 -10.81 3.84
C LEU A 776 15.67 -11.30 2.41
N ALA A 777 16.74 -11.00 1.66
CA ALA A 777 16.84 -11.49 0.29
C ALA A 777 16.90 -13.01 0.26
N LYS A 778 17.66 -13.62 1.17
CA LYS A 778 17.72 -15.07 1.23
C LYS A 778 16.35 -15.68 1.50
N VAL A 779 15.62 -15.11 2.48
CA VAL A 779 14.30 -15.64 2.83
C VAL A 779 13.34 -15.50 1.65
N THR A 780 13.32 -14.31 1.04
CA THR A 780 12.40 -14.08 -0.07
C THR A 780 12.71 -14.99 -1.26
N SER A 781 13.99 -15.17 -1.57
CA SER A 781 14.36 -16.10 -2.64
C SER A 781 13.97 -17.52 -2.31
N ALA A 782 14.09 -17.93 -1.05
CA ALA A 782 13.60 -19.24 -0.64
C ALA A 782 12.09 -19.37 -0.80
N CYS A 783 11.36 -18.26 -0.69
CA CYS A 783 9.91 -18.27 -0.88
C CYS A 783 9.51 -18.18 -2.35
N GLY A 784 10.47 -18.02 -3.26
CA GLY A 784 10.19 -17.98 -4.69
C GLY A 784 10.15 -16.61 -5.32
N ILE A 785 10.48 -15.56 -4.57
CA ILE A 785 10.50 -14.19 -5.08
C ILE A 785 11.93 -13.68 -4.99
N PHE A 786 12.47 -13.19 -6.10
CA PHE A 786 13.88 -12.82 -6.18
C PHE A 786 14.00 -11.30 -6.15
N LEU A 787 14.72 -10.80 -5.14
CA LEU A 787 15.08 -9.39 -5.10
C LEU A 787 16.29 -9.13 -6.01
N LYS A 788 16.54 -7.85 -6.28
CA LYS A 788 17.67 -7.47 -7.10
C LYS A 788 18.74 -6.88 -6.20
N PRO A 789 19.83 -7.59 -5.92
CA PRO A 789 20.90 -7.01 -5.10
C PRO A 789 21.55 -5.79 -5.72
N ASP A 790 21.55 -5.70 -7.05
CA ASP A 790 22.10 -4.55 -7.75
C ASP A 790 21.11 -3.39 -7.87
N GLU A 791 19.89 -3.56 -7.36
CA GLU A 791 18.91 -2.49 -7.32
C GLU A 791 18.39 -2.18 -5.92
N THR A 792 18.69 -2.99 -4.92
CA THR A 792 18.36 -2.70 -3.54
C THR A 792 19.54 -1.99 -2.88
N PHE A 793 19.27 -0.84 -2.27
CA PHE A 793 20.32 0.07 -1.83
C PHE A 793 20.08 0.47 -0.39
N VAL A 794 21.18 0.67 0.35
CA VAL A 794 21.15 0.93 1.78
C VAL A 794 21.47 2.39 2.03
N HIS A 795 20.60 3.06 2.78
CA HIS A 795 20.78 4.46 3.14
C HIS A 795 20.88 4.59 4.65
N SER A 796 21.56 5.66 5.08
CA SER A 796 21.77 5.93 6.50
C SER A 796 20.82 7.00 7.04
N GLY A 797 20.68 8.11 6.34
CA GLY A 797 19.82 9.19 6.81
C GLY A 797 18.84 9.69 5.76
N PHE A 798 19.05 9.31 4.51
CA PHE A 798 18.20 9.73 3.41
C PHE A 798 17.11 8.69 3.20
N ILE A 799 15.86 9.05 3.48
CA ILE A 799 14.73 8.14 3.32
C ILE A 799 13.72 8.83 2.41
N TYR A 800 13.43 8.21 1.28
CA TYR A 800 12.40 8.70 0.38
C TYR A 800 11.26 7.69 0.35
N PHE A 801 10.02 8.17 0.42
CA PHE A 801 8.90 7.24 0.50
C PHE A 801 7.62 7.96 0.12
N GLY A 802 6.98 7.48 -0.95
CA GLY A 802 5.68 7.98 -1.33
C GLY A 802 5.67 9.48 -1.54
N LYS A 803 5.01 10.18 -0.63
CA LYS A 803 4.80 11.61 -0.75
C LYS A 803 5.83 12.46 -0.02
N LYS A 804 6.79 11.85 0.67
CA LYS A 804 7.74 12.64 1.44
C LYS A 804 9.12 12.01 1.43
N GLN A 805 10.13 12.87 1.34
CA GLN A 805 11.52 12.45 1.39
C GLN A 805 12.29 13.35 2.36
N TYR A 806 13.08 12.73 3.22
CA TYR A 806 13.86 13.42 4.23
C TYR A 806 15.33 13.09 4.05
N LEU A 807 16.19 14.05 4.36
CA LEU A 807 17.63 13.89 4.32
C LEU A 807 18.17 14.28 5.70
N ASN A 808 18.47 13.27 6.52
CA ASN A 808 18.98 13.47 7.88
C ASN A 808 18.02 14.34 8.69
N GLY A 809 16.73 14.07 8.58
CA GLY A 809 15.73 14.79 9.32
C GLY A 809 15.30 16.12 8.74
N VAL A 810 15.80 16.50 7.57
CA VAL A 810 15.46 17.75 6.91
C VAL A 810 14.57 17.44 5.72
N GLN A 811 13.39 18.06 5.67
CA GLN A 811 12.45 17.81 4.60
C GLN A 811 12.88 18.54 3.32
N LEU A 812 12.73 17.86 2.19
CA LEU A 812 13.12 18.46 0.92
C LEU A 812 11.88 18.90 0.14
N PRO A 813 11.93 20.07 -0.49
CA PRO A 813 10.75 20.57 -1.21
C PRO A 813 10.43 19.74 -2.44
N GLN A 814 9.13 19.63 -2.74
CA GLN A 814 8.66 18.91 -3.95
C GLN A 814 7.37 19.62 -4.39
N SER A 815 7.48 20.66 -5.21
CA SER A 815 6.34 21.47 -5.60
C SER A 815 6.08 21.51 -7.10
N LEU A 816 7.03 21.11 -7.94
CA LEU A 816 6.80 21.08 -9.37
C LEU A 816 5.87 19.94 -9.78
N LYS A 817 5.60 18.99 -8.88
CA LYS A 817 4.67 17.91 -9.20
C LYS A 817 3.26 18.44 -9.45
N THR A 818 2.81 19.39 -8.63
CA THR A 818 1.46 19.93 -8.73
C THR A 818 1.40 21.28 -9.42
N ALA A 819 2.44 22.11 -9.27
CA ALA A 819 2.40 23.45 -9.85
C ALA A 819 2.47 23.43 -11.37
N THR A 820 3.11 22.40 -11.94
CA THR A 820 3.27 22.32 -13.39
C THR A 820 2.07 21.70 -14.08
N ARG A 821 1.05 21.28 -13.34
CA ARG A 821 -0.15 20.68 -13.92
C ARG A 821 -1.27 21.68 -14.14
N MET A 822 -1.07 22.95 -13.82
CA MET A 822 -2.10 23.95 -14.03
C MET A 822 -2.33 24.17 -15.53
N ALA A 823 -3.59 24.33 -15.91
CA ALA A 823 -3.94 24.52 -17.31
C ALA A 823 -5.33 25.13 -17.37
N PRO A 824 -5.59 25.99 -18.37
CA PRO A 824 -6.94 26.54 -18.52
C PRO A 824 -8.01 25.49 -18.77
N LEU A 825 -7.69 24.39 -19.44
CA LEU A 825 -8.67 23.39 -19.83
C LEU A 825 -8.52 22.16 -18.97
N SER A 826 -9.64 21.70 -18.40
CA SER A 826 -9.68 20.47 -17.64
C SER A 826 -11.07 19.86 -17.77
N ASP A 827 -11.14 18.54 -17.59
CA ASP A 827 -12.41 17.82 -17.68
C ASP A 827 -13.18 18.02 -16.39
N ALA A 828 -14.12 18.96 -16.39
CA ALA A 828 -14.84 19.35 -15.19
C ALA A 828 -16.33 19.45 -15.45
N ILE A 829 -16.89 18.43 -16.14
CA ILE A 829 -18.32 18.32 -16.41
C ILE A 829 -18.80 19.49 -17.26
N PHE A 830 -18.88 19.27 -18.57
CA PHE A 830 -19.37 20.28 -19.51
C PHE A 830 -18.56 21.57 -19.46
N ASP A 831 -17.26 21.43 -19.16
CA ASP A 831 -16.33 22.57 -19.13
C ASP A 831 -16.83 23.67 -18.21
N ASP A 832 -17.30 23.29 -17.02
CA ASP A 832 -17.78 24.27 -16.06
C ASP A 832 -16.63 25.16 -15.60
N LEU A 833 -16.89 26.47 -15.56
CA LEU A 833 -15.86 27.41 -15.14
C LEU A 833 -15.52 27.25 -13.67
N GLN A 834 -16.53 27.00 -12.83
CA GLN A 834 -16.30 26.86 -11.40
C GLN A 834 -15.38 25.66 -11.11
N GLY A 835 -15.59 24.55 -11.80
CA GLY A 835 -14.75 23.39 -11.60
C GLY A 835 -13.29 23.66 -11.96
N THR A 836 -13.08 24.33 -13.10
CA THR A 836 -11.71 24.66 -13.52
C THR A 836 -11.04 25.58 -12.52
N LEU A 837 -11.76 26.62 -12.08
CA LEU A 837 -11.18 27.56 -11.12
C LEU A 837 -10.87 26.87 -9.79
N ALA A 838 -11.77 25.98 -9.35
CA ALA A 838 -11.52 25.26 -8.11
C ALA A 838 -10.32 24.34 -8.23
N SER A 839 -10.16 23.67 -9.38
CA SER A 839 -9.00 22.82 -9.59
C SER A 839 -7.71 23.63 -9.55
N ILE A 840 -7.70 24.80 -10.21
CA ILE A 840 -6.51 25.64 -10.19
C ILE A 840 -6.21 26.10 -8.76
N GLY A 841 -7.24 26.50 -8.02
CA GLY A 841 -7.03 26.95 -6.66
C GLY A 841 -6.48 25.87 -5.75
N THR A 842 -7.04 24.66 -5.85
CA THR A 842 -6.55 23.58 -5.00
C THR A 842 -5.15 23.14 -5.41
N ALA A 843 -4.82 23.21 -6.71
CA ALA A 843 -3.45 22.93 -7.13
C ALA A 843 -2.48 23.96 -6.55
N PHE A 844 -2.87 25.24 -6.55
CA PHE A 844 -2.02 26.26 -5.97
C PHE A 844 -1.84 26.03 -4.47
N GLU A 845 -2.92 25.67 -3.77
CA GLU A 845 -2.82 25.41 -2.34
C GLU A 845 -1.91 24.23 -2.05
N ARG A 846 -2.04 23.14 -2.82
CA ARG A 846 -1.19 21.98 -2.60
C ARG A 846 0.26 22.31 -2.91
N SER A 847 0.52 23.11 -3.94
CA SER A 847 1.89 23.50 -4.27
C SER A 847 2.49 24.36 -3.17
N ILE A 848 1.74 25.34 -2.66
CA ILE A 848 2.26 26.21 -1.61
C ILE A 848 2.41 25.46 -0.30
N SER A 849 1.70 24.34 -0.13
CA SER A 849 1.92 23.51 1.05
C SER A 849 3.36 23.03 1.14
N GLU A 850 4.00 22.76 0.00
CA GLU A 850 5.41 22.39 -0.04
C GLU A 850 6.26 23.65 -0.21
N THR A 851 7.54 23.46 -0.52
CA THR A 851 8.54 24.49 -0.82
C THR A 851 8.53 25.66 0.15
N ARG A 852 9.23 26.75 -0.21
CA ARG A 852 9.30 27.93 0.63
C ARG A 852 9.09 29.23 -0.12
N HIS A 853 8.95 29.21 -1.44
CA HIS A 853 8.60 30.39 -2.21
C HIS A 853 7.09 30.50 -2.35
N ILE A 854 6.61 31.74 -2.46
CA ILE A 854 5.19 32.03 -2.47
C ILE A 854 4.74 32.58 -3.81
N PHE A 855 5.54 33.44 -4.43
CA PHE A 855 5.11 34.21 -5.60
C PHE A 855 5.05 33.43 -6.91
N PRO A 856 6.00 32.54 -7.22
CA PRO A 856 5.91 31.84 -8.52
C PRO A 856 4.62 31.07 -8.74
N CYS A 857 4.19 30.29 -7.74
CA CYS A 857 2.98 29.49 -7.90
C CYS A 857 1.75 30.36 -8.06
N ARG A 858 1.64 31.42 -7.26
CA ARG A 858 0.47 32.28 -7.36
C ARG A 858 0.47 33.06 -8.67
N ILE A 859 1.65 33.44 -9.15
CA ILE A 859 1.73 34.11 -10.45
C ILE A 859 1.26 33.17 -11.56
N THR A 860 1.67 31.90 -11.50
CA THR A 860 1.19 30.94 -12.50
C THR A 860 -0.31 30.75 -12.43
N ALA A 861 -0.86 30.64 -11.22
CA ALA A 861 -2.30 30.47 -11.07
C ALA A 861 -3.06 31.68 -11.59
N ALA A 862 -2.57 32.88 -11.29
CA ALA A 862 -3.20 34.10 -11.80
C ALA A 862 -3.12 34.17 -13.32
N PHE A 863 -2.00 33.74 -13.89
CA PHE A 863 -1.88 33.70 -15.34
C PHE A 863 -2.92 32.77 -15.95
N HIS A 864 -3.12 31.60 -15.34
CA HIS A 864 -3.99 30.61 -15.94
C HIS A 864 -5.48 30.90 -15.72
N THR A 865 -5.83 31.60 -14.64
CA THR A 865 -7.24 31.86 -14.36
C THR A 865 -7.87 32.72 -15.45
N PHE A 866 -7.25 33.86 -15.78
CA PHE A 866 -7.80 34.74 -16.80
C PHE A 866 -7.82 34.07 -18.17
N PHE A 867 -6.78 33.31 -18.48
CA PHE A 867 -6.75 32.58 -19.75
C PHE A 867 -7.90 31.60 -19.85
N SER A 868 -8.18 30.86 -18.77
CA SER A 868 -9.30 29.93 -18.78
C SER A 868 -10.62 30.68 -18.96
N VAL A 869 -10.77 31.81 -18.27
CA VAL A 869 -12.00 32.59 -18.40
C VAL A 869 -12.21 33.01 -19.84
N ARG A 870 -11.17 33.54 -20.48
CA ARG A 870 -11.30 34.00 -21.86
C ARG A 870 -11.59 32.86 -22.83
N ILE A 871 -10.89 31.73 -22.67
CA ILE A 871 -11.13 30.59 -23.56
C ILE A 871 -12.57 30.11 -23.43
N LEU A 872 -13.06 29.99 -22.19
CA LEU A 872 -14.43 29.54 -22.00
C LEU A 872 -15.43 30.54 -22.56
N GLN A 873 -15.14 31.83 -22.44
CA GLN A 873 -16.05 32.84 -22.96
C GLN A 873 -16.15 32.77 -24.48
N TYR A 874 -15.01 32.65 -25.16
CA TYR A 874 -15.04 32.72 -26.61
C TYR A 874 -15.21 31.37 -27.30
N HIS A 875 -14.54 30.33 -26.81
CA HIS A 875 -14.55 29.01 -27.45
C HIS A 875 -15.08 27.99 -26.45
N HIS A 876 -16.38 27.68 -26.54
CA HIS A 876 -17.02 26.68 -25.71
C HIS A 876 -17.48 25.54 -26.60
N LEU A 877 -17.13 24.31 -26.21
CA LEU A 877 -17.45 23.15 -27.04
C LEU A 877 -18.94 22.78 -26.95
N GLY A 878 -19.59 23.13 -25.84
CA GLY A 878 -20.98 22.75 -25.67
C GLY A 878 -21.96 23.52 -26.53
N PHE A 879 -21.55 24.67 -27.05
CA PHE A 879 -22.40 25.52 -27.86
C PHE A 879 -21.95 25.48 -29.31
N ASN A 880 -22.70 26.16 -30.18
CA ASN A 880 -22.38 26.21 -31.59
C ASN A 880 -21.16 27.09 -31.84
N LYS A 881 -20.58 26.93 -33.02
CA LYS A 881 -19.40 27.71 -33.38
C LYS A 881 -19.77 29.18 -33.54
N GLY A 882 -18.85 30.05 -33.13
CA GLY A 882 -19.06 31.48 -33.21
C GLY A 882 -19.87 32.07 -32.07
N PHE A 883 -20.28 31.25 -31.09
CA PHE A 883 -21.08 31.74 -29.98
C PHE A 883 -20.21 32.59 -29.05
N ASP A 884 -20.88 33.48 -28.32
CA ASP A 884 -20.22 34.36 -27.36
C ASP A 884 -21.03 34.36 -26.07
N LEU A 885 -20.48 33.77 -25.02
CA LEU A 885 -21.18 33.70 -23.74
C LEU A 885 -21.20 35.04 -23.02
N GLY A 886 -20.28 35.95 -23.34
CA GLY A 886 -20.24 37.25 -22.71
C GLY A 886 -21.15 38.29 -23.31
N GLN A 887 -21.80 37.99 -24.43
CA GLN A 887 -22.71 38.90 -25.10
C GLN A 887 -24.17 38.51 -24.94
N LEU A 888 -24.47 37.22 -24.95
CA LEU A 888 -25.86 36.76 -24.81
C LEU A 888 -26.40 36.97 -23.40
N THR A 889 -25.54 37.23 -22.41
CA THR A 889 -25.98 37.44 -21.04
C THR A 889 -26.04 38.92 -20.69
N LEU A 890 -24.93 39.63 -20.83
CA LEU A 890 -24.91 41.06 -20.50
C LEU A 890 -25.65 41.89 -21.54
N GLY A 891 -25.58 41.50 -22.81
CA GLY A 891 -26.12 42.29 -23.89
C GLY A 891 -25.16 43.33 -24.45
N LYS A 892 -24.01 43.50 -23.83
CA LYS A 892 -22.97 44.43 -24.27
C LYS A 892 -21.63 43.71 -24.16
N PRO A 893 -20.62 44.17 -24.89
CA PRO A 893 -19.30 43.53 -24.79
C PRO A 893 -18.78 43.54 -23.36
N LEU A 894 -18.16 42.45 -22.97
CA LEU A 894 -17.71 42.25 -21.60
C LEU A 894 -16.26 42.71 -21.47
N ASP A 895 -16.00 43.57 -20.49
CA ASP A 895 -14.74 44.27 -20.36
C ASP A 895 -13.89 43.68 -19.24
N PHE A 896 -12.70 44.27 -19.05
CA PHE A 896 -11.74 43.76 -18.08
C PHE A 896 -12.18 44.05 -16.65
N GLY A 897 -12.82 45.20 -16.42
CA GLY A 897 -13.23 45.55 -15.07
C GLY A 897 -14.24 44.58 -14.48
N THR A 898 -15.18 44.11 -15.31
CA THR A 898 -16.18 43.16 -14.82
C THR A 898 -15.53 41.86 -14.37
N ILE A 899 -14.60 41.33 -15.16
CA ILE A 899 -13.91 40.10 -14.79
C ILE A 899 -13.07 40.33 -13.53
N SER A 900 -12.37 41.47 -13.46
CA SER A 900 -11.53 41.75 -12.31
C SER A 900 -12.36 41.83 -11.03
N LEU A 901 -13.55 42.42 -11.11
CA LEU A 901 -14.40 42.53 -9.93
C LEU A 901 -15.06 41.20 -9.58
N ALA A 902 -15.42 40.40 -10.59
CA ALA A 902 -16.09 39.13 -10.31
C ALA A 902 -15.11 38.08 -9.79
N LEU A 903 -13.84 38.17 -10.15
CA LEU A 903 -12.85 37.21 -9.69
C LEU A 903 -12.33 37.51 -8.29
N ALA A 904 -12.79 38.59 -7.66
CA ALA A 904 -12.38 38.92 -6.31
C ALA A 904 -13.38 38.55 -5.24
N VAL A 905 -14.63 38.26 -5.63
CA VAL A 905 -15.65 37.84 -4.66
C VAL A 905 -15.47 36.36 -4.36
N PRO A 906 -15.33 35.96 -3.10
CA PRO A 906 -15.14 34.55 -2.79
C PRO A 906 -16.35 33.71 -3.21
N GLN A 907 -16.08 32.44 -3.50
CA GLN A 907 -17.13 31.54 -3.99
C GLN A 907 -18.23 31.34 -2.96
N VAL A 908 -17.90 31.48 -1.66
CA VAL A 908 -18.91 31.29 -0.63
C VAL A 908 -20.02 32.32 -0.76
N LEU A 909 -19.66 33.57 -1.03
CA LEU A 909 -20.64 34.64 -1.17
C LEU A 909 -21.25 34.71 -2.56
N GLY A 910 -20.81 33.87 -3.49
CA GLY A 910 -21.37 33.83 -4.83
C GLY A 910 -20.47 34.32 -5.94
N GLY A 911 -19.17 34.45 -5.70
CA GLY A 911 -18.23 34.92 -6.69
C GLY A 911 -17.44 33.79 -7.32
N LEU A 912 -16.22 34.10 -7.75
CA LEU A 912 -15.36 33.13 -8.42
C LEU A 912 -13.93 33.18 -7.89
N SER A 913 -13.72 33.65 -6.66
CA SER A 913 -12.38 33.76 -6.09
C SER A 913 -12.06 32.51 -5.29
N PHE A 914 -11.05 31.77 -5.73
CA PHE A 914 -10.58 30.58 -5.02
C PHE A 914 -9.16 30.70 -4.49
N LEU A 915 -8.44 31.78 -4.81
CA LEU A 915 -7.08 31.98 -4.33
C LEU A 915 -7.11 32.91 -3.13
N ASN A 916 -7.54 32.37 -1.99
CA ASN A 916 -7.58 33.13 -0.76
C ASN A 916 -6.18 33.23 -0.18
N PRO A 917 -5.64 34.43 0.06
CA PRO A 917 -4.29 34.53 0.64
C PRO A 917 -4.16 33.90 2.02
N GLU A 918 -5.26 33.79 2.77
CA GLU A 918 -5.20 33.18 4.09
C GLU A 918 -4.75 31.73 4.04
N LYS A 919 -4.86 31.08 2.88
CA LYS A 919 -4.37 29.72 2.72
C LYS A 919 -2.85 29.63 2.83
N CYS A 920 -2.14 30.75 2.78
CA CYS A 920 -0.69 30.72 2.93
C CYS A 920 -0.27 30.35 4.35
N PHE A 921 -1.16 30.48 5.32
CA PHE A 921 -0.85 30.18 6.72
C PHE A 921 -1.38 28.82 7.16
N TYR A 922 -2.64 28.51 6.87
CA TYR A 922 -3.22 27.21 7.21
C TYR A 922 -4.24 26.85 6.14
N ARG A 923 -4.50 25.54 6.01
CA ARG A 923 -5.37 25.07 4.94
C ARG A 923 -6.80 24.86 5.38
N ASN A 924 -7.04 24.64 6.66
CA ASN A 924 -8.39 24.45 7.19
C ASN A 924 -8.83 25.73 7.90
N LEU A 925 -9.86 26.38 7.35
CA LEU A 925 -10.37 27.62 7.91
C LEU A 925 -11.47 27.33 8.92
N GLY A 926 -11.47 28.10 10.01
CA GLY A 926 -12.51 27.94 11.01
C GLY A 926 -13.88 28.33 10.49
N ASP A 927 -13.95 29.35 9.64
CA ASP A 927 -15.21 29.80 9.07
C ASP A 927 -14.98 30.32 7.65
N PRO A 928 -15.61 29.71 6.64
CA PRO A 928 -15.42 30.15 5.26
C PRO A 928 -16.17 31.43 4.90
N VAL A 929 -16.97 31.98 5.80
CA VAL A 929 -17.72 33.20 5.54
C VAL A 929 -17.00 34.43 6.07
N THR A 930 -16.53 34.36 7.31
CA THR A 930 -15.81 35.50 7.89
C THR A 930 -14.51 35.78 7.14
N SER A 931 -13.79 34.72 6.79
CA SER A 931 -12.54 34.91 6.05
C SER A 931 -12.78 35.52 4.68
N GLY A 932 -13.84 35.07 3.99
CA GLY A 932 -14.17 35.67 2.70
C GLY A 932 -14.55 37.14 2.83
N LEU A 933 -15.31 37.47 3.88
CA LEU A 933 -15.66 38.87 4.12
C LEU A 933 -14.42 39.72 4.38
N PHE A 934 -13.50 39.20 5.18
CA PHE A 934 -12.26 39.94 5.45
C PHE A 934 -11.45 40.13 4.18
N GLN A 935 -11.35 39.10 3.36
CA GLN A 935 -10.60 39.21 2.11
C GLN A 935 -11.23 40.25 1.18
N LEU A 936 -12.56 40.21 1.06
CA LEU A 936 -13.23 41.18 0.20
C LEU A 936 -13.06 42.60 0.72
N LYS A 937 -13.17 42.77 2.03
CA LYS A 937 -13.00 44.10 2.61
C LYS A 937 -11.59 44.63 2.39
N THR A 938 -10.57 43.77 2.56
CA THR A 938 -9.20 44.20 2.31
C THR A 938 -8.98 44.55 0.85
N TYR A 939 -9.49 43.74 -0.06
CA TYR A 939 -9.33 44.01 -1.48
C TYR A 939 -10.01 45.33 -1.87
N LEU A 940 -11.21 45.57 -1.35
CA LEU A 940 -11.88 46.83 -1.65
C LEU A 940 -11.20 48.01 -0.97
N ARG A 941 -10.50 47.77 0.14
CA ARG A 941 -9.80 48.85 0.82
C ARG A 941 -8.51 49.23 0.10
N MET A 942 -7.84 48.27 -0.54
CA MET A 942 -6.64 48.61 -1.30
C MET A 942 -6.96 49.62 -2.39
N ILE A 943 -7.95 49.33 -3.21
CA ILE A 943 -8.40 50.28 -4.23
C ILE A 943 -9.22 51.37 -3.59
N GLU A 944 -9.19 52.56 -4.18
CA GLU A 944 -9.99 53.67 -3.66
C GLU A 944 -11.42 53.53 -4.15
N MET A 945 -12.02 52.35 -3.92
CA MET A 945 -13.37 52.03 -4.36
C MET A 945 -14.08 51.28 -3.25
N ASP A 946 -13.94 51.76 -2.01
CA ASP A 946 -14.46 51.06 -0.85
C ASP A 946 -15.98 51.12 -0.76
N ASP A 947 -16.62 52.03 -1.48
CA ASP A 947 -18.07 52.18 -1.37
C ASP A 947 -18.82 51.18 -2.25
N LEU A 948 -18.46 49.91 -2.15
CA LEU A 948 -19.20 48.85 -2.83
C LEU A 948 -19.37 47.60 -1.98
N PHE A 949 -18.93 47.60 -0.73
CA PHE A 949 -19.01 46.39 0.10
C PHE A 949 -20.47 46.00 0.33
N LEU A 950 -21.32 46.97 0.66
CA LEU A 950 -22.71 46.65 0.94
C LEU A 950 -23.45 46.11 -0.28
N PRO A 951 -23.43 46.79 -1.45
CA PRO A 951 -24.17 46.22 -2.60
C PRO A 951 -23.35 45.21 -3.38
N LEU A 952 -22.65 44.33 -2.66
CA LEU A 952 -21.90 43.26 -3.30
C LEU A 952 -22.01 41.92 -2.59
N ILE A 953 -22.50 41.88 -1.34
CA ILE A 953 -22.66 40.64 -0.60
C ILE A 953 -24.10 40.36 -0.21
N ALA A 954 -24.99 41.34 -0.33
CA ALA A 954 -26.39 41.13 0.03
C ALA A 954 -27.04 40.07 -0.87
N LYS A 955 -27.13 40.36 -2.16
CA LYS A 955 -27.69 39.46 -3.16
C LYS A 955 -29.12 39.04 -2.82
N ASN A 956 -29.65 38.06 -3.55
CA ASN A 956 -31.02 37.61 -3.36
C ASN A 956 -31.00 36.15 -2.93
N PRO A 957 -31.60 35.79 -1.80
CA PRO A 957 -31.67 34.37 -1.41
C PRO A 957 -32.47 33.56 -2.42
N GLY A 958 -32.04 32.31 -2.62
CA GLY A 958 -32.69 31.43 -3.56
C GLY A 958 -33.70 30.50 -2.90
N ASN A 959 -34.39 29.75 -3.75
CA ASN A 959 -35.41 28.81 -3.29
C ASN A 959 -34.74 27.47 -3.02
N CYS A 960 -34.23 27.32 -1.79
CA CYS A 960 -33.53 26.11 -1.37
C CYS A 960 -34.35 25.40 -0.30
N THR A 961 -34.59 24.11 -0.51
CA THR A 961 -35.37 23.32 0.43
C THR A 961 -34.50 22.93 1.62
N ALA A 962 -35.11 22.24 2.59
CA ALA A 962 -34.40 21.80 3.79
C ALA A 962 -33.71 20.46 3.57
N ILE A 963 -32.96 20.37 2.46
CA ILE A 963 -32.13 19.19 2.19
C ILE A 963 -30.69 19.55 1.92
N ASP A 964 -30.38 20.78 1.49
CA ASP A 964 -29.01 21.22 1.27
C ASP A 964 -28.41 21.91 2.49
N PHE A 965 -29.25 22.46 3.38
CA PHE A 965 -28.73 23.01 4.62
C PHE A 965 -28.07 21.94 5.48
N VAL A 966 -28.69 20.76 5.54
CA VAL A 966 -28.05 19.63 6.21
C VAL A 966 -26.78 19.23 5.46
N LEU A 967 -26.84 19.20 4.13
CA LEU A 967 -25.68 18.83 3.33
C LEU A 967 -24.57 19.87 3.44
N ASN A 968 -24.92 21.15 3.56
CA ASN A 968 -23.95 22.24 3.67
C ASN A 968 -24.27 23.03 4.92
N PRO A 969 -23.73 22.63 6.07
CA PRO A 969 -24.07 23.33 7.32
C PRO A 969 -23.60 24.77 7.35
N SER A 970 -22.32 25.01 7.08
CA SER A 970 -21.75 26.36 7.08
C SER A 970 -21.73 26.87 5.64
N GLY A 971 -22.87 27.39 5.22
CA GLY A 971 -23.01 27.92 3.87
C GLY A 971 -24.07 28.99 3.82
N LEU A 972 -24.24 29.58 2.63
CA LEU A 972 -25.20 30.64 2.41
C LEU A 972 -26.20 30.21 1.35
N ASN A 973 -27.42 30.72 1.47
CA ASN A 973 -28.50 30.38 0.54
C ASN A 973 -28.49 31.38 -0.60
N VAL A 974 -27.57 31.16 -1.54
CA VAL A 974 -27.51 31.96 -2.76
C VAL A 974 -27.45 31.01 -3.94
N PRO A 975 -28.02 31.37 -5.10
CA PRO A 975 -28.02 30.47 -6.24
C PRO A 975 -26.73 30.47 -7.05
N GLY A 976 -25.77 31.32 -6.72
CA GLY A 976 -24.53 31.39 -7.47
C GLY A 976 -23.40 30.58 -6.87
N SER A 977 -23.56 30.16 -5.61
CA SER A 977 -22.53 29.40 -4.92
C SER A 977 -22.74 27.90 -5.01
N GLN A 978 -23.77 27.44 -5.71
CA GLN A 978 -24.06 26.02 -5.83
C GLN A 978 -23.32 25.42 -7.02
N ASP A 979 -23.06 24.12 -6.93
CA ASP A 979 -22.40 23.37 -8.00
C ASP A 979 -23.41 22.47 -8.70
N LEU A 980 -22.90 21.67 -9.63
CA LEU A 980 -23.73 20.83 -10.48
C LEU A 980 -24.01 19.46 -9.88
N THR A 981 -23.90 19.31 -8.56
CA THR A 981 -24.13 18.02 -7.94
C THR A 981 -25.62 17.66 -7.89
N SER A 982 -26.48 18.63 -7.60
CA SER A 982 -27.91 18.36 -7.48
C SER A 982 -28.50 17.94 -8.83
N PHE A 983 -28.03 18.55 -9.92
CA PHE A 983 -28.49 18.18 -11.25
C PHE A 983 -28.22 16.71 -11.53
N LEU A 984 -26.96 16.28 -11.29
CA LEU A 984 -26.60 14.89 -11.53
C LEU A 984 -27.35 13.95 -10.60
N ARG A 985 -27.55 14.35 -9.35
CA ARG A 985 -28.29 13.51 -8.41
C ARG A 985 -29.73 13.31 -8.87
N GLN A 986 -30.38 14.38 -9.33
CA GLN A 986 -31.75 14.25 -9.84
C GLN A 986 -31.79 13.36 -11.08
N ILE A 987 -30.81 13.52 -11.97
CA ILE A 987 -30.78 12.67 -13.17
C ILE A 987 -30.63 11.21 -12.78
N VAL A 988 -29.73 10.92 -11.84
CA VAL A 988 -29.53 9.54 -11.41
C VAL A 988 -30.79 8.99 -10.73
N ARG A 989 -31.47 9.82 -9.94
CA ARG A 989 -32.70 9.36 -9.31
C ARG A 989 -33.77 9.01 -10.33
N ARG A 990 -33.91 9.85 -11.36
CA ARG A 990 -34.87 9.53 -12.42
C ARG A 990 -34.49 8.26 -13.16
N THR A 991 -33.19 8.08 -13.44
CA THR A 991 -32.73 6.86 -14.11
C THR A 991 -33.01 5.63 -13.27
N ILE A 992 -32.82 5.73 -11.96
CA ILE A 992 -33.12 4.62 -11.05
C ILE A 992 -34.62 4.32 -11.09
N THR A 993 -35.44 5.37 -11.02
CA THR A 993 -36.88 5.17 -11.00
C THR A 993 -37.36 4.47 -12.27
N LEU A 994 -36.82 4.86 -13.43
CA LEU A 994 -37.26 4.24 -14.68
C LEU A 994 -36.88 2.76 -14.74
N SER A 995 -35.69 2.39 -14.26
CA SER A 995 -35.21 1.02 -14.34
C SER A 995 -34.50 0.65 -13.04
N ALA A 996 -35.21 -0.02 -12.15
CA ALA A 996 -34.67 -0.45 -10.86
C ALA A 996 -35.08 -1.90 -10.56
N LYS A 997 -34.87 -2.78 -11.53
CA LYS A 997 -35.24 -4.18 -11.35
C LYS A 997 -34.28 -4.93 -10.43
N ASN A 998 -33.43 -4.21 -9.68
CA ASN A 998 -32.52 -4.85 -8.74
C ASN A 998 -33.24 -5.59 -7.63
N LYS A 999 -34.49 -5.22 -7.34
CA LYS A 999 -35.35 -5.90 -6.37
C LYS A 999 -34.88 -5.65 -4.94
N LEU A 1000 -33.75 -4.98 -4.78
CA LEU A 1000 -33.29 -4.49 -3.49
C LEU A 1000 -33.14 -2.98 -3.46
N ILE A 1001 -32.74 -2.36 -4.56
CA ILE A 1001 -32.76 -0.91 -4.67
C ILE A 1001 -34.20 -0.40 -4.67
N ASN A 1002 -35.11 -1.15 -5.29
CA ASN A 1002 -36.51 -0.75 -5.34
C ASN A 1002 -37.11 -0.62 -3.95
N THR A 1003 -36.79 -1.56 -3.06
CA THR A 1003 -37.26 -1.46 -1.68
C THR A 1003 -36.70 -0.23 -1.00
N LEU A 1004 -35.41 0.06 -1.21
CA LEU A 1004 -34.81 1.26 -0.62
C LEU A 1004 -35.36 2.53 -1.25
N PHE A 1005 -35.56 2.52 -2.57
CA PHE A 1005 -36.08 3.68 -3.29
C PHE A 1005 -37.55 3.42 -3.62
N HIS A 1006 -38.41 3.68 -2.64
CA HIS A 1006 -39.84 3.49 -2.81
C HIS A 1006 -40.49 4.80 -3.26
N ALA A 1007 -41.82 4.80 -3.32
CA ALA A 1007 -42.54 5.96 -3.84
C ALA A 1007 -42.37 7.18 -2.94
N SER A 1008 -42.44 6.99 -1.63
CA SER A 1008 -42.42 8.09 -0.67
C SER A 1008 -41.04 8.32 -0.08
N ALA A 1009 -39.98 8.05 -0.83
CA ALA A 1009 -38.63 8.24 -0.31
C ALA A 1009 -38.29 9.72 -0.17
N ASP A 1010 -38.59 10.51 -1.20
CA ASP A 1010 -38.23 11.93 -1.18
C ASP A 1010 -38.97 12.68 -0.09
N PHE A 1011 -40.28 12.43 0.04
CA PHE A 1011 -41.07 13.15 1.02
C PHE A 1011 -40.68 12.75 2.44
N GLU A 1012 -40.34 11.46 2.63
CA GLU A 1012 -39.83 11.01 3.92
C GLU A 1012 -38.50 11.67 4.25
N ASP A 1013 -37.61 11.79 3.27
CA ASP A 1013 -36.35 12.49 3.49
C ASP A 1013 -36.59 13.93 3.88
N GLU A 1014 -37.52 14.59 3.20
CA GLU A 1014 -37.84 15.98 3.54
C GLU A 1014 -38.38 16.09 4.96
N MET A 1015 -39.27 15.18 5.36
CA MET A 1015 -39.81 15.23 6.72
C MET A 1015 -38.72 15.01 7.76
N VAL A 1016 -37.84 14.03 7.55
CA VAL A 1016 -36.83 13.75 8.57
C VAL A 1016 -35.83 14.90 8.66
N CYS A 1017 -35.49 15.52 7.52
CA CYS A 1017 -34.59 16.66 7.56
C CYS A 1017 -35.26 17.88 8.19
N LYS A 1018 -36.56 18.07 7.96
CA LYS A 1018 -37.27 19.15 8.62
C LYS A 1018 -37.32 18.94 10.13
N TRP A 1019 -37.53 17.71 10.57
CA TRP A 1019 -37.57 17.42 12.00
C TRP A 1019 -36.19 17.63 12.62
N LEU A 1020 -35.13 17.24 11.91
CA LEU A 1020 -33.78 17.37 12.47
C LEU A 1020 -33.39 18.82 12.72
N LEU A 1021 -34.01 19.77 12.03
CA LEU A 1021 -33.70 21.18 12.17
C LEU A 1021 -34.81 21.95 12.90
N SER A 1022 -35.62 21.26 13.69
CA SER A 1022 -36.76 21.86 14.38
C SER A 1022 -36.54 21.94 15.89
N SER A 1023 -35.34 22.30 16.30
CA SER A 1023 -34.98 22.44 17.71
C SER A 1023 -34.79 23.91 18.05
N THR A 1024 -34.39 24.16 19.29
CA THR A 1024 -34.11 25.51 19.76
C THR A 1024 -32.96 25.51 20.75
N PRO A 1025 -31.78 26.03 20.36
CA PRO A 1025 -31.51 26.60 19.04
C PRO A 1025 -31.16 25.56 18.00
N VAL A 1026 -31.17 25.94 16.72
CA VAL A 1026 -30.90 25.02 15.63
C VAL A 1026 -29.39 24.92 15.42
N MET A 1027 -28.88 23.69 15.36
CA MET A 1027 -27.48 23.43 15.06
C MET A 1027 -27.40 22.57 13.81
N SER A 1028 -26.82 23.12 12.74
CA SER A 1028 -26.75 22.41 11.47
C SER A 1028 -25.66 21.35 11.48
N ARG A 1029 -24.56 21.57 12.19
CA ARG A 1029 -23.47 20.60 12.21
C ARG A 1029 -23.91 19.27 12.80
N PHE A 1030 -24.66 19.32 13.91
CA PHE A 1030 -25.14 18.09 14.52
C PHE A 1030 -26.11 17.35 13.59
N ALA A 1031 -27.00 18.09 12.94
CA ALA A 1031 -27.92 17.46 12.00
C ALA A 1031 -27.17 16.79 10.85
N ALA A 1032 -26.14 17.47 10.31
CA ALA A 1032 -25.35 16.87 9.25
C ALA A 1032 -24.64 15.62 9.73
N ASP A 1033 -24.09 15.65 10.94
CA ASP A 1033 -23.36 14.50 11.46
C ASP A 1033 -24.29 13.33 11.73
N ILE A 1034 -25.54 13.59 12.13
CA ILE A 1034 -26.45 12.52 12.49
C ILE A 1034 -27.24 12.01 11.28
N PHE A 1035 -27.33 12.78 10.20
CA PHE A 1035 -28.12 12.41 9.04
C PHE A 1035 -27.49 11.28 8.23
N SER A 1036 -26.19 11.04 8.37
CA SER A 1036 -25.50 10.08 7.53
C SER A 1036 -25.74 8.64 7.92
N ARG A 1037 -26.25 8.38 9.13
CA ARG A 1037 -26.47 7.02 9.59
C ARG A 1037 -27.88 6.52 9.36
N THR A 1038 -28.73 7.33 8.75
CA THR A 1038 -30.10 6.95 8.42
C THR A 1038 -30.17 6.37 7.01
N PRO A 1039 -31.25 5.67 6.68
CA PRO A 1039 -31.40 5.19 5.29
C PRO A 1039 -31.40 6.32 4.26
N SER A 1040 -31.77 7.53 4.66
CA SER A 1040 -31.66 8.67 3.75
C SER A 1040 -30.22 8.91 3.35
N GLY A 1041 -29.29 8.78 4.30
CA GLY A 1041 -27.88 8.90 3.97
C GLY A 1041 -27.43 7.81 3.00
N LYS A 1042 -27.93 6.59 3.18
CA LYS A 1042 -27.59 5.51 2.26
C LYS A 1042 -28.11 5.81 0.85
N ARG A 1043 -29.34 6.30 0.75
CA ARG A 1043 -29.88 6.68 -0.55
C ARG A 1043 -29.05 7.79 -1.18
N LEU A 1044 -28.66 8.79 -0.37
CA LEU A 1044 -27.87 9.89 -0.89
C LEU A 1044 -26.50 9.44 -1.38
N GLN A 1045 -25.85 8.53 -0.65
CA GLN A 1045 -24.54 8.06 -1.07
C GLN A 1045 -24.63 7.11 -2.26
N ILE A 1046 -25.75 6.40 -2.41
CA ILE A 1046 -25.96 5.60 -3.61
C ILE A 1046 -26.20 6.49 -4.82
N LEU A 1047 -26.93 7.59 -4.62
CA LEU A 1047 -27.31 8.46 -5.73
C LEU A 1047 -26.09 9.06 -6.41
N GLY A 1048 -25.09 9.48 -5.64
CA GLY A 1048 -23.96 10.16 -6.20
C GLY A 1048 -22.85 9.25 -6.69
N TYR A 1049 -22.85 8.95 -8.00
CA TYR A 1049 -21.78 8.19 -8.61
C TYR A 1049 -21.33 8.75 -9.95
N LEU A 1050 -21.96 9.80 -10.45
CA LEU A 1050 -21.57 10.41 -11.71
C LEU A 1050 -20.37 11.32 -11.51
N GLU A 1051 -19.35 11.16 -12.35
CA GLU A 1051 -18.10 11.89 -12.19
C GLU A 1051 -17.59 12.56 -13.45
N GLY A 1052 -18.01 12.12 -14.65
CA GLY A 1052 -17.51 12.68 -15.88
C GLY A 1052 -18.64 12.99 -16.85
N THR A 1053 -18.33 13.90 -17.77
CA THR A 1053 -19.30 14.29 -18.81
C THR A 1053 -19.16 13.44 -20.08
N ARG A 1054 -19.10 12.13 -19.88
CA ARG A 1054 -19.14 11.19 -20.99
C ARG A 1054 -20.17 10.11 -20.69
N THR A 1055 -20.39 9.85 -19.40
CA THR A 1055 -21.48 8.98 -19.00
C THR A 1055 -22.83 9.67 -19.13
N LEU A 1056 -22.84 11.00 -19.01
CA LEU A 1056 -24.09 11.75 -19.14
C LEU A 1056 -24.68 11.60 -20.54
N LEU A 1057 -23.85 11.65 -21.57
CA LEU A 1057 -24.33 11.70 -22.94
C LEU A 1057 -24.29 10.37 -23.66
N ALA A 1058 -23.33 9.49 -23.33
CA ALA A 1058 -23.16 8.24 -24.06
C ALA A 1058 -23.87 7.05 -23.41
N SER A 1059 -24.53 7.26 -22.27
CA SER A 1059 -25.22 6.17 -21.58
C SER A 1059 -26.63 6.01 -22.13
N LYS A 1060 -26.98 4.80 -22.55
CA LYS A 1060 -28.30 4.56 -23.11
C LYS A 1060 -29.38 4.49 -22.03
N ILE A 1061 -29.02 4.05 -20.82
CA ILE A 1061 -30.01 3.92 -19.76
C ILE A 1061 -30.48 5.29 -19.28
N ILE A 1062 -29.56 6.27 -19.22
CA ILE A 1062 -29.94 7.60 -18.76
C ILE A 1062 -30.77 8.32 -19.81
N ASN A 1063 -30.41 8.18 -21.08
CA ASN A 1063 -31.00 8.97 -22.16
C ASN A 1063 -32.30 8.39 -22.69
N ASN A 1064 -32.80 7.28 -22.12
CA ASN A 1064 -34.06 6.70 -22.54
C ASN A 1064 -35.26 7.37 -21.92
N ASN A 1065 -35.06 8.37 -21.05
CA ASN A 1065 -36.17 9.07 -20.41
C ASN A 1065 -36.99 9.91 -21.38
N THR A 1066 -36.51 10.12 -22.60
CA THR A 1066 -37.18 10.95 -23.62
C THR A 1066 -37.42 12.32 -23.02
N GLU A 1067 -38.66 12.80 -22.91
CA GLU A 1067 -38.96 14.13 -22.39
C GLU A 1067 -38.18 15.20 -23.14
N THR A 1068 -37.09 15.66 -22.54
CA THR A 1068 -36.19 16.62 -23.18
C THR A 1068 -34.76 16.13 -23.05
N PRO A 1069 -33.93 16.38 -24.07
CA PRO A 1069 -32.54 15.92 -24.00
C PRO A 1069 -31.77 16.64 -22.90
N VAL A 1070 -30.80 15.92 -22.34
CA VAL A 1070 -30.01 16.48 -21.24
C VAL A 1070 -29.13 17.63 -21.72
N LEU A 1071 -28.77 17.63 -23.01
CA LEU A 1071 -27.89 18.67 -23.53
C LEU A 1071 -28.55 20.04 -23.47
N ASP A 1072 -29.84 20.12 -23.79
CA ASP A 1072 -30.54 21.41 -23.72
C ASP A 1072 -30.64 21.91 -22.29
N ARG A 1073 -30.90 21.01 -21.35
CA ARG A 1073 -30.93 21.41 -19.94
C ARG A 1073 -29.55 21.90 -19.48
N LEU A 1074 -28.49 21.21 -19.92
CA LEU A 1074 -27.14 21.65 -19.58
C LEU A 1074 -26.85 23.03 -20.15
N ARG A 1075 -27.25 23.28 -21.39
CA ARG A 1075 -27.03 24.60 -21.99
C ARG A 1075 -27.81 25.68 -21.25
N LYS A 1076 -29.07 25.40 -20.89
CA LYS A 1076 -29.87 26.37 -20.16
C LYS A 1076 -29.26 26.69 -18.80
N ILE A 1077 -28.85 25.65 -18.06
CA ILE A 1077 -28.27 25.90 -16.75
C ILE A 1077 -26.93 26.61 -16.86
N THR A 1078 -26.15 26.31 -17.91
CA THR A 1078 -24.88 27.02 -18.12
C THR A 1078 -25.12 28.50 -18.40
N LEU A 1079 -26.11 28.80 -19.26
CA LEU A 1079 -26.42 30.20 -19.54
C LEU A 1079 -26.91 30.92 -18.30
N GLN A 1080 -27.76 30.27 -17.50
CA GLN A 1080 -28.25 30.88 -16.26
C GLN A 1080 -27.12 31.14 -15.28
N ARG A 1081 -26.20 30.18 -15.13
CA ARG A 1081 -25.07 30.37 -14.23
C ARG A 1081 -24.17 31.50 -14.70
N TRP A 1082 -23.90 31.57 -16.01
CA TRP A 1082 -23.09 32.65 -16.53
C TRP A 1082 -23.75 34.00 -16.32
N SER A 1083 -25.08 34.05 -16.47
CA SER A 1083 -25.80 35.29 -16.16
C SER A 1083 -25.75 35.62 -14.68
N LEU A 1084 -25.63 34.60 -13.82
CA LEU A 1084 -25.55 34.86 -12.39
C LEU A 1084 -24.29 35.62 -12.02
N TRP A 1085 -23.17 35.28 -12.64
CA TRP A 1085 -21.94 36.04 -12.41
C TRP A 1085 -21.81 37.14 -13.46
N PHE A 1086 -20.87 38.06 -13.23
CA PHE A 1086 -20.54 39.13 -14.17
C PHE A 1086 -21.68 40.10 -14.37
N SER A 1087 -22.84 39.84 -13.76
CA SER A 1087 -23.99 40.71 -13.95
C SER A 1087 -23.93 41.91 -13.03
N TYR A 1088 -23.97 41.67 -11.72
CA TYR A 1088 -23.84 42.71 -10.68
C TYR A 1088 -25.03 43.65 -10.68
N LEU A 1089 -25.37 44.19 -9.50
CA LEU A 1089 -26.44 45.17 -9.32
C LEU A 1089 -27.75 44.76 -9.98
N ASP A 1090 -27.93 43.45 -10.21
CA ASP A 1090 -29.16 42.93 -10.79
C ASP A 1090 -29.77 41.79 -9.99
N HIS A 1091 -29.02 41.18 -9.06
CA HIS A 1091 -29.53 40.11 -8.22
C HIS A 1091 -29.45 40.47 -6.75
N CYS A 1092 -29.41 41.75 -6.42
CA CYS A 1092 -29.27 42.22 -5.05
C CYS A 1092 -30.53 42.97 -4.61
N ASP A 1093 -30.85 42.84 -3.32
CA ASP A 1093 -31.98 43.51 -2.73
C ASP A 1093 -31.52 44.75 -1.96
N ASN A 1094 -32.47 45.44 -1.34
CA ASN A 1094 -32.19 46.65 -0.58
C ASN A 1094 -32.47 46.52 0.90
N ILE A 1095 -33.35 45.60 1.31
CA ILE A 1095 -33.64 45.44 2.73
C ILE A 1095 -32.42 44.94 3.48
N LEU A 1096 -31.70 43.96 2.91
CA LEU A 1096 -30.49 43.46 3.55
C LEU A 1096 -29.38 44.51 3.55
N ALA A 1097 -29.28 45.27 2.45
CA ALA A 1097 -28.25 46.30 2.37
C ALA A 1097 -28.42 47.36 3.44
N GLU A 1098 -29.65 47.80 3.67
CA GLU A 1098 -29.88 48.78 4.73
C GLU A 1098 -29.83 48.15 6.12
N ALA A 1099 -30.15 46.86 6.24
CA ALA A 1099 -30.05 46.18 7.52
C ALA A 1099 -28.60 45.85 7.91
N LEU A 1100 -27.67 45.90 6.97
CA LEU A 1100 -26.28 45.58 7.23
C LEU A 1100 -25.42 46.82 7.45
N THR A 1101 -26.02 47.99 7.58
CA THR A 1101 -25.24 49.21 7.73
C THR A 1101 -24.63 49.31 9.12
N GLN A 1102 -23.51 50.03 9.20
CA GLN A 1102 -22.77 50.31 10.42
C GLN A 1102 -22.71 49.11 11.37
N ILE A 1103 -22.15 48.03 10.85
CA ILE A 1103 -21.91 46.82 11.64
C ILE A 1103 -20.48 46.76 12.15
N THR A 1104 -19.53 47.14 11.31
CA THR A 1104 -18.09 47.18 11.62
C THR A 1104 -17.65 46.00 12.49
N CYS A 1105 -18.06 44.81 12.07
CA CYS A 1105 -17.67 43.57 12.75
C CYS A 1105 -17.93 42.41 11.79
N THR A 1106 -16.91 41.59 11.57
CA THR A 1106 -17.05 40.49 10.62
C THR A 1106 -17.93 39.37 11.17
N VAL A 1107 -17.80 39.07 12.47
CA VAL A 1107 -18.60 38.01 13.06
C VAL A 1107 -20.08 38.38 13.03
N ASP A 1108 -20.41 39.63 13.37
CA ASP A 1108 -21.79 40.08 13.31
C ASP A 1108 -22.33 40.04 11.90
N LEU A 1109 -21.52 40.46 10.92
CA LEU A 1109 -21.96 40.41 9.52
C LEU A 1109 -22.26 38.99 9.09
N ALA A 1110 -21.37 38.04 9.43
CA ALA A 1110 -21.59 36.65 9.07
C ALA A 1110 -22.84 36.09 9.74
N GLN A 1111 -23.04 36.42 11.02
CA GLN A 1111 -24.22 35.93 11.72
C GLN A 1111 -25.50 36.50 11.11
N ILE A 1112 -25.51 37.79 10.77
CA ILE A 1112 -26.69 38.38 10.16
C ILE A 1112 -26.96 37.77 8.80
N LEU A 1113 -25.91 37.53 8.01
CA LEU A 1113 -26.10 36.90 6.71
C LEU A 1113 -26.65 35.49 6.84
N ARG A 1114 -26.16 34.73 7.82
CA ARG A 1114 -26.69 33.39 8.04
C ARG A 1114 -28.13 33.42 8.52
N GLU A 1115 -28.47 34.42 9.34
CA GLU A 1115 -29.83 34.51 9.85
C GLU A 1115 -30.82 34.90 8.76
N TYR A 1116 -30.47 35.89 7.94
CA TYR A 1116 -31.37 36.29 6.86
C TYR A 1116 -31.56 35.17 5.84
N SER A 1117 -30.48 34.47 5.49
CA SER A 1117 -30.61 33.27 4.70
C SER A 1117 -31.24 32.16 5.53
N TRP A 1118 -31.79 31.16 4.85
CA TRP A 1118 -32.51 30.07 5.50
C TRP A 1118 -33.65 30.61 6.38
N ALA A 1119 -34.26 31.71 5.96
CA ALA A 1119 -35.34 32.31 6.74
C ALA A 1119 -36.55 31.38 6.80
N HIS A 1120 -36.87 30.73 5.67
CA HIS A 1120 -38.00 29.80 5.66
C HIS A 1120 -37.72 28.59 6.57
N ILE A 1121 -36.48 28.11 6.59
CA ILE A 1121 -36.14 26.97 7.44
C ILE A 1121 -36.22 27.35 8.91
N LEU A 1122 -35.69 28.52 9.28
CA LEU A 1122 -35.68 28.99 10.66
C LEU A 1122 -36.60 30.20 10.75
N GLU A 1123 -37.84 29.97 11.23
CA GLU A 1123 -38.79 31.06 11.37
C GLU A 1123 -38.28 32.08 12.38
N GLY A 1124 -38.14 31.68 13.64
CA GLY A 1124 -37.65 32.57 14.66
C GLY A 1124 -36.59 31.93 15.55
N ARG A 1125 -36.40 30.63 15.39
CA ARG A 1125 -35.46 29.90 16.24
C ARG A 1125 -34.03 30.31 15.90
N PRO A 1126 -33.21 30.64 16.90
CA PRO A 1126 -31.84 31.09 16.61
C PRO A 1126 -30.96 29.95 16.12
N LEU A 1127 -29.89 30.33 15.45
CA LEU A 1127 -28.89 29.40 14.94
C LEU A 1127 -27.59 29.60 15.71
N ILE A 1128 -27.00 28.50 16.18
CA ILE A 1128 -25.78 28.54 16.96
C ILE A 1128 -24.79 27.52 16.39
N GLY A 1129 -23.53 27.67 16.79
CA GLY A 1129 -22.49 26.71 16.44
C GLY A 1129 -22.14 26.65 14.97
N ALA A 1130 -22.17 27.79 14.28
CA ALA A 1130 -21.76 27.82 12.88
C ALA A 1130 -20.79 28.96 12.61
N THR A 1131 -20.89 30.03 13.38
CA THR A 1131 -20.11 31.24 13.15
C THR A 1131 -18.85 31.22 14.01
N LEU A 1132 -17.71 31.44 13.38
CA LEU A 1132 -16.41 31.51 14.04
C LEU A 1132 -15.65 32.70 13.51
N PRO A 1133 -14.78 33.30 14.33
CA PRO A 1133 -14.06 34.49 13.89
C PRO A 1133 -12.92 34.14 12.93
N CYS A 1134 -12.41 35.18 12.28
CA CYS A 1134 -11.24 35.07 11.40
C CYS A 1134 -10.00 35.41 12.21
N MET A 1135 -9.06 34.46 12.29
CA MET A 1135 -7.91 34.64 13.17
C MET A 1135 -6.96 35.72 12.67
N ILE A 1136 -6.99 36.01 11.37
CA ILE A 1136 -6.18 37.10 10.84
C ILE A 1136 -6.62 38.43 11.44
N GLU A 1137 -7.93 38.63 11.57
CA GLU A 1137 -8.48 39.84 12.17
C GLU A 1137 -8.48 39.80 13.69
N GLN A 1138 -8.12 38.68 14.30
CA GLN A 1138 -8.22 38.52 15.75
C GLN A 1138 -6.95 38.93 16.48
N PHE A 1139 -5.79 38.66 15.91
CA PHE A 1139 -4.51 38.89 16.59
C PHE A 1139 -3.68 39.93 15.85
N LYS A 1140 -2.77 40.56 16.59
CA LYS A 1140 -1.86 41.56 16.05
C LYS A 1140 -0.47 41.28 16.59
N VAL A 1141 0.55 41.47 15.74
CA VAL A 1141 1.92 41.14 16.09
C VAL A 1141 2.68 42.43 16.38
N VAL A 1142 3.76 42.30 17.16
CA VAL A 1142 4.56 43.45 17.55
C VAL A 1142 6.00 43.26 17.06
N TRP A 1143 6.43 42.01 16.92
CA TRP A 1143 7.76 41.67 16.38
C TRP A 1143 8.87 42.31 17.22
N LEU A 1144 8.96 41.83 18.46
CA LEU A 1144 9.97 42.33 19.39
C LEU A 1144 11.37 41.93 18.95
N LYS A 1145 12.35 42.64 19.52
CA LYS A 1145 13.76 42.40 19.31
C LYS A 1145 14.43 42.28 20.67
N PRO A 1146 15.63 41.66 20.75
CA PRO A 1146 16.20 41.26 22.05
C PRO A 1146 16.07 42.29 23.17
N TYR A 1147 16.61 43.49 22.99
CA TYR A 1147 16.53 44.52 24.00
C TYR A 1147 15.41 45.50 23.66
N GLU A 1148 14.18 44.99 23.75
CA GLU A 1148 13.00 45.79 23.47
C GLU A 1148 11.84 45.30 24.33
N GLN A 1149 10.88 46.19 24.58
CA GLN A 1149 9.69 45.88 25.35
C GLN A 1149 8.46 46.12 24.51
N CYS A 1150 7.44 45.29 24.72
CA CYS A 1150 6.21 45.39 23.93
C CYS A 1150 5.41 46.62 24.37
N PRO A 1151 5.14 47.58 23.47
CA PRO A 1151 4.32 48.72 23.87
C PRO A 1151 2.93 48.35 24.33
N GLN A 1152 2.33 47.31 23.74
CA GLN A 1152 1.01 46.87 24.16
C GLN A 1152 1.04 46.33 25.59
N CYS A 1153 2.06 45.54 25.92
CA CYS A 1153 2.18 44.99 27.27
C CYS A 1153 2.72 46.00 28.27
N SER A 1154 3.22 47.15 27.81
CA SER A 1154 3.81 48.14 28.68
C SER A 1154 2.85 49.24 29.09
N ASN A 1155 1.58 49.15 28.69
CA ASN A 1155 0.60 50.16 29.08
C ASN A 1155 -0.08 49.79 30.40
N ALA A 1156 0.75 49.41 31.38
CA ALA A 1156 0.36 49.24 32.78
C ALA A 1156 -0.64 48.11 33.00
N LYS A 1157 -1.14 47.51 31.92
CA LYS A 1157 -2.14 46.44 31.98
C LYS A 1157 -3.19 46.72 33.05
N GLN A 1158 -3.82 47.89 32.94
CA GLN A 1158 -4.64 48.41 34.03
C GLN A 1158 -5.88 47.56 34.32
N PRO A 1159 -6.87 47.47 33.40
CA PRO A 1159 -8.16 46.88 33.81
C PRO A 1159 -8.07 45.43 34.25
N GLY A 1160 -7.66 44.55 33.34
CA GLY A 1160 -7.50 43.15 33.66
C GLY A 1160 -6.14 42.59 33.28
N GLY A 1161 -5.50 43.22 32.30
CA GLY A 1161 -4.28 42.74 31.70
C GLY A 1161 -4.42 42.64 30.20
N LYS A 1162 -3.31 42.25 29.56
CA LYS A 1162 -3.25 42.11 28.11
C LYS A 1162 -2.88 40.69 27.74
N PRO A 1163 -3.86 39.83 27.47
CA PRO A 1163 -3.54 38.45 27.05
C PRO A 1163 -2.83 38.44 25.70
N PHE A 1164 -1.94 37.47 25.53
CA PHE A 1164 -1.18 37.35 24.31
C PHE A 1164 -0.61 35.93 24.21
N VAL A 1165 0.05 35.66 23.09
CA VAL A 1165 0.74 34.40 22.85
C VAL A 1165 2.19 34.73 22.50
N SER A 1166 3.12 33.99 23.11
CA SER A 1166 4.55 34.27 22.95
C SER A 1166 5.18 33.25 22.01
N VAL A 1167 6.01 33.73 21.09
CA VAL A 1167 6.78 32.87 20.19
C VAL A 1167 8.26 33.20 20.36
N ALA A 1168 9.07 32.18 20.60
CA ALA A 1168 10.50 32.35 20.78
C ALA A 1168 11.25 31.41 19.86
N VAL A 1169 12.49 31.78 19.51
CA VAL A 1169 13.31 31.03 18.58
C VAL A 1169 14.42 30.32 19.36
N LYS A 1170 14.64 29.05 19.03
CA LYS A 1170 15.69 28.27 19.67
C LYS A 1170 17.03 28.55 19.02
N LYS A 1171 18.08 27.94 19.56
CA LYS A 1171 19.43 28.10 19.03
C LYS A 1171 20.12 26.79 18.66
N HIS A 1172 19.54 25.64 19.00
CA HIS A 1172 20.14 24.36 18.66
C HIS A 1172 19.78 23.97 17.23
N ILE A 1173 20.78 23.51 16.48
CA ILE A 1173 20.61 23.24 15.05
C ILE A 1173 20.50 21.76 14.74
N VAL A 1174 21.15 20.88 15.50
CA VAL A 1174 21.12 19.44 15.29
C VAL A 1174 21.74 19.08 13.94
N SER A 1175 21.04 19.42 12.85
CA SER A 1175 21.53 19.13 11.52
C SER A 1175 21.13 20.26 10.57
N ALA A 1176 21.87 20.36 9.47
CA ALA A 1176 21.62 21.41 8.48
C ALA A 1176 22.24 21.00 7.16
N TRP A 1177 21.45 21.02 6.09
CA TRP A 1177 21.94 20.65 4.77
C TRP A 1177 21.40 21.66 3.75
N PRO A 1178 22.28 22.29 2.96
CA PRO A 1178 23.73 22.13 3.05
C PRO A 1178 24.38 22.99 4.12
N ASN A 1179 23.77 24.15 4.40
CA ASN A 1179 24.30 25.06 5.41
C ASN A 1179 23.19 25.49 6.37
N ALA A 1180 23.50 26.44 7.25
CA ALA A 1180 22.52 27.00 8.17
C ALA A 1180 22.14 28.43 7.80
N SER A 1181 22.32 28.81 6.53
CA SER A 1181 22.00 30.16 6.11
C SER A 1181 20.50 30.44 6.22
N ARG A 1182 19.67 29.47 5.85
CA ARG A 1182 18.22 29.63 5.86
C ARG A 1182 17.62 28.72 6.92
N ILE A 1183 16.59 29.22 7.60
CA ILE A 1183 15.95 28.43 8.66
C ILE A 1183 15.24 27.22 8.07
N SER A 1184 14.80 27.30 6.81
CA SER A 1184 14.13 26.16 6.19
C SER A 1184 15.06 24.99 5.92
N TRP A 1185 16.38 25.20 6.01
CA TRP A 1185 17.36 24.13 5.81
C TRP A 1185 17.81 23.50 7.12
N THR A 1186 17.26 23.92 8.26
CA THR A 1186 17.69 23.43 9.56
C THR A 1186 16.50 22.88 10.33
N ILE A 1187 16.81 22.09 11.36
CA ILE A 1187 15.83 21.58 12.30
C ILE A 1187 16.29 21.91 13.72
N GLY A 1188 15.51 21.46 14.69
CA GLY A 1188 15.81 21.79 16.08
C GLY A 1188 15.60 20.66 17.05
N ASP A 1189 15.32 21.01 18.31
CA ASP A 1189 15.13 19.99 19.34
C ASP A 1189 13.93 19.09 19.04
N GLY A 1190 12.82 19.68 18.57
CA GLY A 1190 11.67 18.94 18.15
C GLY A 1190 10.41 19.36 18.90
N ILE A 1191 9.58 18.37 19.23
CA ILE A 1191 8.32 18.47 19.98
C ILE A 1191 7.09 18.73 19.10
N PRO A 1192 7.15 19.59 18.04
CA PRO A 1192 5.95 20.31 17.58
C PRO A 1192 4.72 20.27 18.48
N TYR A 1193 4.87 20.75 19.72
CA TYR A 1193 3.79 20.82 20.71
C TYR A 1193 3.23 19.45 21.06
N ILE A 1194 2.43 19.38 22.12
CA ILE A 1194 1.76 18.14 22.50
C ILE A 1194 0.25 18.40 22.57
N GLY A 1195 -0.15 19.32 23.44
CA GLY A 1195 -1.55 19.62 23.63
C GLY A 1195 -1.86 20.09 25.04
N SER A 1196 -2.75 21.08 25.16
CA SER A 1196 -3.11 21.64 26.46
C SER A 1196 -4.16 20.74 27.12
N ARG A 1197 -3.70 19.57 27.54
CA ARG A 1197 -4.51 18.54 28.21
C ARG A 1197 -5.64 18.00 27.33
N THR A 1198 -5.69 18.40 26.06
CA THR A 1198 -6.71 17.96 25.11
C THR A 1198 -8.11 18.19 25.66
N GLU A 1199 -8.70 17.15 26.23
CA GLU A 1199 -10.03 17.24 26.82
C GLU A 1199 -10.24 16.05 27.75
N ASP A 1200 -11.23 16.17 28.62
CA ASP A 1200 -11.56 15.11 29.56
C ASP A 1200 -12.49 14.11 28.89
N LYS A 1201 -12.08 12.84 28.87
CA LYS A 1201 -12.85 11.77 28.25
C LYS A 1201 -13.45 10.89 29.34
N ILE A 1202 -14.77 10.67 29.26
CA ILE A 1202 -15.49 9.86 30.22
C ILE A 1202 -16.40 8.90 29.47
N GLY A 1203 -16.74 7.79 30.13
CA GLY A 1203 -17.64 6.82 29.54
C GLY A 1203 -16.98 5.51 29.16
N GLN A 1204 -17.50 4.41 29.72
CA GLN A 1204 -17.03 3.08 29.37
C GLN A 1204 -18.26 2.18 29.18
N PRO A 1205 -18.32 1.41 28.09
CA PRO A 1205 -19.47 0.54 27.87
C PRO A 1205 -19.63 -0.48 28.99
N ALA A 1206 -20.88 -0.76 29.35
CA ALA A 1206 -21.14 -1.75 30.40
C ALA A 1206 -20.71 -3.14 29.96
N ILE A 1207 -21.00 -3.51 28.71
CA ILE A 1207 -20.61 -4.79 28.15
C ILE A 1207 -19.86 -4.54 26.84
N LYS A 1208 -18.75 -5.25 26.66
CA LYS A 1208 -17.97 -5.13 25.43
C LYS A 1208 -18.53 -6.09 24.39
N PRO A 1209 -19.04 -5.60 23.27
CA PRO A 1209 -19.61 -6.50 22.26
C PRO A 1209 -18.52 -7.30 21.56
N LYS A 1210 -18.94 -8.42 20.98
CA LYS A 1210 -18.06 -9.24 20.16
C LYS A 1210 -17.93 -8.59 18.79
N CYS A 1211 -17.41 -9.32 17.80
CA CYS A 1211 -17.34 -8.82 16.44
C CYS A 1211 -18.71 -8.33 16.00
N PRO A 1212 -18.90 -7.02 15.83
CA PRO A 1212 -20.23 -6.47 15.55
C PRO A 1212 -20.55 -6.52 14.06
N SER A 1213 -21.74 -6.04 13.74
CA SER A 1213 -22.20 -5.96 12.36
C SER A 1213 -21.99 -4.54 11.82
N ALA A 1214 -22.41 -4.32 10.58
CA ALA A 1214 -22.29 -2.99 9.98
C ALA A 1214 -23.22 -2.00 10.67
N ALA A 1215 -24.47 -2.38 10.86
CA ALA A 1215 -25.48 -1.50 11.44
C ALA A 1215 -25.36 -1.36 12.95
N LEU A 1216 -24.73 -2.32 13.63
CA LEU A 1216 -24.66 -2.25 15.09
C LEU A 1216 -23.84 -1.05 15.55
N ARG A 1217 -22.67 -0.81 14.94
CA ARG A 1217 -21.87 0.34 15.33
C ARG A 1217 -22.60 1.64 15.02
N GLU A 1218 -23.26 1.72 13.86
CA GLU A 1218 -23.99 2.94 13.51
C GLU A 1218 -25.12 3.20 14.50
N ALA A 1219 -25.83 2.14 14.91
CA ALA A 1219 -26.89 2.32 15.92
C ALA A 1219 -26.30 2.78 17.25
N ILE A 1220 -25.13 2.24 17.62
CA ILE A 1220 -24.50 2.62 18.88
C ILE A 1220 -24.13 4.10 18.86
N GLU A 1221 -23.56 4.56 17.74
CA GLU A 1221 -23.22 5.98 17.61
C GLU A 1221 -24.46 6.86 17.59
N LEU A 1222 -25.54 6.41 16.92
CA LEU A 1222 -26.80 7.13 16.98
C LEU A 1222 -27.26 7.32 18.42
N ALA A 1223 -27.26 6.22 19.19
CA ALA A 1223 -27.70 6.29 20.58
C ALA A 1223 -26.81 7.23 21.39
N SER A 1224 -25.48 7.13 21.20
CA SER A 1224 -24.57 7.96 21.96
C SER A 1224 -24.78 9.43 21.66
N ARG A 1225 -24.89 9.80 20.38
CA ARG A 1225 -25.06 11.19 20.02
C ARG A 1225 -26.39 11.74 20.49
N LEU A 1226 -27.48 10.98 20.31
CA LEU A 1226 -28.78 11.46 20.77
C LEU A 1226 -28.81 11.61 22.29
N THR A 1227 -28.19 10.68 23.02
CA THR A 1227 -28.13 10.81 24.47
C THR A 1227 -27.30 12.02 24.89
N TRP A 1228 -26.17 12.25 24.23
CA TRP A 1228 -25.25 13.30 24.69
C TRP A 1228 -25.76 14.69 24.35
N VAL A 1229 -26.32 14.88 23.14
CA VAL A 1229 -26.68 16.23 22.69
C VAL A 1229 -27.75 16.83 23.58
N THR A 1230 -28.80 16.06 23.88
CA THR A 1230 -29.89 16.54 24.73
C THR A 1230 -29.81 15.87 26.09
N GLN A 1231 -29.72 16.69 27.14
CA GLN A 1231 -29.64 16.18 28.50
C GLN A 1231 -30.54 16.89 29.50
N GLY A 1232 -31.16 18.01 29.13
CA GLY A 1232 -32.04 18.72 30.03
C GLY A 1232 -33.44 18.19 30.13
N SER A 1233 -33.77 17.13 29.40
CA SER A 1233 -35.10 16.56 29.41
C SER A 1233 -35.01 15.05 29.40
N SER A 1234 -36.08 14.40 29.87
CA SER A 1234 -36.17 12.96 29.91
C SER A 1234 -36.80 12.39 28.64
N ASN A 1235 -37.10 13.22 27.65
CA ASN A 1235 -37.73 12.78 26.41
C ASN A 1235 -36.77 12.07 25.46
N SER A 1236 -35.49 11.98 25.82
CA SER A 1236 -34.49 11.39 24.93
C SER A 1236 -34.86 9.97 24.53
N ASP A 1237 -35.35 9.17 25.48
CA ASP A 1237 -35.73 7.79 25.17
C ASP A 1237 -36.83 7.72 24.11
N LEU A 1238 -37.67 8.76 24.03
CA LEU A 1238 -38.71 8.78 23.02
C LEU A 1238 -38.19 9.20 21.65
N LEU A 1239 -36.98 9.73 21.56
CA LEU A 1239 -36.42 10.17 20.29
C LEU A 1239 -35.53 9.13 19.64
N ILE A 1240 -34.85 8.30 20.44
CA ILE A 1240 -33.94 7.30 19.89
C ILE A 1240 -34.71 6.20 19.18
N LYS A 1241 -35.86 5.80 19.74
CA LYS A 1241 -36.58 4.63 19.24
C LYS A 1241 -36.94 4.70 17.76
N PRO A 1242 -37.49 5.80 17.22
CA PRO A 1242 -37.80 5.80 15.78
C PRO A 1242 -36.58 5.59 14.90
N PHE A 1243 -35.43 6.13 15.27
CA PHE A 1243 -34.22 5.94 14.49
C PHE A 1243 -33.65 4.54 14.67
N LEU A 1244 -33.67 4.03 15.91
CA LEU A 1244 -33.01 2.76 16.22
C LEU A 1244 -33.79 1.57 15.67
N GLU A 1245 -35.10 1.73 15.49
CA GLU A 1245 -35.94 0.60 15.06
C GLU A 1245 -35.69 0.18 13.62
N ALA A 1246 -34.96 0.98 12.84
CA ALA A 1246 -34.71 0.67 11.44
C ALA A 1246 -33.30 0.16 11.19
N ARG A 1247 -32.53 -0.09 12.24
CA ARG A 1247 -31.13 -0.49 12.09
C ARG A 1247 -30.82 -1.85 12.71
N VAL A 1248 -31.36 -2.14 13.89
CA VAL A 1248 -31.06 -3.39 14.59
C VAL A 1248 -32.36 -4.00 15.10
N ASN A 1249 -32.29 -5.30 15.41
CA ASN A 1249 -33.40 -6.00 16.03
C ASN A 1249 -33.45 -5.78 17.54
N LEU A 1250 -32.38 -5.27 18.14
CA LEU A 1250 -32.38 -4.98 19.57
C LEU A 1250 -33.32 -3.83 19.89
N SER A 1251 -33.83 -3.84 21.11
CA SER A 1251 -34.75 -2.81 21.57
C SER A 1251 -34.01 -1.77 22.41
N VAL A 1252 -34.70 -0.65 22.66
CA VAL A 1252 -34.15 0.38 23.53
C VAL A 1252 -34.02 -0.19 24.94
N GLN A 1253 -33.10 0.38 25.72
CA GLN A 1253 -32.68 -0.04 27.05
C GLN A 1253 -31.81 -1.28 27.01
N GLU A 1254 -31.61 -1.90 25.85
CA GLU A 1254 -30.65 -2.97 25.68
C GLU A 1254 -29.37 -2.50 24.99
N ILE A 1255 -29.41 -1.36 24.32
CA ILE A 1255 -28.21 -0.75 23.74
C ILE A 1255 -27.68 0.38 24.61
N LEU A 1256 -28.49 0.91 25.54
CA LEU A 1256 -28.03 1.99 26.41
C LEU A 1256 -26.84 1.57 27.25
N GLN A 1257 -26.73 0.28 27.59
CA GLN A 1257 -25.55 -0.21 28.27
C GLN A 1257 -24.38 -0.45 27.33
N MET A 1258 -24.65 -0.65 26.04
CA MET A 1258 -23.56 -0.82 25.08
C MET A 1258 -22.87 0.49 24.77
N THR A 1259 -23.64 1.59 24.67
CA THR A 1259 -23.04 2.88 24.38
C THR A 1259 -22.32 3.44 25.60
N PRO A 1260 -21.19 4.11 25.40
CA PRO A 1260 -20.50 4.73 26.53
C PRO A 1260 -21.27 5.92 27.08
N SER A 1261 -21.04 6.20 28.37
CA SER A 1261 -21.70 7.32 29.04
C SER A 1261 -20.90 8.60 28.78
N HIS A 1262 -20.97 9.06 27.53
CA HIS A 1262 -20.26 10.26 27.13
C HIS A 1262 -20.84 11.48 27.83
N TYR A 1263 -19.96 12.35 28.33
CA TYR A 1263 -20.39 13.57 29.01
C TYR A 1263 -19.27 14.59 28.89
N SER A 1264 -19.51 15.63 28.10
CA SER A 1264 -18.54 16.70 27.92
C SER A 1264 -19.18 18.06 28.19
N GLY A 1265 -18.49 19.14 27.87
CA GLY A 1265 -19.01 20.49 28.16
C GLY A 1265 -19.10 21.37 26.92
N ASN A 1266 -20.00 22.36 26.92
CA ASN A 1266 -20.16 23.32 25.78
C ASN A 1266 -20.73 22.60 24.55
N ILE A 1267 -20.33 21.34 24.31
CA ILE A 1267 -20.79 20.55 23.12
C ILE A 1267 -20.36 21.24 21.83
N VAL A 1268 -20.37 22.58 21.78
CA VAL A 1268 -19.88 23.25 20.58
C VAL A 1268 -18.39 22.99 20.39
N HIS A 1269 -17.61 23.08 21.46
CA HIS A 1269 -16.18 22.83 21.36
C HIS A 1269 -15.90 21.38 20.98
N ARG A 1270 -16.72 20.45 21.47
CA ARG A 1270 -16.54 19.05 21.13
C ARG A 1270 -16.73 18.81 19.63
N TYR A 1271 -17.74 19.45 19.03
CA TYR A 1271 -17.92 19.36 17.58
C TYR A 1271 -16.92 20.23 16.83
N ASN A 1272 -16.24 21.15 17.52
CA ASN A 1272 -15.27 22.02 16.85
C ASN A 1272 -13.96 21.30 16.57
N ASP A 1273 -13.30 20.82 17.62
CA ASP A 1273 -11.98 20.22 17.46
C ASP A 1273 -11.88 18.84 18.09
N GLN A 1274 -12.66 18.60 19.15
CA GLN A 1274 -12.58 17.31 19.85
C GLN A 1274 -13.02 16.16 18.95
N TYR A 1275 -14.10 16.35 18.19
CA TYR A 1275 -14.51 15.35 17.21
C TYR A 1275 -13.67 15.40 15.95
N SER A 1276 -12.94 16.50 15.73
CA SER A 1276 -12.06 16.72 14.58
C SER A 1276 -12.78 16.45 13.26
N PRO A 1277 -13.73 17.30 12.86
CA PRO A 1277 -14.33 17.14 11.53
C PRO A 1277 -13.31 17.22 10.41
N HIS A 1278 -12.26 18.02 10.58
CA HIS A 1278 -11.16 18.10 9.64
C HIS A 1278 -9.94 18.58 10.40
N SER A 1279 -8.95 17.71 10.59
CA SER A 1279 -7.77 18.09 11.35
C SER A 1279 -6.95 19.09 10.54
N PHE A 1280 -6.43 20.10 11.22
CA PHE A 1280 -6.05 21.35 10.56
C PHE A 1280 -4.75 21.22 9.77
N MET A 1281 -3.71 20.61 10.33
CA MET A 1281 -2.38 20.61 9.70
C MET A 1281 -1.95 22.05 9.43
N ALA A 1282 -1.09 22.23 8.42
CA ALA A 1282 -0.60 23.56 8.04
C ALA A 1282 -0.08 23.49 6.61
N ASN A 1283 0.16 24.66 6.03
CA ASN A 1283 0.63 24.77 4.66
C ASN A 1283 2.12 25.11 4.57
N ARG A 1284 2.88 24.88 5.64
CA ARG A 1284 4.31 25.14 5.63
C ARG A 1284 5.07 23.86 5.89
N MET A 1285 6.30 23.78 5.35
CA MET A 1285 7.15 22.64 5.58
C MET A 1285 7.48 22.51 7.06
N SER A 1286 7.50 21.28 7.56
CA SER A 1286 7.72 21.01 8.98
C SER A 1286 9.20 21.07 9.33
N ASN A 1287 9.79 22.24 9.09
CA ASN A 1287 11.18 22.50 9.41
C ASN A 1287 11.36 23.61 10.43
N SER A 1288 10.68 24.74 10.24
CA SER A 1288 10.79 25.84 11.20
C SER A 1288 10.04 25.53 12.48
N ALA A 1289 8.97 24.73 12.41
CA ALA A 1289 8.18 24.43 13.59
C ALA A 1289 8.97 23.68 14.65
N THR A 1290 10.08 23.06 14.27
CA THR A 1290 10.94 22.35 15.21
C THR A 1290 11.97 23.26 15.89
N ARG A 1291 12.03 24.53 15.51
CA ARG A 1291 12.98 25.48 16.07
C ARG A 1291 12.28 26.65 16.75
N LEU A 1292 11.07 26.42 17.25
CA LEU A 1292 10.29 27.49 17.89
C LEU A 1292 9.64 26.96 19.15
N ILE A 1293 9.47 27.86 20.12
CA ILE A 1293 8.74 27.58 21.36
C ILE A 1293 7.54 28.50 21.39
N VAL A 1294 6.35 27.90 21.53
CA VAL A 1294 5.10 28.64 21.54
C VAL A 1294 4.49 28.52 22.93
N SER A 1295 4.27 29.65 23.59
CA SER A 1295 3.68 29.70 24.92
C SER A 1295 2.31 30.36 24.83
N THR A 1296 1.28 29.64 25.27
CA THR A 1296 -0.08 30.15 25.30
C THR A 1296 -0.62 30.32 26.72
N ASN A 1297 0.10 29.82 27.72
CA ASN A 1297 -0.37 29.94 29.10
C ASN A 1297 -0.40 31.38 29.59
N THR A 1298 0.33 32.28 28.91
CA THR A 1298 0.32 33.70 29.29
C THR A 1298 -0.99 34.39 28.92
N LEU A 1299 -1.89 33.71 28.20
CA LEU A 1299 -3.21 34.27 27.92
C LEU A 1299 -4.01 34.49 29.20
N GLY A 1300 -3.66 33.79 30.28
CA GLY A 1300 -4.34 33.97 31.55
C GLY A 1300 -5.69 33.27 31.60
N GLU A 1301 -6.76 34.07 31.61
CA GLU A 1301 -8.12 33.52 31.61
C GLU A 1301 -8.59 33.12 30.21
N PHE A 1302 -7.68 33.03 29.25
CA PHE A 1302 -7.99 32.58 27.89
C PHE A 1302 -9.07 33.45 27.25
N SER A 1303 -8.83 34.75 27.26
CA SER A 1303 -9.74 35.74 26.66
C SER A 1303 -11.16 35.62 27.22
N ASP A 1311 -17.15 28.80 26.84
CA ASP A 1311 -15.71 28.99 27.01
C ASP A 1311 -15.17 30.00 26.00
N SER A 1312 -13.91 29.81 25.60
CA SER A 1312 -13.27 30.72 24.66
C SER A 1312 -13.73 30.42 23.24
N ASN A 1313 -13.64 31.46 22.40
CA ASN A 1313 -14.03 31.38 20.99
C ASN A 1313 -12.78 31.30 20.11
N ILE A 1314 -11.78 30.56 20.59
CA ILE A 1314 -10.48 30.48 19.93
C ILE A 1314 -10.19 29.02 19.61
N ILE A 1315 -9.78 28.75 18.37
CA ILE A 1315 -9.34 27.42 17.97
C ILE A 1315 -7.84 27.36 18.26
N PHE A 1316 -7.47 26.72 19.37
CA PHE A 1316 -6.08 26.75 19.81
C PHE A 1316 -5.16 25.99 18.89
N GLN A 1317 -5.68 25.02 18.13
CA GLN A 1317 -4.84 24.31 17.18
C GLN A 1317 -4.36 25.22 16.07
N ASN A 1318 -5.22 26.13 15.60
CA ASN A 1318 -4.85 27.03 14.51
C ASN A 1318 -3.91 28.14 14.95
N VAL A 1319 -3.85 28.45 16.25
CA VAL A 1319 -2.96 29.51 16.71
C VAL A 1319 -1.50 29.12 16.49
N ILE A 1320 -1.15 27.87 16.78
CA ILE A 1320 0.23 27.42 16.59
C ILE A 1320 0.60 27.48 15.12
N ASN A 1321 -0.30 27.02 14.24
CA ASN A 1321 -0.04 27.08 12.81
C ASN A 1321 0.11 28.51 12.34
N TYR A 1322 -0.74 29.41 12.82
CA TYR A 1322 -0.65 30.82 12.42
C TYR A 1322 0.68 31.42 12.83
N ALA A 1323 1.10 31.18 14.08
CA ALA A 1323 2.36 31.73 14.56
C ALA A 1323 3.54 31.18 13.78
N VAL A 1324 3.57 29.86 13.58
CA VAL A 1324 4.69 29.24 12.87
C VAL A 1324 4.75 29.72 11.43
N ALA A 1325 3.61 29.77 10.75
CA ALA A 1325 3.59 30.21 9.36
C ALA A 1325 3.99 31.67 9.24
N LEU A 1326 3.55 32.52 10.17
CA LEU A 1326 3.94 33.91 10.13
C LEU A 1326 5.44 34.07 10.32
N PHE A 1327 6.02 33.34 11.28
CA PHE A 1327 7.45 33.43 11.50
C PHE A 1327 8.23 32.92 10.30
N ASP A 1328 7.74 31.86 9.66
CA ASP A 1328 8.43 31.31 8.49
C ASP A 1328 8.37 32.29 7.32
N ILE A 1329 7.19 32.84 7.04
CA ILE A 1329 7.03 33.75 5.91
C ILE A 1329 7.81 35.05 6.13
N LYS A 1330 7.88 35.52 7.39
CA LYS A 1330 8.60 36.75 7.66
C LYS A 1330 10.08 36.63 7.30
N PHE A 1331 10.71 35.50 7.64
CA PHE A 1331 12.12 35.26 7.38
C PHE A 1331 12.25 34.02 6.51
N ARG A 1332 12.18 34.19 5.20
CA ARG A 1332 12.37 33.09 4.26
C ARG A 1332 13.45 33.35 3.22
N ASN A 1333 13.93 34.58 3.09
CA ASN A 1333 14.98 34.92 2.13
C ASN A 1333 16.09 35.73 2.79
N THR A 1334 16.37 35.46 4.06
CA THR A 1334 17.36 36.20 4.81
C THR A 1334 18.29 35.23 5.53
N GLU A 1335 19.51 35.70 5.81
CA GLU A 1335 20.47 34.91 6.55
C GLU A 1335 19.98 34.64 7.96
N ALA A 1336 20.25 33.44 8.46
CA ALA A 1336 19.79 33.07 9.80
C ALA A 1336 20.44 33.95 10.86
N THR A 1337 21.73 34.24 10.72
CA THR A 1337 22.43 35.07 11.68
C THR A 1337 22.13 36.56 11.53
N ASP A 1338 21.48 36.96 10.43
CA ASP A 1338 21.14 38.35 10.20
C ASP A 1338 19.74 38.70 10.70
N ILE A 1339 19.04 37.77 11.34
CA ILE A 1339 17.71 38.05 11.86
C ILE A 1339 17.85 38.92 13.10
N GLN A 1340 17.21 40.08 13.10
CA GLN A 1340 17.33 41.06 14.17
C GLN A 1340 16.22 40.95 15.21
N TYR A 1341 15.32 40.00 15.07
CA TYR A 1341 14.18 39.85 15.98
C TYR A 1341 14.35 38.57 16.80
N ASN A 1342 14.11 38.68 18.11
CA ASN A 1342 14.28 37.55 19.03
C ASN A 1342 12.96 36.80 19.22
N ARG A 1343 11.94 37.48 19.73
CA ARG A 1343 10.66 36.85 20.04
C ARG A 1343 9.53 37.71 19.49
N ALA A 1344 8.34 37.11 19.45
CA ALA A 1344 7.16 37.75 18.89
C ALA A 1344 6.00 37.63 19.87
N HIS A 1345 5.18 38.68 19.92
CA HIS A 1345 3.99 38.74 20.76
C HIS A 1345 2.76 38.83 19.86
N LEU A 1346 1.81 37.93 20.05
CA LEU A 1346 0.54 37.94 19.33
C LEU A 1346 -0.53 38.36 20.33
N HIS A 1347 -0.95 39.63 20.26
CA HIS A 1347 -1.93 40.18 21.19
C HIS A 1347 -3.31 40.14 20.55
N LEU A 1348 -4.29 39.68 21.31
CA LEU A 1348 -5.65 39.56 20.79
C LEU A 1348 -6.39 40.87 20.95
N THR A 1349 -7.29 41.15 20.00
CA THR A 1349 -8.09 42.35 20.01
C THR A 1349 -9.48 42.05 20.56
N LYS A 1350 -10.00 42.96 21.38
CA LYS A 1350 -11.30 42.77 22.01
C LYS A 1350 -12.44 43.18 21.09
N CYS A 1351 -12.40 42.71 19.85
CA CYS A 1351 -13.43 43.02 18.86
C CYS A 1351 -14.04 41.80 18.19
N CYS A 1352 -13.36 40.65 18.19
CA CYS A 1352 -13.88 39.44 17.57
C CYS A 1352 -13.79 38.24 18.50
N THR A 1353 -13.71 38.47 19.81
CA THR A 1353 -13.65 37.40 20.80
C THR A 1353 -14.88 37.48 21.69
N ARG A 1354 -15.58 36.36 21.85
CA ARG A 1354 -16.80 36.29 22.63
C ARG A 1354 -16.78 35.06 23.52
N GLU A 1355 -17.57 35.11 24.58
CA GLU A 1355 -17.72 34.00 25.51
C GLU A 1355 -18.98 33.23 25.14
N VAL A 1356 -18.81 31.96 24.78
CA VAL A 1356 -19.92 31.11 24.36
C VAL A 1356 -20.47 30.40 25.59
N PRO A 1357 -21.75 30.54 25.89
CA PRO A 1357 -22.32 29.82 27.05
C PRO A 1357 -22.59 28.36 26.72
N ALA A 1358 -22.80 27.58 27.78
CA ALA A 1358 -23.10 26.16 27.66
C ALA A 1358 -24.59 26.00 27.45
N GLN A 1359 -24.98 25.57 26.25
CA GLN A 1359 -26.38 25.39 25.89
C GLN A 1359 -26.59 23.98 25.38
N TYR A 1360 -27.80 23.46 25.59
CA TYR A 1360 -28.18 22.13 25.15
C TYR A 1360 -29.34 22.21 24.18
N LEU A 1361 -29.65 21.07 23.57
CA LEU A 1361 -30.68 20.97 22.54
C LEU A 1361 -31.98 20.45 23.16
N THR A 1362 -33.10 21.04 22.76
CA THR A 1362 -34.41 20.64 23.23
C THR A 1362 -35.29 20.28 22.05
N TYR A 1363 -36.10 19.24 22.23
CA TYR A 1363 -37.02 18.76 21.20
C TYR A 1363 -38.43 18.72 21.77
N THR A 1364 -39.38 19.30 21.03
CA THR A 1364 -40.76 19.33 21.48
C THR A 1364 -41.57 18.16 20.93
N SER A 1365 -41.47 17.90 19.63
CA SER A 1365 -42.22 16.85 18.96
C SER A 1365 -41.33 15.63 18.71
N THR A 1366 -41.85 14.67 17.97
CA THR A 1366 -41.14 13.46 17.60
C THR A 1366 -41.47 13.16 16.13
N LEU A 1367 -40.64 12.33 15.50
CA LEU A 1367 -40.79 12.06 14.07
C LEU A 1367 -42.19 11.57 13.74
N ASP A 1368 -42.66 10.54 14.45
CA ASP A 1368 -43.93 9.88 14.14
C ASP A 1368 -43.93 9.34 12.70
N LEU A 1369 -42.82 8.69 12.33
CA LEU A 1369 -42.69 7.99 11.06
C LEU A 1369 -42.54 6.50 11.32
N ASP A 1370 -42.97 5.70 10.33
CA ASP A 1370 -42.89 4.24 10.41
C ASP A 1370 -41.67 3.78 9.62
N LEU A 1371 -40.56 3.63 10.33
CA LEU A 1371 -39.34 3.10 9.75
C LEU A 1371 -39.25 1.58 9.85
N THR A 1372 -40.30 0.94 10.36
CA THR A 1372 -40.32 -0.52 10.48
C THR A 1372 -40.30 -1.21 9.12
N ARG A 1373 -40.70 -0.53 8.06
CA ARG A 1373 -40.80 -1.15 6.74
C ARG A 1373 -39.45 -1.62 6.22
N TYR A 1374 -38.36 -1.16 6.79
CA TYR A 1374 -37.02 -1.54 6.35
C TYR A 1374 -36.60 -2.83 7.06
N ARG A 1375 -37.18 -3.93 6.60
CA ARG A 1375 -36.84 -5.27 7.10
C ARG A 1375 -36.12 -6.08 6.02
N GLU A 1376 -35.23 -5.44 5.27
CA GLU A 1376 -34.49 -6.08 4.19
C GLU A 1376 -33.00 -6.03 4.49
N ASN A 1377 -32.21 -6.55 3.55
CA ASN A 1377 -30.78 -6.75 3.74
C ASN A 1377 -30.00 -5.46 3.53
N GLU A 1378 -28.69 -5.59 3.35
CA GLU A 1378 -27.78 -4.48 3.06
C GLU A 1378 -27.55 -3.60 4.28
N LEU A 1379 -27.34 -2.30 4.05
CA LEU A 1379 -26.93 -1.37 5.09
C LEU A 1379 -28.05 -0.97 6.02
N ILE A 1380 -29.14 -1.75 6.03
CA ILE A 1380 -30.31 -1.43 6.84
C ILE A 1380 -30.51 -2.60 7.80
N TYR A 1381 -31.59 -2.56 8.58
CA TYR A 1381 -31.86 -3.50 9.67
C TYR A 1381 -31.43 -4.92 9.34
N ASP A 1382 -30.72 -5.55 10.27
CA ASP A 1382 -30.33 -6.94 10.19
C ASP A 1382 -30.91 -7.71 11.36
N ASN A 1383 -31.09 -9.02 11.17
CA ASN A 1383 -31.66 -9.87 12.20
C ASN A 1383 -30.58 -10.35 13.16
N HIS B 81 -11.75 -85.01 80.26
CA HIS B 81 -12.38 -85.20 78.96
C HIS B 81 -12.67 -83.86 78.30
N SER B 82 -13.52 -83.06 78.93
CA SER B 82 -13.85 -81.74 78.39
C SER B 82 -12.63 -80.82 78.39
N PHE B 83 -11.83 -80.87 79.45
CA PHE B 83 -10.64 -80.03 79.51
C PHE B 83 -9.64 -80.39 78.41
N GLU B 84 -9.46 -81.68 78.15
CA GLU B 84 -8.55 -82.09 77.08
C GLU B 84 -9.05 -81.63 75.72
N GLU B 85 -10.36 -81.73 75.48
CA GLU B 85 -10.93 -81.25 74.22
C GLU B 85 -10.74 -79.74 74.07
N VAL B 86 -10.94 -78.99 75.17
CA VAL B 86 -10.76 -77.55 75.14
C VAL B 86 -9.30 -77.21 74.83
N VAL B 87 -8.36 -77.93 75.45
CA VAL B 87 -6.94 -77.69 75.20
C VAL B 87 -6.60 -77.98 73.73
N GLN B 88 -7.13 -79.09 73.20
CA GLN B 88 -6.85 -79.43 71.81
C GLN B 88 -7.42 -78.38 70.87
N THR B 89 -8.65 -77.90 71.14
CA THR B 89 -9.23 -76.86 70.30
C THR B 89 -8.43 -75.57 70.37
N LEU B 90 -7.95 -75.21 71.57
CA LEU B 90 -7.12 -74.02 71.72
C LEU B 90 -5.81 -74.16 70.94
N ALA B 91 -5.19 -75.35 70.99
CA ALA B 91 -3.97 -75.57 70.23
C ALA B 91 -4.23 -75.47 68.73
N SER B 92 -5.34 -76.04 68.26
CA SER B 92 -5.69 -75.94 66.85
C SER B 92 -5.92 -74.49 66.45
N LEU B 93 -6.62 -73.73 67.30
CA LEU B 93 -6.85 -72.30 67.01
C LEU B 93 -5.53 -71.54 66.96
N ALA B 94 -4.60 -71.84 67.87
CA ALA B 94 -3.31 -71.18 67.85
C ALA B 94 -2.53 -71.50 66.57
N THR B 95 -2.56 -72.76 66.15
CA THR B 95 -1.87 -73.13 64.91
C THR B 95 -2.49 -72.43 63.71
N VAL B 96 -3.82 -72.37 63.65
CA VAL B 96 -4.47 -71.70 62.53
C VAL B 96 -4.19 -70.20 62.56
N VAL B 97 -4.10 -69.60 63.75
CA VAL B 97 -3.74 -68.18 63.85
C VAL B 97 -2.32 -67.95 63.37
N GLN B 98 -1.41 -68.87 63.70
CA GLN B 98 -0.03 -68.77 63.19
C GLN B 98 -0.01 -68.86 61.67
N GLN B 99 -0.81 -69.77 61.10
CA GLN B 99 -0.91 -69.86 59.64
C GLN B 99 -1.47 -68.58 59.05
N GLN B 100 -2.46 -67.97 59.73
CA GLN B 100 -2.99 -66.69 59.29
C GLN B 100 -1.92 -65.61 59.29
N THR B 101 -1.10 -65.59 60.34
CA THR B 101 0.00 -64.62 60.40
C THR B 101 0.99 -64.83 59.27
N ILE B 102 1.31 -66.09 58.98
CA ILE B 102 2.22 -66.39 57.87
C ILE B 102 1.63 -65.91 56.55
N ALA B 103 0.33 -66.16 56.34
CA ALA B 103 -0.32 -65.72 55.10
C ALA B 103 -0.32 -64.20 55.00
N SER B 104 -0.58 -63.51 56.11
CA SER B 104 -0.55 -62.05 56.10
C SER B 104 0.85 -61.52 55.80
N GLU B 105 1.87 -62.17 56.35
CA GLU B 105 3.24 -61.78 56.05
C GLU B 105 3.55 -61.97 54.57
N SER B 106 3.10 -63.09 53.99
CA SER B 106 3.30 -63.31 52.57
C SER B 106 2.59 -62.25 51.72
N LEU B 107 1.36 -61.90 52.11
CA LEU B 107 0.63 -60.87 51.38
C LEU B 107 1.33 -59.52 51.46
N GLU B 108 1.84 -59.16 52.64
CA GLU B 108 2.58 -57.91 52.79
C GLU B 108 3.87 -57.94 51.98
N GLN B 109 4.54 -59.09 51.94
CA GLN B 109 5.74 -59.21 51.13
C GLN B 109 5.44 -59.02 49.65
N ARG B 110 4.33 -59.60 49.18
CA ARG B 110 3.92 -59.39 47.79
C ARG B 110 3.61 -57.93 47.51
N ILE B 111 2.92 -57.27 48.44
CA ILE B 111 2.57 -55.87 48.25
C ILE B 111 3.83 -55.01 48.18
N THR B 112 4.78 -55.26 49.07
CA THR B 112 6.01 -54.45 49.07
C THR B 112 6.87 -54.77 47.85
N SER B 113 6.84 -56.02 47.36
CA SER B 113 7.53 -56.32 46.11
C SER B 113 6.91 -55.58 44.94
N LEU B 114 5.58 -55.51 44.89
CA LEU B 114 4.92 -54.72 43.86
C LEU B 114 5.30 -53.24 43.95
N GLU B 115 5.32 -52.70 45.18
CA GLU B 115 5.69 -51.30 45.36
C GLU B 115 7.12 -51.04 44.92
N ASN B 116 8.04 -51.95 45.25
CA ASN B 116 9.43 -51.80 44.84
C ASN B 116 9.57 -51.88 43.33
N GLY B 117 8.86 -52.81 42.69
CA GLY B 117 8.97 -52.99 41.26
C GLY B 117 8.28 -51.91 40.45
N LEU B 118 7.33 -51.19 41.04
CA LEU B 118 6.63 -50.14 40.32
C LEU B 118 7.45 -48.86 40.17
N LYS B 119 8.60 -48.77 40.82
CA LYS B 119 9.40 -47.55 40.76
C LYS B 119 9.88 -47.19 39.36
N PRO B 120 10.41 -48.11 38.54
CA PRO B 120 10.84 -47.71 37.18
C PRO B 120 9.73 -47.10 36.34
N VAL B 121 8.48 -47.54 36.52
CA VAL B 121 7.36 -46.93 35.80
C VAL B 121 7.22 -45.46 36.18
N TYR B 122 7.35 -45.16 37.48
CA TYR B 122 7.33 -43.77 37.92
C TYR B 122 8.51 -43.00 37.34
N ASP B 123 9.69 -43.61 37.31
CA ASP B 123 10.89 -42.92 36.86
C ASP B 123 10.89 -42.63 35.37
N MET B 124 10.27 -43.49 34.56
CA MET B 124 10.24 -43.30 33.12
C MET B 124 9.20 -42.30 32.66
N ALA B 125 8.48 -41.66 33.59
CA ALA B 125 7.45 -40.71 33.20
C ALA B 125 8.03 -39.46 32.56
N LYS B 126 9.26 -39.09 32.91
CA LYS B 126 9.84 -37.84 32.43
C LYS B 126 10.28 -37.90 30.97
N THR B 127 10.46 -39.11 30.42
CA THR B 127 10.94 -39.23 29.05
C THR B 127 9.85 -38.98 28.02
N ILE B 128 8.59 -38.87 28.44
CA ILE B 128 7.49 -38.71 27.49
C ILE B 128 7.41 -37.28 26.95
N SER B 129 7.85 -36.29 27.73
CA SER B 129 7.71 -34.89 27.30
C SER B 129 8.54 -34.60 26.06
N SER B 130 9.80 -35.03 26.04
CA SER B 130 10.64 -34.81 24.87
C SER B 130 10.11 -35.54 23.65
N LEU B 131 9.62 -36.78 23.85
CA LEU B 131 9.03 -37.53 22.76
C LEU B 131 7.82 -36.80 22.20
N ASN B 132 6.96 -36.27 23.06
CA ASN B 132 5.80 -35.53 22.61
C ASN B 132 6.21 -34.30 21.83
N ARG B 133 7.20 -33.56 22.33
CA ARG B 133 7.68 -32.37 21.63
C ARG B 133 8.15 -32.72 20.22
N VAL B 134 9.05 -33.71 20.11
CA VAL B 134 9.64 -34.04 18.82
C VAL B 134 8.58 -34.58 17.87
N CYS B 135 7.71 -35.47 18.35
CA CYS B 135 6.70 -36.06 17.47
C CYS B 135 5.71 -35.02 16.99
N ALA B 136 5.27 -34.13 17.89
CA ALA B 136 4.34 -33.08 17.48
C ALA B 136 4.98 -32.14 16.46
N GLU B 137 6.25 -31.78 16.67
CA GLU B 137 6.93 -30.91 15.71
C GLU B 137 7.05 -31.57 14.34
N MET B 138 7.45 -32.85 14.32
CA MET B 138 7.56 -33.56 13.05
C MET B 138 6.20 -33.67 12.36
N VAL B 139 5.15 -33.96 13.13
CA VAL B 139 3.82 -34.09 12.57
C VAL B 139 3.37 -32.77 11.96
N ALA B 140 3.59 -31.65 12.67
CA ALA B 140 3.21 -30.36 12.14
C ALA B 140 3.95 -30.04 10.85
N LYS B 141 5.27 -30.29 10.84
CA LYS B 141 6.06 -29.98 9.65
C LYS B 141 5.58 -30.79 8.45
N TYR B 142 5.42 -32.10 8.62
CA TYR B 142 5.05 -32.92 7.46
C TYR B 142 3.59 -32.76 7.08
N ASP B 143 2.71 -32.42 8.03
CA ASP B 143 1.34 -32.09 7.69
C ASP B 143 1.26 -30.83 6.85
N LEU B 144 2.04 -29.81 7.20
CA LEU B 144 2.08 -28.62 6.36
C LEU B 144 2.66 -28.96 4.98
N LEU B 145 3.69 -29.83 4.95
CA LEU B 145 4.29 -30.20 3.68
C LEU B 145 3.26 -30.88 2.77
N VAL B 146 2.45 -31.79 3.31
CA VAL B 146 1.47 -32.45 2.47
C VAL B 146 0.30 -31.51 2.14
N MET B 147 0.01 -30.55 3.02
CA MET B 147 -1.03 -29.56 2.71
C MET B 147 -0.62 -28.69 1.52
N THR B 148 0.63 -28.22 1.51
CA THR B 148 1.09 -27.34 0.45
C THR B 148 1.38 -28.08 -0.85
N THR B 149 1.42 -29.41 -0.83
CA THR B 149 1.67 -30.20 -2.02
C THR B 149 0.35 -30.82 -2.49
N GLY B 150 0.05 -30.65 -3.76
CA GLY B 150 -1.24 -31.07 -4.30
C GLY B 150 -1.40 -32.58 -4.33
N ARG B 151 -2.61 -32.99 -4.72
CA ARG B 151 -2.89 -34.42 -4.85
C ARG B 151 -2.05 -35.05 -5.95
N ALA B 152 -1.64 -34.28 -6.94
CA ALA B 152 -0.78 -34.75 -8.02
C ALA B 152 0.66 -34.38 -7.67
N THR B 153 1.43 -35.38 -7.27
CA THR B 153 2.82 -35.16 -6.86
C THR B 153 3.82 -36.01 -7.64
N ALA B 154 3.47 -37.27 -7.94
CA ALA B 154 4.31 -38.19 -8.67
C ALA B 154 5.55 -38.57 -7.86
N THR B 155 5.77 -39.87 -7.68
CA THR B 155 6.90 -40.34 -6.89
C THR B 155 8.21 -40.08 -7.64
N ALA B 156 9.33 -40.40 -6.97
CA ALA B 156 10.64 -40.16 -7.55
C ALA B 156 10.83 -40.96 -8.83
N ALA B 157 10.39 -42.22 -8.83
CA ALA B 157 10.51 -43.04 -10.03
C ALA B 157 9.68 -42.45 -11.17
N ALA B 158 8.52 -41.90 -10.86
CA ALA B 158 7.70 -41.28 -11.89
C ALA B 158 8.41 -40.09 -12.52
N THR B 159 9.02 -39.22 -11.71
CA THR B 159 9.75 -38.08 -12.26
C THR B 159 10.95 -38.54 -13.07
N GLU B 160 11.69 -39.54 -12.58
CA GLU B 160 12.84 -40.03 -13.32
C GLU B 160 12.43 -40.61 -14.67
N ALA B 161 11.33 -41.36 -14.70
CA ALA B 161 10.86 -41.94 -15.96
C ALA B 161 10.36 -40.85 -16.90
N TYR B 162 9.67 -39.84 -16.36
CA TYR B 162 9.07 -38.84 -17.23
C TYR B 162 10.12 -37.84 -17.73
N TRP B 163 11.27 -37.78 -17.06
CA TRP B 163 12.39 -36.99 -17.59
C TRP B 163 12.96 -37.58 -18.87
N ALA B 164 12.69 -38.84 -19.17
CA ALA B 164 13.12 -39.45 -20.42
C ALA B 164 12.33 -38.96 -21.62
N GLU B 165 11.23 -38.25 -21.40
CA GLU B 165 10.40 -37.67 -22.46
C GLU B 165 10.70 -36.18 -22.49
N HIS B 166 11.70 -35.79 -23.29
CA HIS B 166 12.18 -34.42 -23.37
C HIS B 166 12.59 -33.91 -22.00
N GLY B 167 12.76 -32.60 -21.85
CA GLY B 167 13.02 -32.06 -20.53
C GLY B 167 11.80 -32.24 -19.67
N GLN B 168 10.74 -31.47 -19.95
CA GLN B 168 9.37 -31.72 -19.49
C GLN B 168 9.29 -32.13 -18.03
N PRO B 169 9.44 -31.22 -17.08
CA PRO B 169 9.20 -31.57 -15.69
C PRO B 169 7.78 -32.09 -15.50
N PRO B 170 7.59 -33.11 -14.67
CA PRO B 170 6.27 -33.73 -14.58
C PRO B 170 5.25 -32.76 -14.01
N PRO B 171 3.99 -32.86 -14.42
CA PRO B 171 2.94 -32.04 -13.80
C PRO B 171 2.81 -32.36 -12.33
N GLY B 172 2.59 -31.33 -11.53
CA GLY B 172 2.51 -31.48 -10.10
C GLY B 172 3.88 -31.33 -9.46
N PRO B 173 3.91 -30.85 -8.23
CA PRO B 173 5.19 -30.60 -7.57
C PRO B 173 5.98 -31.87 -7.32
N SER B 174 7.30 -31.74 -7.32
CA SER B 174 8.20 -32.85 -7.08
C SER B 174 9.18 -32.49 -5.96
N LEU B 175 9.63 -33.51 -5.24
CA LEU B 175 10.48 -33.33 -4.07
C LEU B 175 11.87 -33.88 -4.35
N TYR B 176 12.89 -33.12 -3.95
CA TYR B 176 14.29 -33.51 -4.07
C TYR B 176 14.98 -33.28 -2.74
N GLU B 177 16.30 -33.47 -2.73
CA GLU B 177 17.16 -32.96 -1.67
C GLU B 177 18.24 -32.11 -2.31
N GLU B 178 18.71 -31.11 -1.55
CA GLU B 178 19.65 -30.15 -2.11
C GLU B 178 20.93 -30.82 -2.57
N SER B 179 21.49 -31.71 -1.76
CA SER B 179 22.75 -32.36 -2.09
C SER B 179 22.60 -33.25 -3.33
N ALA B 180 21.51 -34.02 -3.40
CA ALA B 180 21.33 -34.95 -4.50
C ALA B 180 21.24 -34.22 -5.84
N ILE B 181 20.35 -33.23 -5.93
CA ILE B 181 20.18 -32.50 -7.18
C ILE B 181 21.43 -31.67 -7.48
N ARG B 182 22.09 -31.13 -6.46
CA ARG B 182 23.32 -30.37 -6.70
C ARG B 182 24.38 -31.27 -7.33
N GLY B 183 24.56 -32.48 -6.79
CA GLY B 183 25.52 -33.39 -7.37
C GLY B 183 25.09 -33.91 -8.74
N LYS B 184 23.78 -33.95 -8.99
CA LYS B 184 23.29 -34.38 -10.28
C LYS B 184 23.47 -33.32 -11.37
N ILE B 185 23.53 -32.04 -11.00
CA ILE B 185 23.65 -30.98 -12.00
C ILE B 185 24.92 -31.16 -12.83
N GLU B 186 26.07 -31.33 -12.17
CA GLU B 186 27.32 -31.41 -12.92
C GLU B 186 27.39 -32.69 -13.76
N SER B 187 26.86 -33.79 -13.25
CA SER B 187 26.91 -35.07 -13.95
C SER B 187 25.95 -35.04 -15.12
N ARG B 188 26.41 -34.42 -16.22
CA ARG B 188 25.61 -34.28 -17.44
C ARG B 188 25.60 -35.62 -18.16
N ASP B 189 24.84 -36.57 -17.61
CA ASP B 189 24.71 -37.90 -18.17
C ASP B 189 23.27 -38.40 -18.25
N GLU B 190 22.35 -37.85 -17.45
CA GLU B 190 20.96 -38.30 -17.44
C GLU B 190 20.00 -37.26 -17.97
N THR B 191 20.51 -36.19 -18.58
CA THR B 191 19.69 -35.18 -19.25
C THR B 191 18.67 -34.58 -18.29
N VAL B 192 19.20 -33.86 -17.30
CA VAL B 192 18.32 -33.10 -16.40
C VAL B 192 17.61 -32.03 -17.19
N PRO B 193 16.30 -31.81 -17.00
CA PRO B 193 15.60 -30.78 -17.77
C PRO B 193 16.22 -29.41 -17.55
N GLN B 194 16.21 -28.60 -18.62
CA GLN B 194 16.83 -27.28 -18.54
C GLN B 194 16.14 -26.41 -17.49
N SER B 195 14.82 -26.30 -17.56
CA SER B 195 14.09 -25.40 -16.67
C SER B 195 14.39 -25.69 -15.20
N VAL B 196 14.50 -26.98 -14.85
CA VAL B 196 14.91 -27.36 -13.50
C VAL B 196 16.31 -26.82 -13.21
N ARG B 197 17.20 -26.87 -14.21
CA ARG B 197 18.56 -26.39 -13.99
C ARG B 197 18.58 -24.89 -13.71
N GLU B 198 17.89 -24.09 -14.53
CA GLU B 198 17.88 -22.66 -14.26
C GLU B 198 17.18 -22.33 -12.94
N ALA B 199 16.10 -23.05 -12.62
CA ALA B 199 15.42 -22.80 -11.36
C ALA B 199 16.32 -23.07 -10.17
N PHE B 200 17.01 -24.20 -10.18
CA PHE B 200 17.91 -24.52 -9.06
C PHE B 200 19.08 -23.55 -9.00
N ASN B 201 19.62 -23.15 -10.15
CA ASN B 201 20.72 -22.20 -10.15
C ASN B 201 20.29 -20.85 -9.60
N ASN B 202 19.11 -20.38 -9.98
CA ASN B 202 18.59 -19.12 -9.44
C ASN B 202 18.37 -19.22 -7.94
N LEU B 203 17.83 -20.36 -7.48
CA LEU B 203 17.61 -20.53 -6.05
C LEU B 203 18.93 -20.54 -5.28
N ASP B 204 19.95 -21.21 -5.81
CA ASP B 204 21.21 -21.37 -5.09
C ASP B 204 22.14 -20.18 -5.24
N SER B 205 21.89 -19.28 -6.21
CA SER B 205 22.77 -18.14 -6.39
C SER B 205 22.73 -17.16 -5.23
N THR B 206 21.70 -17.23 -4.38
CA THR B 206 21.55 -16.30 -3.28
C THR B 206 22.20 -16.78 -1.99
N THR B 207 22.74 -18.01 -1.97
CA THR B 207 23.34 -18.52 -0.74
C THR B 207 24.60 -17.75 -0.38
N SER B 208 25.41 -17.38 -1.38
CA SER B 208 26.67 -16.69 -1.15
C SER B 208 26.45 -15.18 -1.04
N LEU B 209 25.71 -14.79 0.00
CA LEU B 209 25.40 -13.40 0.26
C LEU B 209 25.73 -13.08 1.71
N THR B 210 26.42 -11.97 1.93
CA THR B 210 26.83 -11.56 3.27
C THR B 210 26.69 -10.04 3.38
N GLU B 211 27.16 -9.47 4.49
CA GLU B 211 27.06 -8.03 4.67
C GLU B 211 27.94 -7.29 3.66
N GLU B 212 29.12 -7.84 3.36
CA GLU B 212 29.89 -7.36 2.24
C GLU B 212 29.32 -7.91 0.93
N ASN B 213 29.87 -7.42 -0.18
CA ASN B 213 29.55 -7.84 -1.56
C ASN B 213 28.07 -8.12 -1.78
N PHE B 214 27.20 -7.39 -1.09
CA PHE B 214 25.77 -7.53 -1.32
C PHE B 214 25.35 -6.77 -2.58
N GLY B 215 25.67 -5.47 -2.63
CA GLY B 215 25.39 -4.67 -3.79
C GLY B 215 26.66 -4.07 -4.37
N LYS B 216 27.78 -4.75 -4.17
CA LYS B 216 29.06 -4.27 -4.65
C LYS B 216 29.13 -4.42 -6.16
N PRO B 217 29.37 -3.34 -6.90
CA PRO B 217 29.44 -3.46 -8.36
C PRO B 217 30.72 -4.13 -8.81
N ASP B 218 30.68 -4.70 -10.00
CA ASP B 218 31.86 -5.22 -10.66
C ASP B 218 32.39 -4.22 -11.68
N ILE B 219 33.71 -4.25 -11.89
CA ILE B 219 34.38 -3.28 -12.75
C ILE B 219 35.27 -4.04 -13.72
N SER B 220 35.19 -3.68 -14.99
CA SER B 220 36.09 -4.16 -16.02
C SER B 220 36.89 -2.99 -16.58
N ALA B 221 37.73 -3.27 -17.58
CA ALA B 221 38.53 -2.22 -18.18
C ALA B 221 37.68 -1.27 -19.01
N LYS B 222 36.79 -1.83 -19.84
CA LYS B 222 35.96 -0.99 -20.71
C LYS B 222 34.98 -0.14 -19.90
N ASP B 223 34.37 -0.72 -18.87
CA ASP B 223 33.44 0.03 -18.05
C ASP B 223 34.13 1.20 -17.35
N LEU B 224 35.30 0.95 -16.77
CA LEU B 224 36.04 2.03 -16.12
C LEU B 224 36.47 3.07 -17.13
N ARG B 225 36.87 2.65 -18.33
CA ARG B 225 37.25 3.59 -19.37
C ARG B 225 36.09 4.51 -19.72
N ASN B 226 34.90 3.93 -19.91
CA ASN B 226 33.73 4.75 -20.24
C ASN B 226 33.35 5.67 -19.09
N ILE B 227 33.43 5.17 -17.85
CA ILE B 227 33.09 6.00 -16.70
C ILE B 227 34.02 7.20 -16.59
N MET B 228 35.32 6.98 -16.78
CA MET B 228 36.27 8.09 -16.75
C MET B 228 36.09 9.02 -17.95
N TYR B 229 35.73 8.48 -19.11
CA TYR B 229 35.51 9.30 -20.28
C TYR B 229 34.34 10.25 -20.07
N ASP B 230 33.27 9.78 -19.44
CA ASP B 230 32.07 10.60 -19.28
C ASP B 230 32.29 11.82 -18.39
N HIS B 231 33.39 11.88 -17.64
CA HIS B 231 33.66 13.01 -16.77
C HIS B 231 34.60 14.05 -17.38
N LEU B 232 35.27 13.71 -18.49
CA LEU B 232 36.24 14.62 -19.09
C LEU B 232 35.62 15.36 -20.26
N PRO B 233 35.56 16.69 -20.22
CA PRO B 233 35.05 17.43 -21.37
C PRO B 233 36.00 17.38 -22.56
N GLY B 234 35.43 17.46 -23.76
CA GLY B 234 36.20 17.45 -24.98
C GLY B 234 36.50 16.05 -25.46
N PHE B 235 37.08 15.98 -26.66
CA PHE B 235 37.47 14.73 -27.28
C PHE B 235 38.88 14.85 -27.86
N GLY B 236 39.63 13.76 -27.79
CA GLY B 236 40.99 13.73 -28.31
C GLY B 236 42.04 14.31 -27.39
N THR B 237 41.65 14.79 -26.21
CA THR B 237 42.61 15.38 -25.29
C THR B 237 43.54 14.30 -24.74
N ALA B 238 44.75 14.73 -24.35
CA ALA B 238 45.72 13.80 -23.78
C ALA B 238 45.22 13.14 -22.51
N PHE B 239 44.24 13.74 -21.83
CA PHE B 239 43.66 13.08 -20.66
C PHE B 239 42.98 11.76 -21.04
N HIS B 240 42.45 11.66 -22.26
CA HIS B 240 41.93 10.39 -22.73
C HIS B 240 43.04 9.35 -22.84
N GLN B 241 44.20 9.76 -23.33
CA GLN B 241 45.34 8.84 -23.39
C GLN B 241 45.79 8.43 -22.00
N LEU B 242 45.79 9.37 -21.05
CA LEU B 242 46.13 9.03 -19.68
C LEU B 242 45.14 8.04 -19.09
N VAL B 243 43.85 8.24 -19.36
CA VAL B 243 42.82 7.32 -18.88
C VAL B 243 43.03 5.93 -19.48
N GLN B 244 43.34 5.87 -20.78
N GLN B 244 43.34 5.87 -20.78
CA GLN B 244 43.58 4.57 -21.42
CA GLN B 244 43.57 4.58 -21.42
C GLN B 244 44.80 3.88 -20.82
C GLN B 244 44.80 3.88 -20.82
N VAL B 245 45.87 4.63 -20.57
CA VAL B 245 47.07 4.05 -19.98
C VAL B 245 46.78 3.52 -18.58
N ILE B 246 46.06 4.31 -17.78
CA ILE B 246 45.71 3.89 -16.42
C ILE B 246 44.86 2.62 -16.46
N CYS B 247 43.88 2.57 -17.37
CA CYS B 247 43.03 1.39 -17.48
C CYS B 247 43.83 0.17 -17.89
N LYS B 248 44.74 0.31 -18.86
CA LYS B 248 45.55 -0.82 -19.29
C LYS B 248 46.44 -1.33 -18.17
N LEU B 249 47.07 -0.40 -17.44
CA LEU B 249 47.97 -0.82 -16.36
C LEU B 249 47.18 -1.48 -15.22
N GLY B 250 45.99 -0.95 -14.91
CA GLY B 250 45.16 -1.57 -13.89
C GLY B 250 44.67 -2.94 -14.29
N LYS B 251 44.32 -3.12 -15.57
CA LYS B 251 43.94 -4.44 -16.06
C LYS B 251 45.11 -5.42 -15.95
N ASP B 252 46.31 -4.96 -16.30
CA ASP B 252 47.49 -5.84 -16.18
C ASP B 252 47.77 -6.21 -14.73
N SER B 253 47.69 -5.23 -13.82
CA SER B 253 48.06 -5.44 -12.43
C SER B 253 46.90 -5.88 -11.55
N ASN B 254 45.68 -5.89 -12.07
CA ASN B 254 44.47 -6.27 -11.32
C ASN B 254 44.32 -5.40 -10.07
N SER B 255 44.16 -4.09 -10.30
CA SER B 255 43.98 -3.13 -9.23
C SER B 255 42.94 -2.08 -9.59
N LEU B 256 41.93 -2.46 -10.37
CA LEU B 256 40.94 -1.49 -10.83
C LEU B 256 40.07 -0.96 -9.70
N ASP B 257 39.74 -1.81 -8.72
CA ASP B 257 38.85 -1.39 -7.64
C ASP B 257 39.47 -0.27 -6.82
N ILE B 258 40.76 -0.37 -6.50
CA ILE B 258 41.43 0.67 -5.74
C ILE B 258 41.44 1.98 -6.51
N ILE B 259 41.73 1.90 -7.82
CA ILE B 259 41.75 3.10 -8.65
C ILE B 259 40.38 3.77 -8.67
N HIS B 260 39.32 2.97 -8.84
CA HIS B 260 37.98 3.53 -8.89
C HIS B 260 37.59 4.14 -7.54
N ALA B 261 37.93 3.47 -6.44
CA ALA B 261 37.61 4.01 -5.13
C ALA B 261 38.33 5.34 -4.88
N GLU B 262 39.61 5.41 -5.24
CA GLU B 262 40.35 6.66 -5.05
C GLU B 262 39.79 7.77 -5.93
N PHE B 263 39.44 7.44 -7.18
CA PHE B 263 38.85 8.43 -8.08
C PHE B 263 37.54 8.96 -7.52
N GLN B 264 36.67 8.06 -7.03
CA GLN B 264 35.40 8.49 -6.44
C GLN B 264 35.62 9.36 -5.22
N ALA B 265 36.56 8.97 -4.35
CA ALA B 265 36.83 9.78 -3.16
C ALA B 265 37.34 11.16 -3.54
N SER B 266 38.25 11.24 -4.53
N SER B 266 38.25 11.24 -4.53
CA SER B 266 38.76 12.54 -4.96
CA SER B 266 38.76 12.54 -4.96
C SER B 266 37.66 13.40 -5.56
C SER B 266 37.66 13.40 -5.56
N LEU B 267 36.77 12.80 -6.35
CA LEU B 267 35.66 13.55 -6.92
C LEU B 267 34.72 14.05 -5.84
N ALA B 268 34.44 13.22 -4.83
CA ALA B 268 33.57 13.62 -3.74
C ALA B 268 34.20 14.69 -2.88
N GLU B 269 35.53 14.74 -2.82
CA GLU B 269 36.21 15.78 -2.05
C GLU B 269 35.90 17.16 -2.61
N GLY B 270 35.86 17.29 -3.93
CA GLY B 270 35.58 18.57 -4.56
C GLY B 270 36.58 18.95 -5.63
N ASP B 271 37.37 17.98 -6.08
CA ASP B 271 38.38 18.21 -7.10
C ASP B 271 37.81 17.97 -8.50
N SER B 272 38.45 18.60 -9.48
CA SER B 272 38.07 18.40 -10.87
C SER B 272 38.51 17.01 -11.34
N PRO B 273 37.88 16.48 -12.39
CA PRO B 273 38.31 15.17 -12.91
C PRO B 273 39.77 15.13 -13.32
N GLN B 274 40.30 16.22 -13.88
CA GLN B 274 41.72 16.27 -14.22
C GLN B 274 42.58 16.15 -12.96
N CYS B 275 42.20 16.88 -11.90
N CYS B 275 42.20 16.88 -11.90
CA CYS B 275 42.93 16.79 -10.64
CA CYS B 275 42.93 16.79 -10.64
C CYS B 275 42.81 15.39 -10.05
C CYS B 275 42.81 15.40 -10.05
N ALA B 276 41.63 14.78 -10.16
CA ALA B 276 41.46 13.41 -9.67
C ALA B 276 42.36 12.44 -10.41
N LEU B 277 42.46 12.57 -11.73
CA LEU B 277 43.34 11.69 -12.50
C LEU B 277 44.80 11.92 -12.14
N ILE B 278 45.20 13.18 -11.94
CA ILE B 278 46.57 13.47 -11.51
C ILE B 278 46.85 12.82 -10.15
N GLN B 279 45.89 12.90 -9.24
CA GLN B 279 46.06 12.26 -7.93
C GLN B 279 46.13 10.74 -8.06
N ILE B 280 45.37 10.15 -8.99
CA ILE B 280 45.47 8.72 -9.23
C ILE B 280 46.87 8.36 -9.69
N THR B 281 47.42 9.14 -10.63
CA THR B 281 48.77 8.85 -11.11
C THR B 281 49.80 9.00 -10.00
N LYS B 282 49.66 10.03 -9.17
CA LYS B 282 50.68 10.32 -8.16
C LYS B 282 50.60 9.38 -6.96
N ARG B 283 49.40 8.98 -6.55
CA ARG B 283 49.19 8.32 -5.28
C ARG B 283 49.30 6.79 -5.36
N VAL B 284 48.80 6.19 -6.42
CA VAL B 284 48.77 4.73 -6.52
C VAL B 284 50.20 4.20 -6.60
N PRO B 285 50.60 3.26 -5.74
CA PRO B 285 52.00 2.81 -5.74
C PRO B 285 52.43 2.14 -7.04
N ILE B 286 51.51 1.57 -7.80
CA ILE B 286 51.88 0.88 -9.04
C ILE B 286 52.45 1.88 -10.05
N PHE B 287 51.84 3.05 -10.15
CA PHE B 287 52.28 4.06 -11.12
C PHE B 287 53.62 4.70 -10.75
N GLN B 288 54.13 4.45 -9.54
CA GLN B 288 55.38 5.06 -9.13
C GLN B 288 56.55 4.42 -9.90
N ASP B 289 57.29 5.25 -10.63
CA ASP B 289 58.47 4.83 -11.37
C ASP B 289 58.15 3.71 -12.36
N ALA B 290 57.31 4.05 -13.34
CA ALA B 290 56.91 3.12 -14.39
C ALA B 290 57.22 3.72 -15.75
N ALA B 291 57.68 2.89 -16.67
CA ALA B 291 58.01 3.34 -18.02
C ALA B 291 56.74 3.57 -18.82
N PRO B 292 56.57 4.74 -19.42
CA PRO B 292 55.37 5.00 -20.23
C PRO B 292 55.33 4.06 -21.43
N PRO B 293 54.14 3.61 -21.81
CA PRO B 293 54.02 2.72 -22.97
C PRO B 293 54.39 3.43 -24.27
N VAL B 294 54.78 2.63 -25.25
CA VAL B 294 55.20 3.12 -26.56
C VAL B 294 54.15 2.73 -27.59
N ILE B 295 53.67 3.71 -28.35
CA ILE B 295 52.67 3.51 -29.40
C ILE B 295 53.30 3.93 -30.72
N HIS B 296 53.21 3.05 -31.72
CA HIS B 296 53.87 3.27 -33.00
C HIS B 296 52.93 4.02 -33.94
N ILE B 297 53.38 5.17 -34.44
CA ILE B 297 52.65 5.97 -35.41
C ILE B 297 53.60 6.37 -36.51
N ARG B 298 53.04 6.80 -37.65
CA ARG B 298 53.84 7.13 -38.82
C ARG B 298 53.98 8.62 -39.07
N SER B 299 53.00 9.43 -38.68
CA SER B 299 53.09 10.88 -38.88
C SER B 299 52.09 11.56 -37.96
N ARG B 300 51.91 12.87 -38.17
CA ARG B 300 51.06 13.69 -37.31
C ARG B 300 49.58 13.38 -37.47
N GLY B 301 49.18 12.66 -38.51
CA GLY B 301 47.76 12.42 -38.74
C GLY B 301 47.13 11.47 -37.73
N ASP B 302 47.94 10.60 -37.12
CA ASP B 302 47.39 9.63 -36.19
C ASP B 302 46.96 10.28 -34.88
N ILE B 303 47.79 11.17 -34.34
CA ILE B 303 47.50 11.77 -33.04
C ILE B 303 46.35 12.77 -33.19
N PRO B 304 45.39 12.79 -32.27
CA PRO B 304 44.28 13.75 -32.37
C PRO B 304 44.73 15.20 -32.41
N ARG B 305 43.85 16.08 -32.90
CA ARG B 305 44.20 17.50 -33.00
C ARG B 305 44.38 18.14 -31.63
N ALA B 306 43.60 17.69 -30.63
CA ALA B 306 43.73 18.26 -29.29
C ALA B 306 45.08 17.96 -28.65
N CYS B 307 45.79 16.95 -29.14
CA CYS B 307 47.10 16.60 -28.62
C CYS B 307 48.25 17.26 -29.39
N GLN B 308 47.94 18.09 -30.39
CA GLN B 308 48.99 18.68 -31.22
C GLN B 308 49.90 19.61 -30.43
N LYS B 309 49.37 20.25 -29.39
CA LYS B 309 50.10 21.28 -28.65
C LYS B 309 50.89 20.73 -27.47
N SER B 310 50.97 19.41 -27.32
CA SER B 310 51.61 18.79 -26.17
C SER B 310 52.69 17.80 -26.62
N LEU B 311 53.54 18.23 -27.54
CA LEU B 311 54.65 17.42 -28.00
C LEU B 311 55.96 17.95 -27.42
N ARG B 312 56.72 17.07 -26.77
CA ARG B 312 57.99 17.43 -26.16
C ARG B 312 59.00 16.33 -26.46
N PRO B 313 60.30 16.68 -26.54
CA PRO B 313 61.32 15.65 -26.71
C PRO B 313 61.36 14.69 -25.53
N VAL B 314 61.63 13.43 -25.82
CA VAL B 314 61.64 12.40 -24.78
C VAL B 314 62.93 12.53 -23.96
N PRO B 315 62.83 12.57 -22.63
CA PRO B 315 64.03 12.60 -21.79
C PRO B 315 64.72 11.25 -21.80
N PRO B 316 65.99 11.19 -21.41
CA PRO B 316 66.66 9.88 -21.32
C PRO B 316 65.99 8.92 -20.35
N SER B 317 65.42 9.43 -19.25
CA SER B 317 64.73 8.61 -18.27
C SER B 317 63.38 9.23 -17.96
N PRO B 318 62.40 9.07 -18.84
CA PRO B 318 61.07 9.63 -18.59
C PRO B 318 60.37 8.91 -17.44
N LYS B 319 59.50 9.64 -16.76
CA LYS B 319 58.74 9.11 -15.64
C LYS B 319 57.25 9.31 -15.90
N ILE B 320 56.46 8.25 -15.71
CA ILE B 320 55.02 8.35 -15.94
C ILE B 320 54.37 9.23 -14.89
N ASP B 321 54.90 9.24 -13.67
CA ASP B 321 54.32 10.02 -12.57
C ASP B 321 54.83 11.45 -12.53
N ARG B 322 55.79 11.82 -13.38
CA ARG B 322 56.33 13.17 -13.41
C ARG B 322 55.53 14.10 -14.30
N GLY B 323 54.47 13.62 -14.93
CA GLY B 323 53.68 14.44 -15.83
C GLY B 323 53.62 13.85 -17.22
N TRP B 324 54.56 12.97 -17.54
CA TRP B 324 54.57 12.32 -18.84
C TRP B 324 53.48 11.25 -18.89
N VAL B 325 52.72 11.21 -19.98
CA VAL B 325 51.59 10.31 -20.08
C VAL B 325 51.81 9.19 -21.09
N CYS B 326 52.49 9.45 -22.20
CA CYS B 326 52.73 8.42 -23.20
C CYS B 326 53.90 8.84 -24.08
N VAL B 327 54.46 7.85 -24.78
CA VAL B 327 55.57 8.07 -25.70
C VAL B 327 55.18 7.51 -27.06
N PHE B 328 55.32 8.33 -28.11
CA PHE B 328 54.98 7.93 -29.47
C PHE B 328 56.24 7.68 -30.26
N GLN B 329 56.28 6.56 -30.98
CA GLN B 329 57.41 6.18 -31.82
C GLN B 329 57.07 6.45 -33.27
N LEU B 330 57.91 7.22 -33.94
CA LEU B 330 57.70 7.56 -35.35
C LEU B 330 58.33 6.53 -36.25
N GLN B 331 57.92 6.55 -37.53
CA GLN B 331 58.39 5.55 -38.48
C GLN B 331 59.87 5.71 -38.79
N ASP B 332 60.40 6.93 -38.68
CA ASP B 332 61.81 7.19 -38.99
C ASP B 332 62.71 7.10 -37.76
N GLY B 333 62.17 6.68 -36.61
CA GLY B 333 62.95 6.54 -35.40
C GLY B 333 62.77 7.66 -34.39
N LYS B 334 62.07 8.73 -34.76
CA LYS B 334 61.83 9.82 -33.83
C LYS B 334 60.91 9.37 -32.70
N THR B 335 61.21 9.84 -31.49
N THR B 335 61.21 9.84 -31.49
CA THR B 335 60.42 9.51 -30.31
CA THR B 335 60.42 9.51 -30.31
C THR B 335 59.96 10.79 -29.64
C THR B 335 59.96 10.80 -29.64
N LEU B 336 58.65 10.92 -29.43
CA LEU B 336 58.07 12.09 -28.79
C LEU B 336 57.05 11.64 -27.76
N GLY B 337 56.85 12.48 -26.75
CA GLY B 337 55.94 12.17 -25.68
C GLY B 337 55.02 13.35 -25.39
N LEU B 338 54.09 13.11 -24.46
CA LEU B 338 53.10 14.11 -24.07
C LEU B 338 53.21 14.35 -22.57
N LYS B 339 53.13 15.63 -22.18
CA LYS B 339 53.23 16.04 -20.79
C LYS B 339 52.08 16.97 -20.45
N ILE B 340 51.68 16.96 -19.18
CA ILE B 340 50.62 17.84 -18.71
C ILE B 340 51.20 18.90 -17.78
N HIS C 81 -23.41 -77.59 78.12
CA HIS C 81 -22.81 -76.45 77.43
C HIS C 81 -21.65 -76.91 76.54
N SER C 82 -21.29 -78.19 76.65
CA SER C 82 -20.21 -78.73 75.84
C SER C 82 -20.55 -78.72 74.36
N PHE C 83 -21.80 -79.07 74.02
CA PHE C 83 -22.21 -79.07 72.62
C PHE C 83 -22.16 -77.67 72.03
N GLU C 84 -22.63 -76.67 72.78
CA GLU C 84 -22.59 -75.29 72.29
C GLU C 84 -21.15 -74.82 72.10
N GLU C 85 -20.27 -75.16 73.05
CA GLU C 85 -18.87 -74.78 72.92
C GLU C 85 -18.23 -75.44 71.70
N VAL C 86 -18.53 -76.72 71.46
CA VAL C 86 -17.97 -77.41 70.30
C VAL C 86 -18.48 -76.78 69.01
N VAL C 87 -19.77 -76.46 68.95
CA VAL C 87 -20.34 -75.85 67.75
C VAL C 87 -19.71 -74.49 67.50
N GLN C 88 -19.56 -73.68 68.56
CA GLN C 88 -18.97 -72.36 68.41
C GLN C 88 -17.52 -72.44 67.96
N THR C 89 -16.75 -73.38 68.53
CA THR C 89 -15.36 -73.54 68.11
C THR C 89 -15.27 -74.00 66.66
N LEU C 90 -16.15 -74.91 66.24
CA LEU C 90 -16.16 -75.35 64.85
C LEU C 90 -16.51 -74.19 63.91
N ALA C 91 -17.49 -73.37 64.29
CA ALA C 91 -17.85 -72.22 63.46
C ALA C 91 -16.70 -71.23 63.38
N SER C 92 -16.02 -70.98 64.50
CA SER C 92 -14.87 -70.08 64.49
C SER C 92 -13.76 -70.61 63.60
N LEU C 93 -13.48 -71.92 63.69
CA LEU C 93 -12.46 -72.51 62.85
C LEU C 93 -12.83 -72.41 61.37
N ALA C 94 -14.10 -72.64 61.04
CA ALA C 94 -14.55 -72.51 59.66
C ALA C 94 -14.39 -71.08 59.16
N THR C 95 -14.75 -70.08 59.99
CA THR C 95 -14.62 -68.70 59.59
C THR C 95 -13.15 -68.32 59.37
N VAL C 96 -12.26 -68.77 60.25
CA VAL C 96 -10.85 -68.45 60.09
C VAL C 96 -10.27 -69.17 58.87
N VAL C 97 -10.75 -70.39 58.58
CA VAL C 97 -10.30 -71.09 57.37
C VAL C 97 -10.76 -70.34 56.12
N GLN C 98 -11.99 -69.83 56.13
CA GLN C 98 -12.48 -69.02 55.02
C GLN C 98 -11.65 -67.76 54.85
N GLN C 99 -11.29 -67.12 55.97
CA GLN C 99 -10.43 -65.94 55.90
C GLN C 99 -9.06 -66.29 55.34
N GLN C 100 -8.52 -67.46 55.72
CA GLN C 100 -7.25 -67.90 55.18
C GLN C 100 -7.33 -68.10 53.66
N THR C 101 -8.42 -68.72 53.19
CA THR C 101 -8.60 -68.91 51.76
C THR C 101 -8.72 -67.58 51.04
N ILE C 102 -9.44 -66.63 51.64
CA ILE C 102 -9.57 -65.29 51.05
C ILE C 102 -8.22 -64.61 50.94
N ALA C 103 -7.42 -64.68 52.01
CA ALA C 103 -6.10 -64.07 52.00
C ALA C 103 -5.20 -64.73 50.96
N SER C 104 -5.26 -66.05 50.84
CA SER C 104 -4.46 -66.75 49.83
C SER C 104 -4.88 -66.34 48.42
N GLU C 105 -6.19 -66.21 48.19
CA GLU C 105 -6.66 -65.78 46.87
C GLU C 105 -6.21 -64.36 46.56
N SER C 106 -6.27 -63.47 47.56
CA SER C 106 -5.80 -62.10 47.35
C SER C 106 -4.30 -62.07 47.06
N LEU C 107 -3.52 -62.90 47.76
CA LEU C 107 -2.09 -62.98 47.50
C LEU C 107 -1.81 -63.49 46.09
N GLU C 108 -2.56 -64.50 45.65
CA GLU C 108 -2.40 -65.01 44.30
C GLU C 108 -2.75 -63.94 43.27
N GLN C 109 -3.82 -63.18 43.51
CA GLN C 109 -4.20 -62.10 42.60
C GLN C 109 -3.12 -61.03 42.53
N ARG C 110 -2.54 -60.69 43.68
CA ARG C 110 -1.46 -59.69 43.70
C ARG C 110 -0.24 -60.19 42.94
N ILE C 111 0.10 -61.46 43.12
CA ILE C 111 1.25 -62.04 42.39
C ILE C 111 0.97 -62.03 40.89
N THR C 112 -0.25 -62.38 40.50
CA THR C 112 -0.60 -62.36 39.07
C THR C 112 -0.52 -60.95 38.51
N SER C 113 -1.00 -59.96 39.27
CA SER C 113 -0.90 -58.57 38.81
C SER C 113 0.55 -58.14 38.67
N LEU C 114 1.40 -58.52 39.63
CA LEU C 114 2.83 -58.23 39.51
C LEU C 114 3.43 -58.86 38.26
N GLU C 115 3.08 -60.12 38.00
CA GLU C 115 3.66 -60.81 36.85
C GLU C 115 3.21 -60.18 35.53
N ASN C 116 1.92 -59.84 35.42
CA ASN C 116 1.40 -59.33 34.17
C ASN C 116 1.75 -57.87 33.92
N GLY C 117 1.83 -57.06 34.99
CA GLY C 117 1.97 -55.62 34.79
C GLY C 117 3.28 -55.20 34.16
N LEU C 118 4.39 -55.77 34.64
CA LEU C 118 5.72 -55.33 34.23
C LEU C 118 6.29 -56.11 33.06
N LYS C 119 5.55 -57.09 32.53
CA LYS C 119 6.08 -57.84 31.38
C LYS C 119 6.26 -56.98 30.15
N PRO C 120 5.29 -56.17 29.72
CA PRO C 120 5.50 -55.33 28.53
C PRO C 120 6.26 -54.03 28.76
N VAL C 121 6.60 -53.71 30.01
CA VAL C 121 7.19 -52.41 30.31
C VAL C 121 8.55 -52.27 29.65
N TYR C 122 9.37 -53.31 29.70
CA TYR C 122 10.73 -53.22 29.16
C TYR C 122 10.71 -52.96 27.66
N ASP C 123 9.84 -53.66 26.93
CA ASP C 123 9.81 -53.52 25.47
C ASP C 123 9.39 -52.12 25.07
N MET C 124 8.32 -51.60 25.68
CA MET C 124 7.86 -50.26 25.34
C MET C 124 8.87 -49.20 25.74
N ALA C 125 9.51 -49.38 26.91
CA ALA C 125 10.54 -48.43 27.32
C ALA C 125 11.71 -48.42 26.35
N LYS C 126 12.10 -49.60 25.85
CA LYS C 126 13.17 -49.66 24.85
C LYS C 126 12.75 -48.99 23.54
N THR C 127 11.50 -49.22 23.11
CA THR C 127 11.04 -48.64 21.85
C THR C 127 10.85 -47.14 21.92
N ILE C 128 10.63 -46.59 23.13
CA ILE C 128 10.44 -45.15 23.26
C ILE C 128 11.65 -44.40 22.73
N SER C 129 12.85 -44.83 23.13
CA SER C 129 14.07 -44.15 22.70
C SER C 129 14.28 -44.27 21.20
N SER C 130 14.01 -45.46 20.64
CA SER C 130 14.17 -45.63 19.20
C SER C 130 13.21 -44.74 18.42
N LEU C 131 11.96 -44.66 18.87
CA LEU C 131 10.98 -43.83 18.17
C LEU C 131 11.35 -42.35 18.30
N ASN C 132 11.84 -41.94 19.46
CA ASN C 132 12.32 -40.57 19.62
C ASN C 132 13.47 -40.28 18.67
N ARG C 133 14.42 -41.22 18.55
CA ARG C 133 15.56 -41.01 17.68
C ARG C 133 15.15 -40.91 16.21
N VAL C 134 14.22 -41.76 15.78
CA VAL C 134 13.80 -41.72 14.39
C VAL C 134 13.02 -40.44 14.10
N CYS C 135 12.20 -39.99 15.05
CA CYS C 135 11.51 -38.72 14.87
C CYS C 135 12.51 -37.56 14.79
N ALA C 136 13.53 -37.59 15.63
CA ALA C 136 14.54 -36.54 15.61
C ALA C 136 15.29 -36.52 14.28
N GLU C 137 15.66 -37.69 13.76
CA GLU C 137 16.39 -37.71 12.49
C GLU C 137 15.49 -37.29 11.33
N MET C 138 14.20 -37.63 11.38
CA MET C 138 13.28 -37.14 10.36
C MET C 138 13.18 -35.62 10.40
N VAL C 139 13.08 -35.05 11.60
CA VAL C 139 13.04 -33.59 11.72
C VAL C 139 14.33 -32.98 11.17
N ALA C 140 15.48 -33.57 11.51
CA ALA C 140 16.75 -33.03 11.05
C ALA C 140 16.86 -33.07 9.53
N LYS C 141 16.42 -34.16 8.91
CA LYS C 141 16.50 -34.27 7.45
C LYS C 141 15.39 -33.52 6.74
N TYR C 142 14.37 -33.03 7.45
CA TYR C 142 13.34 -32.21 6.81
C TYR C 142 13.92 -30.92 6.25
N ASP C 143 14.93 -30.34 6.90
CA ASP C 143 15.44 -29.04 6.48
C ASP C 143 16.08 -29.10 5.10
N LEU C 144 16.84 -30.15 4.81
CA LEU C 144 17.53 -30.27 3.54
C LEU C 144 16.59 -30.88 2.49
N LEU C 145 15.54 -30.12 2.19
CA LEU C 145 14.51 -30.55 1.25
C LEU C 145 14.16 -29.40 0.33
N VAL C 146 14.10 -29.67 -0.97
CA VAL C 146 13.81 -28.67 -1.98
C VAL C 146 12.66 -29.17 -2.84
N MET C 147 11.68 -28.30 -3.08
CA MET C 147 10.49 -28.65 -3.84
C MET C 147 10.42 -27.82 -5.12
N THR C 148 10.07 -28.48 -6.22
CA THR C 148 9.90 -27.84 -7.51
C THR C 148 8.42 -27.83 -7.87
N THR C 149 7.92 -26.67 -8.31
CA THR C 149 6.50 -26.51 -8.59
C THR C 149 6.15 -27.15 -9.93
N GLY C 150 4.85 -27.22 -10.22
CA GLY C 150 4.36 -27.77 -11.47
C GLY C 150 3.04 -27.15 -11.83
N ARG C 151 2.68 -27.30 -13.11
CA ARG C 151 1.46 -26.66 -13.63
C ARG C 151 0.25 -27.58 -13.53
N ALA C 152 0.05 -28.18 -12.36
CA ALA C 152 -1.11 -29.02 -12.13
C ALA C 152 -1.74 -28.86 -10.76
N THR C 153 -1.18 -28.03 -9.88
CA THR C 153 -1.71 -27.91 -8.53
C THR C 153 -3.07 -27.23 -8.52
N ALA C 154 -3.22 -26.15 -9.29
CA ALA C 154 -4.45 -25.38 -9.24
C ALA C 154 -5.65 -26.19 -9.72
N THR C 155 -5.50 -26.86 -10.87
CA THR C 155 -6.61 -27.65 -11.41
C THR C 155 -6.95 -28.81 -10.49
N ALA C 156 -5.95 -29.48 -9.93
CA ALA C 156 -6.20 -30.60 -9.03
C ALA C 156 -6.93 -30.13 -7.78
N ALA C 157 -6.49 -29.01 -7.19
CA ALA C 157 -7.16 -28.50 -6.01
C ALA C 157 -8.60 -28.08 -6.32
N ALA C 158 -8.81 -27.44 -7.47
CA ALA C 158 -10.16 -27.04 -7.86
C ALA C 158 -11.06 -28.26 -8.05
N THR C 159 -10.53 -29.30 -8.70
CA THR C 159 -11.32 -30.52 -8.89
C THR C 159 -11.67 -31.17 -7.56
N GLU C 160 -10.71 -31.24 -6.64
CA GLU C 160 -11.00 -31.83 -5.34
C GLU C 160 -12.05 -31.01 -4.59
N ALA C 161 -11.94 -29.69 -4.63
CA ALA C 161 -12.92 -28.84 -3.95
C ALA C 161 -14.30 -28.98 -4.57
N TYR C 162 -14.37 -29.11 -5.90
CA TYR C 162 -15.66 -29.28 -6.56
C TYR C 162 -16.24 -30.67 -6.29
N TRP C 163 -15.39 -31.67 -6.06
CA TRP C 163 -15.88 -32.99 -5.69
C TRP C 163 -16.30 -33.07 -4.23
N ALA C 164 -15.74 -32.19 -3.38
CA ALA C 164 -16.06 -32.25 -1.95
C ALA C 164 -17.54 -31.99 -1.69
N GLU C 165 -18.11 -31.01 -2.37
CA GLU C 165 -19.53 -30.69 -2.24
C GLU C 165 -20.20 -30.85 -3.59
N HIS C 166 -21.45 -31.35 -3.57
CA HIS C 166 -22.19 -31.74 -4.76
C HIS C 166 -21.28 -32.53 -5.70
N GLY C 167 -20.89 -33.74 -5.27
CA GLY C 167 -19.75 -34.43 -5.85
C GLY C 167 -19.94 -34.90 -7.28
N GLN C 168 -20.18 -33.94 -8.17
CA GLN C 168 -20.17 -34.10 -9.60
C GLN C 168 -18.93 -33.42 -10.17
N PRO C 169 -18.30 -33.99 -11.20
CA PRO C 169 -17.12 -33.35 -11.76
C PRO C 169 -17.47 -31.99 -12.35
N PRO C 170 -16.51 -31.07 -12.37
CA PRO C 170 -16.81 -29.73 -12.87
C PRO C 170 -17.24 -29.79 -14.32
N PRO C 171 -18.13 -28.87 -14.73
CA PRO C 171 -18.69 -28.95 -16.08
C PRO C 171 -17.64 -28.72 -17.15
N GLY C 172 -17.89 -29.31 -18.32
CA GLY C 172 -17.00 -29.17 -19.45
C GLY C 172 -17.03 -27.77 -20.03
N PRO C 173 -16.05 -27.43 -20.86
CA PRO C 173 -14.93 -28.27 -21.31
C PRO C 173 -13.89 -28.52 -20.23
N SER C 174 -12.94 -29.41 -20.51
CA SER C 174 -11.96 -29.81 -19.51
C SER C 174 -11.10 -28.63 -19.09
N LEU C 175 -10.53 -28.74 -17.89
CA LEU C 175 -9.71 -27.67 -17.33
C LEU C 175 -8.34 -27.67 -17.99
N TYR C 176 -7.40 -26.90 -17.43
CA TYR C 176 -6.09 -26.73 -18.05
C TYR C 176 -5.36 -28.06 -18.16
N GLU C 177 -5.06 -28.69 -17.03
CA GLU C 177 -4.37 -29.98 -17.00
C GLU C 177 -5.27 -31.00 -16.33
N GLU C 178 -5.50 -32.12 -17.01
CA GLU C 178 -6.28 -33.22 -16.48
C GLU C 178 -5.42 -34.48 -16.49
N SER C 179 -5.32 -35.13 -15.34
CA SER C 179 -4.52 -36.35 -15.21
C SER C 179 -4.92 -37.11 -13.95
N SER D 82 -17.22 -68.69 86.69
CA SER D 82 -16.64 -69.65 85.75
C SER D 82 -17.43 -69.69 84.44
N PHE D 83 -18.72 -70.04 84.55
CA PHE D 83 -19.57 -70.09 83.38
C PHE D 83 -19.75 -68.70 82.77
N GLU D 84 -19.93 -67.69 83.61
CA GLU D 84 -20.06 -66.32 83.12
C GLU D 84 -18.79 -65.87 82.40
N GLU D 85 -17.61 -66.19 82.98
CA GLU D 85 -16.36 -65.85 82.33
C GLU D 85 -16.21 -66.56 80.99
N VAL D 86 -16.61 -67.82 80.92
CA VAL D 86 -16.54 -68.58 79.67
C VAL D 86 -17.45 -67.94 78.63
N VAL D 87 -18.67 -67.56 79.02
CA VAL D 87 -19.60 -66.93 78.10
C VAL D 87 -19.05 -65.60 77.59
N GLN D 88 -18.49 -64.80 78.50
CA GLN D 88 -17.92 -63.51 78.10
C GLN D 88 -16.75 -63.70 77.14
N THR D 89 -15.87 -64.66 77.42
CA THR D 89 -14.75 -64.91 76.52
C THR D 89 -15.22 -65.38 75.16
N LEU D 90 -16.24 -66.26 75.12
CA LEU D 90 -16.76 -66.72 73.84
C LEU D 90 -17.39 -65.58 73.05
N ALA D 91 -18.13 -64.70 73.74
CA ALA D 91 -18.72 -63.56 73.06
C ALA D 91 -17.64 -62.62 72.50
N SER D 92 -16.59 -62.38 73.29
CA SER D 92 -15.49 -61.54 72.82
C SER D 92 -14.81 -62.16 71.61
N LEU D 93 -14.58 -63.48 71.64
CA LEU D 93 -13.97 -64.17 70.52
C LEU D 93 -14.84 -64.07 69.27
N ALA D 94 -16.16 -64.24 69.43
CA ALA D 94 -17.06 -64.13 68.29
C ALA D 94 -17.04 -62.73 67.71
N THR D 95 -17.06 -61.70 68.57
CA THR D 95 -17.02 -60.34 68.07
C THR D 95 -15.72 -60.04 67.35
N VAL D 96 -14.59 -60.52 67.89
CA VAL D 96 -13.30 -60.29 67.24
C VAL D 96 -13.23 -61.02 65.91
N VAL D 97 -13.77 -62.23 65.85
CA VAL D 97 -13.79 -62.98 64.59
C VAL D 97 -14.63 -62.24 63.55
N GLN D 98 -15.80 -61.73 63.97
CA GLN D 98 -16.64 -60.98 63.04
C GLN D 98 -15.94 -59.73 62.53
N GLN D 99 -15.27 -59.00 63.43
CA GLN D 99 -14.53 -57.82 63.03
C GLN D 99 -13.41 -58.16 62.06
N GLN D 100 -12.70 -59.26 62.31
CA GLN D 100 -11.63 -59.68 61.42
C GLN D 100 -12.18 -60.05 60.05
N THR D 101 -13.32 -60.75 60.01
CA THR D 101 -13.93 -61.10 58.72
C THR D 101 -14.37 -59.86 57.97
N ILE D 102 -14.94 -58.88 58.67
CA ILE D 102 -15.35 -57.64 58.02
C ILE D 102 -14.14 -56.91 57.45
N ALA D 103 -13.06 -56.83 58.22
CA ALA D 103 -11.85 -56.17 57.75
C ALA D 103 -11.26 -56.88 56.54
N SER D 104 -11.25 -58.21 56.57
CA SER D 104 -10.73 -58.98 55.44
C SER D 104 -11.58 -58.77 54.20
N GLU D 105 -12.91 -58.75 54.37
CA GLU D 105 -13.79 -58.50 53.23
C GLU D 105 -13.55 -57.12 52.64
N SER D 106 -13.40 -56.10 53.50
CA SER D 106 -13.14 -54.75 53.01
C SER D 106 -11.79 -54.69 52.29
N LEU D 107 -10.77 -55.35 52.83
CA LEU D 107 -9.46 -55.36 52.19
C LEU D 107 -9.52 -56.05 50.83
N GLU D 108 -10.25 -57.17 50.75
CA GLU D 108 -10.39 -57.85 49.46
C GLU D 108 -11.15 -56.99 48.46
N GLN D 109 -12.18 -56.28 48.92
CA GLN D 109 -12.93 -55.39 48.03
C GLN D 109 -12.03 -54.28 47.50
N ARG D 110 -11.19 -53.70 48.36
CA ARG D 110 -10.27 -52.66 47.92
C ARG D 110 -9.22 -53.21 46.97
N ILE D 111 -8.75 -54.44 47.22
CA ILE D 111 -7.74 -55.06 46.35
C ILE D 111 -8.32 -55.31 44.96
N THR D 112 -9.58 -55.75 44.89
CA THR D 112 -10.21 -56.08 43.62
C THR D 112 -10.43 -54.87 42.73
N SER D 113 -10.01 -53.67 43.15
CA SER D 113 -10.16 -52.46 42.35
C SER D 113 -8.90 -52.11 41.56
N LEU D 114 -7.86 -52.93 41.61
CA LEU D 114 -6.62 -52.64 40.90
C LEU D 114 -6.72 -52.85 39.40
N GLU D 115 -7.75 -53.57 38.92
CA GLU D 115 -7.90 -53.77 37.48
C GLU D 115 -8.13 -52.44 36.77
N ASN D 116 -8.94 -51.55 37.37
CA ASN D 116 -9.19 -50.25 36.77
C ASN D 116 -7.90 -49.43 36.68
N GLY D 117 -7.06 -49.51 37.71
CA GLY D 117 -5.78 -48.80 37.66
C GLY D 117 -4.82 -49.38 36.64
N LEU D 118 -4.79 -50.71 36.52
CA LEU D 118 -3.85 -51.37 35.63
C LEU D 118 -4.28 -51.30 34.17
N LYS D 119 -5.57 -51.12 33.89
CA LYS D 119 -6.04 -51.10 32.51
C LYS D 119 -5.39 -50.03 31.64
N PRO D 120 -5.21 -48.78 32.11
CA PRO D 120 -4.50 -47.80 31.28
C PRO D 120 -3.08 -48.22 30.93
N VAL D 121 -2.40 -48.97 31.80
CA VAL D 121 -1.07 -49.49 31.45
C VAL D 121 -1.16 -50.44 30.28
N TYR D 122 -2.18 -51.32 30.28
CA TYR D 122 -2.40 -52.21 29.14
C TYR D 122 -2.70 -51.41 27.88
N ASP D 123 -3.51 -50.36 28.00
CA ASP D 123 -3.81 -49.52 26.85
C ASP D 123 -2.56 -48.86 26.30
N MET D 124 -1.70 -48.34 27.19
CA MET D 124 -0.45 -47.74 26.73
C MET D 124 0.44 -48.77 26.05
N ALA D 125 0.49 -49.98 26.59
CA ALA D 125 1.30 -51.03 25.99
C ALA D 125 0.81 -51.36 24.58
N LYS D 126 -0.51 -51.43 24.39
CA LYS D 126 -1.01 -51.77 23.05
C LYS D 126 -0.91 -50.59 22.08
N THR D 127 -0.97 -49.35 22.59
CA THR D 127 -0.89 -48.20 21.70
C THR D 127 0.54 -47.81 21.33
N ILE D 128 1.52 -48.14 22.16
CA ILE D 128 2.91 -47.83 21.82
C ILE D 128 3.33 -48.57 20.55
N SER D 129 2.92 -49.83 20.43
CA SER D 129 3.24 -50.60 19.22
C SER D 129 2.60 -49.98 17.99
N SER D 130 1.35 -49.52 18.11
CA SER D 130 0.68 -48.89 16.98
C SER D 130 1.37 -47.58 16.60
N LEU D 131 1.81 -46.80 17.59
CA LEU D 131 2.55 -45.58 17.30
C LEU D 131 3.85 -45.88 16.58
N ASN D 132 4.57 -46.91 17.04
CA ASN D 132 5.81 -47.28 16.37
C ASN D 132 5.55 -47.74 14.94
N ARG D 133 4.49 -48.51 14.74
CA ARG D 133 4.16 -49.00 13.40
C ARG D 133 3.82 -47.84 12.46
N VAL D 134 3.02 -46.88 12.94
CA VAL D 134 2.64 -45.77 12.07
C VAL D 134 3.83 -44.87 11.78
N CYS D 135 4.72 -44.69 12.76
CA CYS D 135 5.94 -43.92 12.51
C CYS D 135 6.83 -44.62 11.49
N ALA D 136 6.95 -45.94 11.59
CA ALA D 136 7.74 -46.69 10.60
C ALA D 136 7.11 -46.59 9.22
N GLU D 137 5.78 -46.63 9.14
CA GLU D 137 5.11 -46.46 7.85
C GLU D 137 5.39 -45.09 7.27
N MET D 138 5.34 -44.04 8.11
CA MET D 138 5.64 -42.69 7.62
C MET D 138 7.07 -42.59 7.11
N VAL D 139 8.03 -43.17 7.85
CA VAL D 139 9.42 -43.13 7.41
C VAL D 139 9.60 -43.88 6.09
N ALA D 140 8.96 -45.04 5.96
CA ALA D 140 9.06 -45.80 4.72
C ALA D 140 8.44 -45.04 3.55
N LYS D 141 7.33 -44.36 3.79
CA LYS D 141 6.68 -43.60 2.73
C LYS D 141 7.48 -42.35 2.35
N TYR D 142 8.28 -41.84 3.29
CA TYR D 142 9.11 -40.68 2.98
C TYR D 142 10.09 -40.98 1.85
N ASP D 143 10.71 -42.15 1.87
CA ASP D 143 11.69 -42.50 0.84
C ASP D 143 11.06 -42.71 -0.53
N LEU D 144 9.75 -42.95 -0.59
CA LEU D 144 9.10 -43.21 -1.87
C LEU D 144 8.92 -41.94 -2.70
N LEU D 145 8.86 -40.78 -2.04
CA LEU D 145 8.64 -39.52 -2.75
C LEU D 145 9.95 -38.85 -3.17
N VAL D 146 10.79 -38.54 -2.19
CA VAL D 146 12.08 -37.90 -2.47
C VAL D 146 13.06 -38.96 -2.98
N MET D 147 13.80 -38.62 -4.04
CA MET D 147 14.69 -39.60 -4.66
C MET D 147 15.95 -39.85 -3.85
N THR D 148 16.41 -38.86 -3.07
CA THR D 148 17.65 -38.97 -2.30
C THR D 148 18.83 -39.35 -3.20
N THR D 149 19.87 -39.93 -2.60
CA THR D 149 21.04 -40.35 -3.36
C THR D 149 21.07 -41.86 -3.54
N ASN E 80 -6.67 -73.29 88.40
CA ASN E 80 -5.42 -73.08 87.68
C ASN E 80 -5.62 -73.26 86.18
N HIS E 81 -6.31 -74.34 85.80
CA HIS E 81 -6.57 -74.60 84.39
C HIS E 81 -7.44 -73.53 83.76
N SER E 82 -8.46 -73.07 84.49
CA SER E 82 -9.35 -72.03 83.97
C SER E 82 -8.58 -70.73 83.74
N PHE E 83 -7.70 -70.36 84.68
CA PHE E 83 -6.90 -69.15 84.52
C PHE E 83 -5.98 -69.27 83.30
N GLU E 84 -5.36 -70.44 83.12
CA GLU E 84 -4.49 -70.65 81.97
C GLU E 84 -5.27 -70.55 80.67
N GLU E 85 -6.47 -71.14 80.62
CA GLU E 85 -7.29 -71.06 79.42
C GLU E 85 -7.70 -69.62 79.12
N VAL E 86 -8.07 -68.86 80.17
CA VAL E 86 -8.45 -67.46 79.98
C VAL E 86 -7.26 -66.66 79.45
N VAL E 87 -6.07 -66.90 80.01
CA VAL E 87 -4.88 -66.18 79.56
C VAL E 87 -4.57 -66.52 78.11
N GLN E 88 -4.68 -67.80 77.74
CA GLN E 88 -4.42 -68.21 76.36
C GLN E 88 -5.41 -67.57 75.41
N THR E 89 -6.69 -67.54 75.78
CA THR E 89 -7.69 -66.91 74.93
C THR E 89 -7.43 -65.41 74.77
N LEU E 90 -7.05 -64.75 75.87
CA LEU E 90 -6.73 -63.32 75.78
C LEU E 90 -5.53 -63.08 74.89
N ALA E 91 -4.50 -63.92 74.99
CA ALA E 91 -3.33 -63.78 74.13
C ALA E 91 -3.68 -64.01 72.67
N SER E 92 -4.54 -65.01 72.39
CA SER E 92 -4.97 -65.25 71.02
C SER E 92 -5.75 -64.05 70.48
N LEU E 93 -6.64 -63.47 71.30
CA LEU E 93 -7.39 -62.30 70.88
C LEU E 93 -6.47 -61.12 70.60
N ALA E 94 -5.46 -60.92 71.46
CA ALA E 94 -4.51 -59.83 71.23
C ALA E 94 -3.71 -60.04 69.94
N THR E 95 -3.28 -61.27 69.69
CA THR E 95 -2.55 -61.55 68.45
C THR E 95 -3.42 -61.32 67.23
N VAL E 96 -4.70 -61.72 67.30
CA VAL E 96 -5.61 -61.49 66.18
C VAL E 96 -5.82 -60.00 65.96
N VAL E 97 -5.95 -59.25 67.05
CA VAL E 97 -6.12 -57.79 66.93
C VAL E 97 -4.89 -57.16 66.30
N GLN E 98 -3.70 -57.58 66.71
CA GLN E 98 -2.47 -57.04 66.13
C GLN E 98 -2.37 -57.39 64.65
N GLN E 99 -2.73 -58.62 64.28
CA GLN E 99 -2.72 -59.00 62.87
C GLN E 99 -3.70 -58.17 62.06
N GLN E 100 -4.89 -57.93 62.61
CA GLN E 100 -5.88 -57.10 61.93
C GLN E 100 -5.37 -55.67 61.76
N THR E 101 -4.72 -55.13 62.78
CA THR E 101 -4.16 -53.78 62.67
C THR E 101 -3.07 -53.71 61.61
N ILE E 102 -2.21 -54.75 61.55
CA ILE E 102 -1.17 -54.78 60.53
C ILE E 102 -1.78 -54.85 59.14
N ALA E 103 -2.83 -55.68 58.98
CA ALA E 103 -3.51 -55.77 57.69
C ALA E 103 -4.13 -54.45 57.29
N SER E 104 -4.73 -53.74 58.25
CA SER E 104 -5.31 -52.43 57.97
C SER E 104 -4.24 -51.43 57.55
N GLU E 105 -3.10 -51.45 58.23
CA GLU E 105 -1.99 -50.57 57.87
C GLU E 105 -1.50 -50.87 56.45
N SER E 106 -1.37 -52.15 56.12
CA SER E 106 -0.95 -52.52 54.76
C SER E 106 -1.98 -52.07 53.73
N LEU E 107 -3.26 -52.20 54.05
CA LEU E 107 -4.31 -51.73 53.15
C LEU E 107 -4.22 -50.22 52.94
N GLU E 108 -4.01 -49.47 54.01
CA GLU E 108 -3.87 -48.02 53.88
C GLU E 108 -2.65 -47.65 53.04
N GLN E 109 -1.53 -48.36 53.24
CA GLN E 109 -0.35 -48.10 52.44
C GLN E 109 -0.60 -48.38 50.96
N ARG E 110 -1.29 -49.49 50.67
CA ARG E 110 -1.62 -49.81 49.28
C ARG E 110 -2.53 -48.75 48.67
N ILE E 111 -3.52 -48.28 49.43
CA ILE E 111 -4.41 -47.24 48.94
C ILE E 111 -3.64 -45.96 48.65
N THR E 112 -2.73 -45.58 49.54
CA THR E 112 -1.93 -44.38 49.32
C THR E 112 -1.04 -44.52 48.09
N SER E 113 -0.43 -45.70 47.90
CA SER E 113 0.40 -45.92 46.72
C SER E 113 -0.42 -45.83 45.45
N LEU E 114 -1.63 -46.41 45.45
CA LEU E 114 -2.50 -46.31 44.28
C LEU E 114 -2.89 -44.87 44.00
N GLU E 115 -3.21 -44.10 45.05
CA GLU E 115 -3.55 -42.70 44.88
C GLU E 115 -2.39 -41.92 44.27
N ASN E 116 -1.17 -42.20 44.74
CA ASN E 116 0.00 -41.53 44.18
C ASN E 116 0.20 -41.89 42.72
N GLY E 117 0.03 -43.17 42.38
CA GLY E 117 0.33 -43.62 41.02
C GLY E 117 -0.77 -43.47 39.99
N LEU E 118 -1.99 -43.11 40.40
CA LEU E 118 -3.10 -43.06 39.45
C LEU E 118 -2.92 -42.00 38.38
N LYS E 119 -2.45 -40.80 38.76
CA LYS E 119 -2.53 -39.64 37.87
C LYS E 119 -1.52 -39.65 36.72
N PRO E 120 -0.20 -39.78 36.99
CA PRO E 120 0.76 -39.63 35.89
C PRO E 120 0.56 -40.65 34.77
N VAL E 121 0.21 -41.88 35.10
CA VAL E 121 -0.03 -42.88 34.06
C VAL E 121 -1.25 -42.50 33.22
N TYR E 122 -2.28 -41.94 33.86
CA TYR E 122 -3.45 -41.49 33.11
C TYR E 122 -3.08 -40.37 32.15
N ASP E 123 -2.29 -39.40 32.61
CA ASP E 123 -1.90 -38.29 31.74
C ASP E 123 -1.04 -38.79 30.58
N MET E 124 -0.12 -39.71 30.85
CA MET E 124 0.73 -40.25 29.79
C MET E 124 -0.10 -41.03 28.79
N ALA E 125 -1.08 -41.80 29.27
CA ALA E 125 -1.95 -42.53 28.35
C ALA E 125 -2.74 -41.58 27.45
N LYS E 126 -3.26 -40.50 28.04
CA LYS E 126 -3.98 -39.51 27.24
C LYS E 126 -3.08 -38.91 26.16
N THR E 127 -1.86 -38.55 26.53
CA THR E 127 -0.95 -37.96 25.55
C THR E 127 -0.62 -38.96 24.44
N ILE E 128 -0.34 -40.22 24.81
CA ILE E 128 0.00 -41.22 23.79
C ILE E 128 -1.18 -41.43 22.85
N SER E 129 -2.40 -41.46 23.39
CA SER E 129 -3.57 -41.63 22.52
C SER E 129 -3.71 -40.44 21.56
N SER E 130 -3.50 -39.23 22.06
CA SER E 130 -3.62 -38.05 21.20
C SER E 130 -2.60 -38.08 20.06
N LEU E 131 -1.32 -38.29 20.40
CA LEU E 131 -0.31 -38.37 19.35
C LEU E 131 -0.56 -39.54 18.40
N ASN E 132 -1.08 -40.66 18.92
CA ASN E 132 -1.36 -41.81 18.07
C ASN E 132 -2.42 -41.47 17.02
N ARG E 133 -3.53 -40.86 17.45
CA ARG E 133 -4.58 -40.54 16.49
C ARG E 133 -4.12 -39.48 15.51
N VAL E 134 -3.34 -38.50 15.97
CA VAL E 134 -2.87 -37.44 15.08
C VAL E 134 -1.94 -38.01 14.01
N CYS E 135 -0.99 -38.86 14.43
CA CYS E 135 -0.11 -39.49 13.46
C CYS E 135 -0.87 -40.40 12.50
N ALA E 136 -1.87 -41.12 13.01
CA ALA E 136 -2.68 -41.98 12.16
C ALA E 136 -3.39 -41.18 11.08
N GLU E 137 -4.00 -40.05 11.45
CA GLU E 137 -4.72 -39.27 10.45
C GLU E 137 -3.75 -38.60 9.46
N MET E 138 -2.58 -38.19 9.95
CA MET E 138 -1.59 -37.63 9.01
C MET E 138 -1.12 -38.67 8.00
N VAL E 139 -0.84 -39.89 8.46
CA VAL E 139 -0.42 -40.93 7.54
C VAL E 139 -1.55 -41.32 6.60
N ALA E 140 -2.80 -41.30 7.09
CA ALA E 140 -3.93 -41.55 6.20
C ALA E 140 -4.03 -40.49 5.13
N LYS E 141 -3.77 -39.23 5.49
CA LYS E 141 -3.73 -38.15 4.49
C LYS E 141 -2.62 -38.38 3.47
N TYR E 142 -1.46 -38.84 3.93
CA TYR E 142 -0.37 -39.16 3.01
C TYR E 142 -0.70 -40.35 2.12
N ASP E 143 -1.58 -41.24 2.59
CA ASP E 143 -1.81 -42.51 1.91
C ASP E 143 -2.35 -42.31 0.49
N LEU E 144 -3.32 -41.42 0.32
CA LEU E 144 -3.92 -41.23 -0.99
C LEU E 144 -3.11 -40.25 -1.83
N LEU E 145 -1.80 -40.50 -1.91
CA LEU E 145 -0.89 -39.66 -2.71
C LEU E 145 -0.06 -40.53 -3.64
N VAL E 146 0.21 -41.77 -3.23
CA VAL E 146 1.03 -42.68 -4.02
C VAL E 146 0.15 -43.46 -4.99
ZN ZN F . 3.40 42.18 24.33
#